data_4GR5
#
_entry.id   4GR5
#
_cell.length_a   87.900
_cell.length_b   147.790
_cell.length_c   109.920
_cell.angle_alpha   90.00
_cell.angle_beta   113.06
_cell.angle_gamma   90.00
#
_symmetry.space_group_name_H-M   'P 1 21 1'
#
loop_
_entity.id
_entity.type
_entity.pdbx_description
1 polymer 'Non-ribosomal peptide synthetase'
2 non-polymer 'DIPHOSPHOMETHYLPHOSPHONIC ACID ADENOSYL ESTER'
3 non-polymer 'L(+)-TARTARIC ACID'
4 non-polymer 'CHLORIDE ION'
5 water water
#
_entity_poly.entity_id   1
_entity_poly.type   'polypeptide(L)'
_entity_poly.pdbx_seq_one_letter_code
;GSHMSNPFEEYDGGHVVLTDALGRHSLWPAGIAVPAGWSVRHGTDSREGCLAHIEHHWTDLRPTGPAVERAPAGACVHEL
FEAQAARAPDAVALLHEADELTYGALNERANRLAHRLVGLGVAPGTLVGVHLERGFDMVVALLAVLKAGGGYTMLDPQFP
VERLALSLEDTGAPLLVTSRPLSGRLTGTTTLYVEDEAASDAPAGNLATGVGPEDVACVMFTSGSTGRPKGVMSPHRALT
GTYLGQDYAGFGPDEVFLQCSPVSWDAFGLELFGALLFGARCVLQSGQNPDPLEIGELVARHGVTMLQLSASLFNFLVDE
VPEAFEGVRYAITGGEPASVPHVAKARRDHPALRLGNGYGPAESMGFTTHHAVVAGDLSGTALPIGVPLAGKRAYVLDDD
LKPAANGALGELYVAGAGLAHGYVSRPALTAERFVADPFAGPGGERMYRTGDLARRRADGVLEYVGRADDQVKIRGFRVE
PGEVEARLVGHPAVRQAAVLAQDSRLGDKQLVAYVVAERADAPPDAAELRRHVAEALPAYMVPVECVPVDELPRTPNGKL
DRRALTGSGS
;
_entity_poly.pdbx_strand_id   A,B,C,D
#
loop_
_chem_comp.id
_chem_comp.type
_chem_comp.name
_chem_comp.formula
APC non-polymer 'DIPHOSPHOMETHYLPHOSPHONIC ACID ADENOSYL ESTER' 'C11 H18 N5 O12 P3'
CL non-polymer 'CHLORIDE ION' 'Cl -1'
TLA non-polymer 'L(+)-TARTARIC ACID' 'C4 H6 O6'
#
# COMPACT_ATOMS: atom_id res chain seq x y z
N SER A 5 -32.93 -26.48 -27.80
CA SER A 5 -32.24 -27.75 -28.03
C SER A 5 -31.10 -27.59 -29.04
N ASN A 6 -30.02 -28.35 -28.84
CA ASN A 6 -28.82 -28.22 -29.66
C ASN A 6 -28.05 -29.54 -29.74
N PRO A 7 -27.78 -30.03 -30.96
CA PRO A 7 -27.26 -31.40 -31.09
C PRO A 7 -25.79 -31.52 -30.67
N PHE A 8 -25.11 -30.39 -30.45
CA PHE A 8 -23.75 -30.43 -29.93
C PHE A 8 -23.72 -30.58 -28.40
N GLU A 9 -24.89 -30.44 -27.77
CA GLU A 9 -25.00 -30.58 -26.32
C GLU A 9 -25.69 -31.88 -25.95
N GLU A 10 -26.77 -32.20 -26.65
CA GLU A 10 -27.50 -33.43 -26.40
C GLU A 10 -27.91 -34.05 -27.72
N TYR A 11 -27.44 -35.26 -27.99
CA TYR A 11 -27.82 -35.95 -29.22
C TYR A 11 -28.13 -37.43 -28.97
N ASP A 12 -29.25 -37.87 -29.54
CA ASP A 12 -29.74 -39.23 -29.35
C ASP A 12 -28.72 -40.30 -29.75
N GLY A 13 -28.10 -40.12 -30.91
CA GLY A 13 -27.24 -41.15 -31.47
C GLY A 13 -25.76 -41.06 -31.17
N GLY A 14 -25.38 -40.30 -30.14
CA GLY A 14 -23.98 -40.18 -29.78
C GLY A 14 -23.23 -39.19 -30.65
N HIS A 15 -21.91 -39.12 -30.48
CA HIS A 15 -21.10 -38.14 -31.20
C HIS A 15 -19.82 -38.74 -31.81
N VAL A 16 -19.22 -38.00 -32.73
CA VAL A 16 -17.90 -38.35 -33.28
C VAL A 16 -16.99 -37.14 -33.26
N VAL A 17 -15.69 -37.37 -33.43
CA VAL A 17 -14.74 -36.27 -33.59
C VAL A 17 -14.35 -36.17 -35.06
N LEU A 18 -14.40 -34.96 -35.60
CA LEU A 18 -14.00 -34.70 -36.98
C LEU A 18 -12.75 -33.83 -36.99
N THR A 19 -11.89 -34.03 -37.97
CA THR A 19 -10.79 -33.10 -38.19
C THR A 19 -10.75 -32.63 -39.64
N ASP A 20 -10.16 -31.46 -39.87
CA ASP A 20 -10.00 -30.94 -41.22
C ASP A 20 -8.52 -31.01 -41.62
N ALA A 21 -8.18 -30.37 -42.74
CA ALA A 21 -6.82 -30.41 -43.27
C ALA A 21 -5.84 -29.60 -42.43
N LEU A 22 -6.35 -28.72 -41.58
CA LEU A 22 -5.50 -27.85 -40.76
C LEU A 22 -5.39 -28.35 -39.32
N GLY A 23 -5.76 -29.62 -39.10
CA GLY A 23 -5.66 -30.24 -37.79
C GLY A 23 -6.66 -29.74 -36.76
N ARG A 24 -7.63 -28.96 -37.20
CA ARG A 24 -8.67 -28.47 -36.29
C ARG A 24 -9.68 -29.58 -36.00
N HIS A 25 -10.18 -29.62 -34.77
CA HIS A 25 -11.13 -30.66 -34.33
C HIS A 25 -12.54 -30.08 -34.16
N SER A 26 -13.54 -30.88 -34.51
CA SER A 26 -14.93 -30.52 -34.28
C SER A 26 -15.67 -31.69 -33.66
N LEU A 27 -16.42 -31.42 -32.59
CA LEU A 27 -17.42 -32.38 -32.14
C LEU A 27 -18.47 -32.46 -33.24
N TRP A 28 -19.11 -33.61 -33.41
CA TRP A 28 -20.17 -33.76 -34.42
C TRP A 28 -21.15 -34.86 -34.02
N PRO A 29 -22.45 -34.59 -34.17
CA PRO A 29 -23.48 -35.60 -33.89
C PRO A 29 -23.34 -36.76 -34.86
N ALA A 30 -23.44 -37.99 -34.37
CA ALA A 30 -23.18 -39.17 -35.20
C ALA A 30 -24.20 -39.36 -36.33
N GLY A 31 -25.42 -38.89 -36.12
CA GLY A 31 -26.49 -39.12 -37.08
C GLY A 31 -26.58 -38.09 -38.20
N ILE A 32 -25.70 -37.10 -38.17
CA ILE A 32 -25.75 -36.03 -39.18
C ILE A 32 -24.58 -36.18 -40.16
N ALA A 33 -24.88 -36.01 -41.45
CA ALA A 33 -23.85 -36.15 -42.50
C ALA A 33 -22.60 -35.36 -42.19
N VAL A 34 -21.43 -35.96 -42.47
CA VAL A 34 -20.16 -35.28 -42.26
C VAL A 34 -19.94 -34.20 -43.33
N PRO A 35 -19.69 -32.95 -42.91
CA PRO A 35 -19.49 -31.89 -43.91
C PRO A 35 -18.28 -32.14 -44.80
N ALA A 36 -18.32 -31.57 -46.00
CA ALA A 36 -17.20 -31.65 -46.93
C ALA A 36 -15.96 -31.03 -46.30
N GLY A 37 -14.80 -31.63 -46.54
CA GLY A 37 -13.55 -31.13 -45.99
C GLY A 37 -13.22 -31.70 -44.63
N TRP A 38 -14.11 -32.51 -44.08
CA TRP A 38 -13.91 -33.06 -42.74
C TRP A 38 -13.90 -34.58 -42.78
N SER A 39 -13.11 -35.18 -41.91
CA SER A 39 -13.04 -36.65 -41.83
C SER A 39 -13.19 -37.09 -40.38
N VAL A 40 -13.79 -38.26 -40.18
CA VAL A 40 -13.97 -38.80 -38.83
C VAL A 40 -12.63 -39.28 -38.28
N ARG A 41 -12.21 -38.71 -37.15
CA ARG A 41 -10.97 -39.14 -36.50
C ARG A 41 -11.23 -40.03 -35.29
N HIS A 42 -12.43 -39.92 -34.72
CA HIS A 42 -12.78 -40.72 -33.53
C HIS A 42 -14.30 -40.92 -33.38
N GLY A 43 -14.69 -42.05 -32.81
CA GLY A 43 -16.10 -42.34 -32.57
C GLY A 43 -16.63 -43.34 -33.57
N THR A 44 -17.93 -43.68 -33.51
CA THR A 44 -18.92 -43.11 -32.58
C THR A 44 -18.64 -43.41 -31.10
N ASP A 45 -18.77 -42.38 -30.28
CA ASP A 45 -18.52 -42.49 -28.84
C ASP A 45 -19.51 -41.58 -28.10
N SER A 46 -19.49 -41.63 -26.77
CA SER A 46 -20.26 -40.69 -25.98
C SER A 46 -19.67 -39.29 -26.18
N ARG A 47 -20.41 -38.28 -25.76
CA ARG A 47 -19.95 -36.91 -25.87
C ARG A 47 -18.69 -36.69 -25.02
N GLU A 48 -18.74 -37.12 -23.76
CA GLU A 48 -17.59 -36.98 -22.86
C GLU A 48 -16.37 -37.70 -23.44
N GLY A 49 -16.58 -38.87 -24.01
CA GLY A 49 -15.52 -39.63 -24.66
C GLY A 49 -14.90 -38.94 -25.87
N CYS A 50 -15.73 -38.30 -26.69
CA CYS A 50 -15.23 -37.51 -27.80
C CYS A 50 -14.41 -36.31 -27.31
N LEU A 51 -14.93 -35.63 -26.30
CA LEU A 51 -14.26 -34.45 -25.75
C LEU A 51 -12.92 -34.82 -25.12
N ALA A 52 -12.86 -36.00 -24.50
CA ALA A 52 -11.59 -36.47 -23.93
C ALA A 52 -10.56 -36.73 -25.03
N HIS A 53 -11.01 -37.29 -26.15
CA HIS A 53 -10.14 -37.52 -27.30
C HIS A 53 -9.56 -36.19 -27.77
N ILE A 54 -10.42 -35.19 -27.91
CA ILE A 54 -10.00 -33.87 -28.36
C ILE A 54 -9.01 -33.23 -27.38
N GLU A 55 -9.31 -33.31 -26.08
CA GLU A 55 -8.43 -32.73 -25.07
C GLU A 55 -7.04 -33.34 -25.19
N HIS A 56 -6.97 -34.64 -25.43
CA HIS A 56 -5.69 -35.33 -25.51
C HIS A 56 -4.89 -35.03 -26.79
N HIS A 57 -5.59 -34.95 -27.92
CA HIS A 57 -4.91 -34.82 -29.22
C HIS A 57 -4.69 -33.38 -29.71
N TRP A 58 -5.69 -32.52 -29.52
CA TRP A 58 -5.60 -31.15 -30.05
C TRP A 58 -4.84 -30.23 -29.10
N THR A 59 -3.51 -30.33 -29.13
CA THR A 59 -2.65 -29.63 -28.18
C THR A 59 -2.22 -28.23 -28.65
N ASP A 60 -2.41 -27.95 -29.93
CA ASP A 60 -2.13 -26.62 -30.48
C ASP A 60 -3.24 -26.20 -31.40
N LEU A 61 -3.93 -25.11 -31.05
CA LEU A 61 -5.10 -24.63 -31.78
C LEU A 61 -4.79 -23.98 -33.12
N ARG A 62 -3.57 -23.48 -33.27
CA ARG A 62 -3.20 -22.79 -34.50
C ARG A 62 -3.27 -23.76 -35.67
N PRO A 63 -3.74 -23.28 -36.83
CA PRO A 63 -3.85 -24.16 -38.00
C PRO A 63 -2.47 -24.61 -38.45
N THR A 64 -2.36 -25.89 -38.82
CA THR A 64 -1.09 -26.44 -39.29
C THR A 64 -1.28 -27.17 -40.61
N ARG A 70 -1.98 -21.94 -52.12
CA ARG A 70 -2.50 -20.57 -52.15
C ARG A 70 -1.93 -19.69 -51.04
N ALA A 71 -1.27 -18.60 -51.43
CA ALA A 71 -0.66 -17.68 -50.48
C ALA A 71 -1.68 -16.79 -49.77
N PRO A 72 -1.51 -16.61 -48.45
CA PRO A 72 -2.39 -15.77 -47.62
C PRO A 72 -2.54 -14.35 -48.16
N ALA A 73 -3.79 -13.91 -48.31
CA ALA A 73 -4.07 -12.57 -48.79
C ALA A 73 -4.02 -11.56 -47.66
N GLY A 74 -3.39 -10.41 -47.90
CA GLY A 74 -3.52 -9.28 -47.01
C GLY A 74 -2.34 -8.98 -46.11
N ALA A 75 -2.29 -7.73 -45.65
CA ALA A 75 -1.27 -7.27 -44.73
C ALA A 75 -1.73 -7.57 -43.32
N CYS A 76 -0.79 -7.63 -42.40
CA CYS A 76 -1.11 -7.73 -40.99
C CYS A 76 -1.53 -6.37 -40.45
N VAL A 77 -2.14 -6.36 -39.27
CA VAL A 77 -2.60 -5.13 -38.66
C VAL A 77 -1.49 -4.08 -38.54
N HIS A 78 -0.34 -4.46 -38.00
CA HIS A 78 0.74 -3.50 -37.80
C HIS A 78 1.35 -3.03 -39.13
N GLU A 79 1.26 -3.85 -40.17
CA GLU A 79 1.80 -3.46 -41.48
C GLU A 79 0.97 -2.35 -42.11
N LEU A 80 -0.34 -2.44 -41.93
CA LEU A 80 -1.22 -1.40 -42.45
C LEU A 80 -1.02 -0.14 -41.61
N PHE A 81 -0.89 -0.30 -40.31
CA PHE A 81 -0.53 0.84 -39.48
C PHE A 81 0.79 1.46 -39.96
N GLU A 82 1.80 0.65 -40.22
CA GLU A 82 3.08 1.16 -40.69
C GLU A 82 2.97 2.01 -41.95
N ALA A 83 2.10 1.59 -42.87
CA ALA A 83 1.96 2.31 -44.12
C ALA A 83 1.31 3.67 -43.86
N GLN A 84 0.37 3.73 -42.93
CA GLN A 84 -0.23 5.01 -42.56
C GLN A 84 0.81 5.91 -41.88
N ALA A 85 1.70 5.33 -41.10
CA ALA A 85 2.74 6.12 -40.42
C ALA A 85 3.73 6.67 -41.44
N ALA A 86 3.98 5.91 -42.52
CA ALA A 86 4.85 6.39 -43.57
C ALA A 86 4.15 7.47 -44.38
N ARG A 87 2.86 7.26 -44.66
CA ARG A 87 2.09 8.19 -45.50
C ARG A 87 1.98 9.57 -44.85
N ALA A 88 1.78 9.61 -43.54
CA ALA A 88 1.60 10.89 -42.85
C ALA A 88 2.18 10.84 -41.45
N PRO A 89 3.51 10.86 -41.34
CA PRO A 89 4.12 10.70 -40.02
C PRO A 89 3.65 11.76 -39.02
N ASP A 90 3.32 12.95 -39.51
CA ASP A 90 2.94 14.05 -38.61
C ASP A 90 1.45 14.16 -38.32
N ALA A 91 0.64 13.28 -38.91
CA ALA A 91 -0.79 13.26 -38.58
C ALA A 91 -0.94 12.76 -37.15
N VAL A 92 -1.96 13.24 -36.45
CA VAL A 92 -2.19 12.78 -35.08
C VAL A 92 -2.83 11.39 -35.08
N ALA A 93 -2.22 10.46 -34.32
CA ALA A 93 -2.75 9.11 -34.16
C ALA A 93 -3.60 9.00 -32.89
N LEU A 94 -3.03 9.42 -31.76
CA LEU A 94 -3.70 9.24 -30.47
C LEU A 94 -3.84 10.57 -29.73
N LEU A 95 -4.96 10.71 -29.00
CA LEU A 95 -5.17 11.84 -28.11
C LEU A 95 -5.55 11.30 -26.74
N HIS A 96 -4.93 11.82 -25.70
CA HIS A 96 -5.27 11.38 -24.35
C HIS A 96 -5.06 12.55 -23.41
N GLU A 97 -6.12 12.90 -22.69
CA GLU A 97 -6.18 14.15 -21.94
C GLU A 97 -5.70 15.32 -22.81
N ALA A 98 -4.72 16.09 -22.36
CA ALA A 98 -4.25 17.22 -23.15
C ALA A 98 -3.10 16.87 -24.08
N ASP A 99 -2.76 15.59 -24.19
CA ASP A 99 -1.60 15.17 -24.96
C ASP A 99 -1.97 14.59 -26.32
N GLU A 100 -1.05 14.65 -27.28
CA GLU A 100 -1.28 14.04 -28.60
C GLU A 100 -0.03 13.28 -29.00
N LEU A 101 -0.19 12.26 -29.83
CA LEU A 101 0.94 11.46 -30.30
C LEU A 101 0.73 11.24 -31.79
N THR A 102 1.71 11.63 -32.60
CA THR A 102 1.57 11.49 -34.05
C THR A 102 1.78 10.05 -34.49
N TYR A 103 1.36 9.74 -35.71
CA TYR A 103 1.63 8.42 -36.30
C TYR A 103 3.11 8.08 -36.29
N GLY A 104 3.93 9.02 -36.72
CA GLY A 104 5.38 8.84 -36.78
C GLY A 104 5.95 8.53 -35.40
N ALA A 105 5.56 9.30 -34.39
CA ALA A 105 6.13 9.11 -33.06
C ALA A 105 5.65 7.78 -32.47
N LEU A 106 4.39 7.43 -32.71
CA LEU A 106 3.82 6.19 -32.20
C LEU A 106 4.53 5.01 -32.87
N ASN A 107 4.73 5.08 -34.18
CA ASN A 107 5.47 4.04 -34.87
C ASN A 107 6.90 3.90 -34.31
N GLU A 108 7.59 5.01 -34.08
CA GLU A 108 8.97 4.94 -33.57
C GLU A 108 9.03 4.34 -32.18
N ARG A 109 8.17 4.80 -31.28
CA ARG A 109 8.11 4.20 -29.94
C ARG A 109 7.82 2.71 -30.00
N ALA A 110 6.86 2.33 -30.84
CA ALA A 110 6.49 0.92 -30.88
C ALA A 110 7.63 0.11 -31.46
N ASN A 111 8.38 0.69 -32.41
CA ASN A 111 9.53 -0.01 -32.96
C ASN A 111 10.60 -0.24 -31.92
N ARG A 112 10.92 0.80 -31.14
CA ARG A 112 11.94 0.67 -30.11
C ARG A 112 11.57 -0.47 -29.16
N LEU A 113 10.30 -0.50 -28.76
CA LEU A 113 9.85 -1.54 -27.84
C LEU A 113 9.85 -2.91 -28.52
N ALA A 114 9.45 -2.96 -29.78
CA ALA A 114 9.45 -4.23 -30.52
C ALA A 114 10.83 -4.85 -30.62
N HIS A 115 11.84 -4.02 -30.88
CA HIS A 115 13.19 -4.55 -30.93
C HIS A 115 13.58 -5.12 -29.56
N ARG A 116 13.12 -4.49 -28.48
CA ARG A 116 13.40 -5.00 -27.14
C ARG A 116 12.74 -6.35 -26.92
N LEU A 117 11.49 -6.48 -27.39
CA LEU A 117 10.75 -7.73 -27.28
C LEU A 117 11.46 -8.87 -28.01
N VAL A 118 11.93 -8.58 -29.22
CA VAL A 118 12.71 -9.57 -29.98
C VAL A 118 13.92 -10.07 -29.20
N GLY A 119 14.64 -9.15 -28.56
CA GLY A 119 15.82 -9.52 -27.79
C GLY A 119 15.48 -10.38 -26.58
N LEU A 120 14.23 -10.32 -26.15
CA LEU A 120 13.77 -11.11 -25.00
C LEU A 120 13.15 -12.43 -25.44
N GLY A 121 13.05 -12.64 -26.75
CA GLY A 121 12.59 -13.91 -27.28
C GLY A 121 11.24 -13.93 -27.97
N VAL A 122 10.58 -12.79 -28.10
CA VAL A 122 9.29 -12.76 -28.79
C VAL A 122 9.48 -13.12 -30.28
N ALA A 123 8.63 -14.03 -30.76
CA ALA A 123 8.69 -14.48 -32.15
C ALA A 123 7.27 -14.83 -32.57
N PRO A 124 7.04 -14.99 -33.89
CA PRO A 124 5.70 -15.43 -34.30
C PRO A 124 5.32 -16.69 -33.53
N GLY A 125 4.11 -16.71 -32.99
CA GLY A 125 3.67 -17.81 -32.15
C GLY A 125 3.85 -17.55 -30.66
N THR A 126 4.48 -16.43 -30.30
CA THR A 126 4.64 -16.04 -28.90
C THR A 126 3.47 -15.15 -28.50
N LEU A 127 3.00 -15.27 -27.27
CA LEU A 127 1.97 -14.36 -26.77
C LEU A 127 2.60 -13.48 -25.68
N VAL A 128 2.13 -12.26 -25.54
CA VAL A 128 2.71 -11.31 -24.57
C VAL A 128 1.56 -10.66 -23.80
N GLY A 129 1.60 -10.70 -22.47
CA GLY A 129 0.57 -10.02 -21.69
C GLY A 129 0.86 -8.53 -21.65
N VAL A 130 -0.19 -7.71 -21.69
CA VAL A 130 -0.03 -6.26 -21.57
C VAL A 130 -0.90 -5.77 -20.42
N HIS A 131 -0.25 -5.35 -19.34
CA HIS A 131 -0.96 -4.89 -18.15
C HIS A 131 -0.70 -3.40 -17.97
N LEU A 132 -1.57 -2.60 -18.59
CA LEU A 132 -1.41 -1.14 -18.62
C LEU A 132 -2.77 -0.46 -18.58
N GLU A 133 -2.83 0.69 -17.90
CA GLU A 133 -4.03 1.53 -17.94
C GLU A 133 -4.16 2.14 -19.33
N ARG A 134 -5.35 2.66 -19.66
CA ARG A 134 -5.60 3.21 -20.98
C ARG A 134 -4.79 4.48 -21.15
N GLY A 135 -4.04 4.57 -22.25
CA GLY A 135 -3.21 5.73 -22.51
C GLY A 135 -2.26 5.40 -23.64
N PHE A 136 -1.31 6.29 -23.94
CA PHE A 136 -0.41 6.04 -25.08
C PHE A 136 0.36 4.72 -24.92
N ASP A 137 0.92 4.46 -23.73
CA ASP A 137 1.77 3.28 -23.49
C ASP A 137 1.08 1.98 -23.86
N MET A 138 -0.23 1.91 -23.58
CA MET A 138 -1.02 0.73 -23.92
C MET A 138 -0.97 0.45 -25.42
N VAL A 139 -1.11 1.48 -26.24
CA VAL A 139 -1.10 1.30 -27.67
C VAL A 139 0.31 1.03 -28.20
N VAL A 140 1.30 1.73 -27.65
CA VAL A 140 2.70 1.46 -27.98
C VAL A 140 2.99 -0.02 -27.73
N ALA A 141 2.54 -0.52 -26.59
CA ALA A 141 2.84 -1.90 -26.20
C ALA A 141 2.19 -2.94 -27.11
N LEU A 142 0.88 -2.82 -27.35
CA LEU A 142 0.25 -3.80 -28.22
C LEU A 142 0.77 -3.75 -29.65
N LEU A 143 1.07 -2.55 -30.16
CA LEU A 143 1.63 -2.46 -31.51
C LEU A 143 3.02 -3.07 -31.56
N ALA A 144 3.78 -2.86 -30.50
CA ALA A 144 5.12 -3.44 -30.42
C ALA A 144 5.04 -4.95 -30.46
N VAL A 145 4.09 -5.53 -29.72
CA VAL A 145 3.94 -6.99 -29.74
C VAL A 145 3.61 -7.47 -31.16
N LEU A 146 2.66 -6.82 -31.83
CA LEU A 146 2.31 -7.20 -33.19
C LEU A 146 3.52 -7.10 -34.13
N LYS A 147 4.29 -6.03 -33.97
CA LYS A 147 5.45 -5.78 -34.83
C LYS A 147 6.52 -6.84 -34.66
N ALA A 148 6.64 -7.37 -33.44
CA ALA A 148 7.61 -8.42 -33.15
C ALA A 148 7.06 -9.79 -33.57
N GLY A 149 5.84 -9.79 -34.07
CA GLY A 149 5.24 -10.99 -34.62
C GLY A 149 4.47 -11.82 -33.61
N GLY A 150 4.26 -11.27 -32.41
CA GLY A 150 3.53 -11.99 -31.39
C GLY A 150 2.05 -11.62 -31.40
N GLY A 151 1.28 -12.20 -30.48
CA GLY A 151 -0.08 -11.76 -30.23
C GLY A 151 -0.16 -11.18 -28.83
N TYR A 152 -0.95 -10.13 -28.64
CA TYR A 152 -1.04 -9.53 -27.31
C TYR A 152 -2.25 -10.04 -26.58
N THR A 153 -2.22 -9.95 -25.25
CA THR A 153 -3.45 -10.10 -24.49
C THR A 153 -3.53 -8.92 -23.53
N MET A 154 -4.59 -8.13 -23.67
CA MET A 154 -4.79 -6.98 -22.79
C MET A 154 -5.26 -7.45 -21.42
N LEU A 155 -4.49 -7.11 -20.40
CA LEU A 155 -4.88 -7.43 -19.03
C LEU A 155 -5.42 -6.15 -18.39
N ASP A 156 -6.74 -6.02 -18.40
CA ASP A 156 -7.41 -4.80 -17.95
C ASP A 156 -7.19 -4.61 -16.44
N PRO A 157 -6.46 -3.54 -16.06
CA PRO A 157 -6.12 -3.39 -14.64
C PRO A 157 -7.31 -3.12 -13.71
N GLN A 158 -8.51 -2.89 -14.24
CA GLN A 158 -9.66 -2.74 -13.36
C GLN A 158 -10.04 -4.06 -12.67
N PHE A 159 -9.60 -5.17 -13.23
CA PHE A 159 -9.98 -6.49 -12.68
C PHE A 159 -9.06 -6.96 -11.57
N PRO A 160 -9.59 -7.82 -10.67
CA PRO A 160 -8.75 -8.36 -9.60
C PRO A 160 -7.59 -9.16 -10.16
N VAL A 161 -6.45 -9.10 -9.48
CA VAL A 161 -5.23 -9.73 -9.97
C VAL A 161 -5.38 -11.24 -10.10
N GLU A 162 -6.18 -11.85 -9.22
CA GLU A 162 -6.35 -13.29 -9.29
C GLU A 162 -6.93 -13.68 -10.66
N ARG A 163 -7.87 -12.87 -11.13
CA ARG A 163 -8.51 -13.11 -12.42
C ARG A 163 -7.54 -12.82 -13.57
N LEU A 164 -6.79 -11.73 -13.47
CA LEU A 164 -5.78 -11.43 -14.49
C LEU A 164 -4.71 -12.51 -14.56
N ALA A 165 -4.24 -12.96 -13.40
CA ALA A 165 -3.21 -14.00 -13.35
C ALA A 165 -3.70 -15.30 -13.99
N LEU A 166 -4.95 -15.64 -13.72
CA LEU A 166 -5.57 -16.83 -14.28
C LEU A 166 -5.63 -16.75 -15.80
N SER A 167 -6.04 -15.60 -16.31
CA SER A 167 -6.15 -15.41 -17.75
C SER A 167 -4.77 -15.48 -18.38
N LEU A 168 -3.80 -14.81 -17.77
CA LEU A 168 -2.44 -14.85 -18.28
C LEU A 168 -1.91 -16.28 -18.34
N GLU A 169 -2.19 -17.07 -17.31
CA GLU A 169 -1.79 -18.48 -17.29
C GLU A 169 -2.38 -19.30 -18.43
N ASP A 170 -3.66 -19.06 -18.75
CA ASP A 170 -4.29 -19.76 -19.87
C ASP A 170 -3.58 -19.47 -21.20
N THR A 171 -3.12 -18.23 -21.40
CA THR A 171 -2.46 -17.88 -22.66
C THR A 171 -1.09 -18.54 -22.80
N GLY A 172 -0.44 -18.81 -21.68
CA GLY A 172 0.91 -19.35 -21.68
C GLY A 172 1.98 -18.31 -22.01
N ALA A 173 1.60 -17.04 -22.07
CA ALA A 173 2.56 -15.97 -22.37
C ALA A 173 3.76 -15.99 -21.41
N PRO A 174 4.98 -16.04 -21.96
CA PRO A 174 6.19 -16.06 -21.12
C PRO A 174 6.70 -14.64 -20.83
N LEU A 175 5.97 -13.63 -21.28
CA LEU A 175 6.37 -12.23 -21.09
C LEU A 175 5.18 -11.36 -20.77
N LEU A 176 5.45 -10.35 -19.95
CA LEU A 176 4.43 -9.37 -19.52
C LEU A 176 5.02 -7.98 -19.70
N VAL A 177 4.25 -7.08 -20.30
CA VAL A 177 4.63 -5.66 -20.35
C VAL A 177 3.74 -4.89 -19.38
N THR A 178 4.35 -4.11 -18.50
CA THR A 178 3.59 -3.35 -17.52
C THR A 178 4.26 -2.01 -17.23
N SER A 179 3.75 -1.29 -16.23
CA SER A 179 4.23 0.04 -15.94
C SER A 179 4.79 0.07 -14.55
N ARG A 180 5.59 1.09 -14.23
CA ARG A 180 6.16 1.17 -12.90
C ARG A 180 5.09 1.22 -11.80
N PRO A 181 4.00 1.99 -12.01
CA PRO A 181 3.01 2.01 -10.92
C PRO A 181 2.30 0.66 -10.74
N LEU A 182 2.17 -0.11 -11.82
CA LEU A 182 1.47 -1.40 -11.74
C LEU A 182 2.40 -2.54 -11.36
N SER A 183 3.69 -2.22 -11.20
CA SER A 183 4.71 -3.23 -10.96
C SER A 183 4.45 -4.04 -9.70
N GLY A 184 4.54 -5.36 -9.82
CA GLY A 184 4.41 -6.22 -8.64
C GLY A 184 3.02 -6.77 -8.39
N ARG A 185 2.04 -6.31 -9.16
CA ARG A 185 0.66 -6.80 -9.04
C ARG A 185 0.58 -8.23 -9.60
N LEU A 186 1.15 -8.41 -10.78
CA LEU A 186 1.24 -9.72 -11.42
C LEU A 186 2.69 -10.20 -11.35
N THR A 187 2.92 -11.38 -10.80
CA THR A 187 4.27 -11.89 -10.58
C THR A 187 4.51 -13.22 -11.29
N GLY A 188 5.76 -13.68 -11.28
CA GLY A 188 6.08 -15.00 -11.83
C GLY A 188 6.21 -15.10 -13.34
N THR A 189 6.00 -13.98 -14.03
CA THR A 189 6.22 -13.93 -15.47
C THR A 189 7.28 -12.88 -15.73
N THR A 190 8.27 -13.21 -16.55
CA THR A 190 9.32 -12.24 -16.91
C THR A 190 8.64 -10.98 -17.42
N THR A 191 9.10 -9.83 -16.94
CA THR A 191 8.35 -8.60 -17.08
C THR A 191 9.24 -7.51 -17.64
N LEU A 192 8.73 -6.77 -18.61
CA LEU A 192 9.45 -5.60 -19.06
C LEU A 192 8.59 -4.36 -18.95
N TYR A 193 9.25 -3.20 -18.89
CA TYR A 193 8.57 -1.94 -18.65
C TYR A 193 8.51 -1.13 -19.91
N VAL A 194 7.31 -0.58 -20.14
CA VAL A 194 6.94 -0.03 -21.42
C VAL A 194 7.56 1.33 -21.62
N GLU A 195 7.93 1.97 -20.51
CA GLU A 195 8.42 3.35 -20.56
C GLU A 195 9.65 3.43 -21.46
N ASP A 196 9.70 4.48 -22.29
CA ASP A 196 10.75 4.64 -23.29
C ASP A 196 11.96 5.36 -22.71
N ALA A 204 15.11 2.67 -34.62
CA ALA A 204 13.71 2.32 -34.45
C ALA A 204 12.99 2.20 -35.79
N GLY A 205 13.58 1.43 -36.71
CA GLY A 205 12.93 1.14 -37.98
C GLY A 205 11.98 -0.04 -37.84
N ASN A 206 11.11 -0.24 -38.83
CA ASN A 206 10.16 -1.36 -38.79
C ASN A 206 10.87 -2.71 -38.80
N LEU A 207 10.21 -3.70 -38.24
CA LEU A 207 10.75 -5.06 -38.21
C LEU A 207 10.21 -5.84 -39.40
N ALA A 208 10.83 -6.97 -39.73
CA ALA A 208 10.30 -7.81 -40.81
C ALA A 208 10.32 -9.28 -40.38
N THR A 209 9.43 -9.65 -39.47
CA THR A 209 9.52 -10.96 -38.82
C THR A 209 8.90 -12.14 -39.61
N GLY A 210 8.24 -11.84 -40.72
CA GLY A 210 7.64 -12.92 -41.51
C GLY A 210 6.27 -13.36 -41.00
N VAL A 211 5.75 -12.63 -40.04
CA VAL A 211 4.40 -12.85 -39.53
C VAL A 211 3.39 -12.65 -40.66
N GLY A 212 2.29 -13.40 -40.63
CA GLY A 212 1.28 -13.37 -41.68
C GLY A 212 -0.14 -13.28 -41.14
N PRO A 213 -1.12 -13.12 -42.04
CA PRO A 213 -2.48 -12.86 -41.55
C PRO A 213 -3.14 -14.00 -40.75
N GLU A 214 -2.70 -15.25 -40.90
CA GLU A 214 -3.27 -16.34 -40.10
C GLU A 214 -2.60 -16.50 -38.74
N ASP A 215 -1.55 -15.73 -38.49
CA ASP A 215 -0.89 -15.74 -37.19
C ASP A 215 -1.73 -15.01 -36.15
N VAL A 216 -1.64 -15.43 -34.90
CA VAL A 216 -2.45 -14.85 -33.83
C VAL A 216 -2.09 -13.38 -33.62
N ALA A 217 -3.12 -12.53 -33.55
CA ALA A 217 -2.91 -11.11 -33.25
C ALA A 217 -3.24 -10.82 -31.78
N CYS A 218 -4.32 -11.42 -31.28
CA CYS A 218 -4.72 -11.12 -29.90
C CYS A 218 -5.41 -12.30 -29.22
N VAL A 219 -5.40 -12.28 -27.89
CA VAL A 219 -6.29 -13.14 -27.11
C VAL A 219 -7.16 -12.21 -26.24
N MET A 220 -8.47 -12.38 -26.33
CA MET A 220 -9.41 -11.51 -25.64
C MET A 220 -10.09 -12.22 -24.46
N PHE A 221 -10.32 -11.48 -23.38
CA PHE A 221 -10.97 -12.03 -22.20
C PHE A 221 -12.08 -11.06 -21.81
N THR A 222 -13.27 -11.57 -21.52
CA THR A 222 -14.43 -10.68 -21.38
C THR A 222 -14.33 -9.78 -20.17
N SER A 223 -14.90 -8.58 -20.27
CA SER A 223 -14.96 -7.69 -19.11
C SER A 223 -16.22 -7.93 -18.28
N GLY A 224 -17.17 -8.67 -18.84
CA GLY A 224 -18.48 -8.80 -18.23
C GLY A 224 -18.82 -10.11 -17.54
N SER A 225 -17.83 -10.77 -16.95
CA SER A 225 -18.10 -12.02 -16.24
C SER A 225 -17.12 -12.32 -15.11
N THR A 226 -17.53 -13.23 -14.23
CA THR A 226 -16.69 -13.70 -13.13
C THR A 226 -16.51 -15.22 -13.23
N GLY A 227 -16.98 -15.80 -14.33
CA GLY A 227 -16.82 -17.22 -14.58
C GLY A 227 -15.38 -17.57 -14.90
N ARG A 228 -15.14 -18.85 -15.23
CA ARG A 228 -13.80 -19.30 -15.58
C ARG A 228 -13.32 -18.59 -16.85
N PRO A 229 -12.06 -18.10 -16.86
CA PRO A 229 -11.52 -17.37 -18.02
C PRO A 229 -11.65 -18.16 -19.32
N LYS A 230 -12.00 -17.44 -20.38
CA LYS A 230 -12.18 -18.01 -21.70
C LYS A 230 -11.46 -17.08 -22.68
N GLY A 231 -10.24 -17.44 -23.09
CA GLY A 231 -9.44 -16.57 -23.93
C GLY A 231 -9.68 -16.83 -25.41
N VAL A 232 -10.29 -15.85 -26.09
CA VAL A 232 -10.60 -15.98 -27.51
C VAL A 232 -9.37 -15.55 -28.30
N MET A 233 -8.77 -16.51 -29.01
CA MET A 233 -7.48 -16.30 -29.69
C MET A 233 -7.73 -16.11 -31.17
N SER A 234 -7.44 -14.90 -31.66
CA SER A 234 -7.87 -14.51 -33.01
C SER A 234 -6.70 -14.01 -33.86
N PRO A 235 -6.72 -14.35 -35.16
CA PRO A 235 -5.61 -14.00 -36.05
C PRO A 235 -5.75 -12.57 -36.55
N HIS A 236 -4.65 -12.02 -37.09
CA HIS A 236 -4.69 -10.72 -37.76
C HIS A 236 -5.85 -10.61 -38.75
N ARG A 237 -6.09 -11.67 -39.50
CA ARG A 237 -7.09 -11.71 -40.58
C ARG A 237 -8.49 -11.45 -40.04
N ALA A 238 -8.73 -11.83 -38.79
CA ALA A 238 -10.06 -11.61 -38.22
C ALA A 238 -10.26 -10.13 -37.89
N LEU A 239 -9.17 -9.44 -37.52
CA LEU A 239 -9.26 -7.99 -37.27
C LEU A 239 -9.43 -7.24 -38.58
N THR A 240 -8.52 -7.45 -39.51
CA THR A 240 -8.61 -6.73 -40.78
C THR A 240 -9.89 -7.09 -41.52
N GLY A 241 -10.31 -8.34 -41.41
CA GLY A 241 -11.56 -8.73 -42.06
C GLY A 241 -12.78 -8.01 -41.50
N THR A 242 -12.63 -7.41 -40.32
CA THR A 242 -13.77 -6.75 -39.69
C THR A 242 -13.77 -5.23 -39.95
N TYR A 243 -12.60 -4.65 -40.21
CA TYR A 243 -12.48 -3.18 -40.34
C TYR A 243 -12.13 -2.69 -41.74
N LEU A 244 -11.62 -3.57 -42.60
CA LEU A 244 -11.35 -3.20 -43.99
C LEU A 244 -12.48 -3.66 -44.90
N GLY A 245 -12.76 -2.88 -45.96
CA GLY A 245 -13.69 -3.31 -46.98
C GLY A 245 -15.13 -3.39 -46.49
N GLN A 246 -15.42 -2.62 -45.46
CA GLN A 246 -16.76 -2.61 -44.87
C GLN A 246 -17.40 -1.23 -44.98
N ASP A 247 -18.73 -1.16 -44.86
CA ASP A 247 -19.43 0.12 -45.03
C ASP A 247 -20.39 0.48 -43.89
N TYR A 248 -20.29 -0.20 -42.76
CA TYR A 248 -21.20 0.07 -41.65
C TYR A 248 -20.86 1.37 -40.90
N ALA A 249 -19.63 1.85 -41.07
CA ALA A 249 -19.27 3.18 -40.57
C ALA A 249 -18.34 3.87 -41.57
N GLY A 250 -18.02 5.13 -41.29
CA GLY A 250 -17.03 5.84 -42.08
C GLY A 250 -15.63 5.49 -41.61
N PHE A 251 -14.77 5.10 -42.54
CA PHE A 251 -13.37 4.83 -42.24
C PHE A 251 -12.52 5.71 -43.15
N GLY A 252 -11.52 6.37 -42.57
CA GLY A 252 -10.69 7.28 -43.33
C GLY A 252 -9.98 8.27 -42.43
N PRO A 253 -8.99 9.00 -43.00
CA PRO A 253 -8.11 9.90 -42.24
C PRO A 253 -8.84 11.08 -41.60
N ASP A 254 -10.05 11.41 -42.06
CA ASP A 254 -10.83 12.49 -41.47
C ASP A 254 -11.72 12.03 -40.31
N GLU A 255 -11.70 10.74 -39.98
CA GLU A 255 -12.50 10.26 -38.85
C GLU A 255 -11.80 10.50 -37.52
N VAL A 256 -12.59 10.59 -36.44
CA VAL A 256 -12.08 10.68 -35.09
C VAL A 256 -12.87 9.69 -34.26
N PHE A 257 -12.22 8.60 -33.88
CA PHE A 257 -12.88 7.56 -33.10
C PHE A 257 -12.60 7.76 -31.61
N LEU A 258 -13.40 7.13 -30.76
CA LEU A 258 -13.26 7.27 -29.32
C LEU A 258 -13.12 5.90 -28.69
N GLN A 259 -11.93 5.62 -28.17
CA GLN A 259 -11.66 4.33 -27.55
C GLN A 259 -12.10 4.37 -26.10
N CYS A 260 -13.36 3.97 -25.86
CA CYS A 260 -13.91 3.98 -24.52
C CYS A 260 -14.41 2.60 -24.12
N SER A 261 -14.52 1.68 -25.07
CA SER A 261 -14.96 0.32 -24.76
C SER A 261 -13.89 -0.46 -24.00
N PRO A 262 -14.29 -1.49 -23.23
CA PRO A 262 -13.33 -2.26 -22.44
C PRO A 262 -12.18 -2.81 -23.28
N VAL A 263 -10.96 -2.69 -22.76
CA VAL A 263 -9.78 -2.95 -23.58
C VAL A 263 -9.52 -4.43 -23.88
N SER A 264 -10.07 -5.34 -23.08
CA SER A 264 -9.70 -6.75 -23.23
C SER A 264 -10.69 -7.63 -24.00
N TRP A 265 -11.82 -7.04 -24.43
CA TRP A 265 -12.80 -7.79 -25.22
C TRP A 265 -12.81 -7.25 -26.64
N ASP A 266 -13.86 -7.52 -27.41
CA ASP A 266 -13.72 -7.35 -28.85
C ASP A 266 -14.22 -6.04 -29.44
N ALA A 267 -14.93 -5.24 -28.66
CA ALA A 267 -15.37 -3.93 -29.18
C ALA A 267 -14.17 -2.96 -29.29
N PHE A 268 -13.12 -3.24 -28.52
CA PHE A 268 -11.86 -2.47 -28.52
C PHE A 268 -11.30 -2.24 -29.93
N GLY A 269 -11.31 -3.29 -30.76
CA GLY A 269 -10.68 -3.22 -32.06
C GLY A 269 -11.21 -2.16 -33.01
N LEU A 270 -12.53 -2.03 -33.11
CA LEU A 270 -13.13 -1.06 -34.01
C LEU A 270 -12.64 0.35 -33.67
N GLU A 271 -12.64 0.67 -32.39
CA GLU A 271 -12.27 2.01 -31.95
C GLU A 271 -10.79 2.31 -32.17
N LEU A 272 -9.93 1.35 -31.86
CA LEU A 272 -8.49 1.56 -32.01
C LEU A 272 -8.03 1.31 -33.44
N PHE A 273 -8.22 0.09 -33.95
CA PHE A 273 -7.73 -0.23 -35.29
C PHE A 273 -8.55 0.38 -36.40
N GLY A 274 -9.85 0.57 -36.17
CA GLY A 274 -10.68 1.20 -37.17
C GLY A 274 -10.16 2.58 -37.47
N ALA A 275 -9.45 3.17 -36.49
CA ALA A 275 -8.83 4.45 -36.74
C ALA A 275 -7.40 4.29 -37.28
N LEU A 276 -6.58 3.49 -36.60
CA LEU A 276 -5.14 3.43 -36.93
C LEU A 276 -4.86 2.83 -38.30
N LEU A 277 -5.76 1.95 -38.76
CA LEU A 277 -5.55 1.27 -40.03
C LEU A 277 -5.84 2.22 -41.19
N PHE A 278 -6.45 3.35 -40.88
CA PHE A 278 -6.91 4.31 -41.88
C PHE A 278 -6.28 5.71 -41.79
N GLY A 279 -5.43 5.94 -40.81
CA GLY A 279 -4.81 7.26 -40.69
C GLY A 279 -5.65 8.22 -39.88
N ALA A 280 -6.67 7.69 -39.21
CA ALA A 280 -7.60 8.52 -38.44
C ALA A 280 -7.08 8.81 -37.03
N ARG A 281 -7.80 9.67 -36.31
CA ARG A 281 -7.48 10.01 -34.94
C ARG A 281 -8.22 9.09 -34.01
N CYS A 282 -7.54 8.67 -32.95
CA CYS A 282 -8.17 7.86 -31.92
C CYS A 282 -8.04 8.55 -30.56
N VAL A 283 -9.17 8.93 -29.97
CA VAL A 283 -9.16 9.55 -28.63
C VAL A 283 -9.24 8.46 -27.58
N LEU A 284 -8.30 8.44 -26.66
CA LEU A 284 -8.33 7.45 -25.59
C LEU A 284 -9.03 8.04 -24.36
N GLN A 285 -10.07 7.34 -23.88
CA GLN A 285 -10.76 7.82 -22.67
C GLN A 285 -9.99 7.43 -21.41
N SER A 286 -9.77 8.37 -20.50
CA SER A 286 -9.20 8.00 -19.20
C SER A 286 -10.20 7.15 -18.43
N GLY A 287 -9.71 6.18 -17.65
CA GLY A 287 -10.57 5.29 -16.90
C GLY A 287 -10.88 4.05 -17.73
N GLN A 288 -11.00 2.90 -17.08
CA GLN A 288 -11.08 1.63 -17.83
C GLN A 288 -12.48 1.31 -18.34
N ASN A 289 -13.50 1.94 -17.76
CA ASN A 289 -14.87 1.72 -18.21
C ASN A 289 -15.45 2.92 -18.92
N PRO A 290 -16.36 2.68 -19.88
CA PRO A 290 -17.02 3.76 -20.60
C PRO A 290 -17.62 4.73 -19.60
N ASP A 291 -17.30 6.01 -19.76
CA ASP A 291 -17.69 7.03 -18.80
C ASP A 291 -18.58 8.03 -19.54
N PRO A 292 -19.92 7.93 -19.34
CA PRO A 292 -20.82 8.71 -20.19
C PRO A 292 -20.56 10.21 -20.18
N LEU A 293 -20.33 10.80 -19.01
CA LEU A 293 -20.11 12.25 -19.00
C LEU A 293 -18.78 12.62 -19.67
N GLU A 294 -17.76 11.79 -19.48
CA GLU A 294 -16.47 12.07 -20.10
C GLU A 294 -16.59 11.89 -21.61
N ILE A 295 -17.40 10.91 -22.01
CA ILE A 295 -17.63 10.69 -23.44
C ILE A 295 -18.20 11.96 -24.08
N GLY A 296 -19.23 12.52 -23.46
CA GLY A 296 -19.80 13.77 -23.91
C GLY A 296 -18.78 14.90 -24.02
N GLU A 297 -17.91 15.03 -23.02
CA GLU A 297 -16.88 16.06 -23.08
C GLU A 297 -15.83 15.79 -24.16
N LEU A 298 -15.48 14.52 -24.35
CA LEU A 298 -14.46 14.17 -25.34
C LEU A 298 -14.98 14.39 -26.76
N VAL A 299 -16.27 14.15 -26.97
CA VAL A 299 -16.85 14.34 -28.29
C VAL A 299 -16.77 15.81 -28.70
N ALA A 300 -17.11 16.68 -27.77
CA ALA A 300 -17.07 18.13 -27.97
C ALA A 300 -15.63 18.61 -28.15
N ARG A 301 -14.74 18.06 -27.35
CA ARG A 301 -13.35 18.51 -27.35
C ARG A 301 -12.62 18.16 -28.65
N HIS A 302 -12.90 16.99 -29.20
CA HIS A 302 -12.10 16.46 -30.29
C HIS A 302 -12.85 16.27 -31.61
N GLY A 303 -14.14 16.57 -31.63
CA GLY A 303 -14.93 16.38 -32.84
C GLY A 303 -15.03 14.91 -33.22
N VAL A 304 -15.29 14.06 -32.24
CA VAL A 304 -15.51 12.62 -32.48
C VAL A 304 -16.57 12.40 -33.57
N THR A 305 -16.28 11.53 -34.54
CA THR A 305 -17.16 11.33 -35.68
C THR A 305 -17.93 10.02 -35.64
N MET A 306 -17.51 9.09 -34.78
CA MET A 306 -18.18 7.79 -34.67
C MET A 306 -18.19 7.36 -33.21
N LEU A 307 -19.35 6.93 -32.72
CA LEU A 307 -19.44 6.33 -31.39
C LEU A 307 -19.96 4.90 -31.49
N GLN A 308 -19.33 4.01 -30.75
CA GLN A 308 -19.80 2.64 -30.61
C GLN A 308 -20.16 2.44 -29.16
N LEU A 309 -21.41 2.12 -28.87
CA LEU A 309 -21.88 2.16 -27.50
C LEU A 309 -22.75 0.94 -27.21
N SER A 310 -22.57 0.33 -26.04
CA SER A 310 -23.48 -0.75 -25.66
C SER A 310 -24.86 -0.12 -25.54
N ALA A 311 -25.90 -0.91 -25.72
CA ALA A 311 -27.26 -0.36 -25.72
C ALA A 311 -27.58 0.46 -24.45
N SER A 312 -27.21 -0.05 -23.28
CA SER A 312 -27.50 0.69 -22.05
C SER A 312 -26.80 2.04 -22.00
N LEU A 313 -25.55 2.06 -22.46
CA LEU A 313 -24.78 3.30 -22.55
C LEU A 313 -25.40 4.24 -23.58
N PHE A 314 -25.74 3.69 -24.75
CA PHE A 314 -26.44 4.45 -25.78
C PHE A 314 -27.71 5.09 -25.22
N ASN A 315 -28.54 4.31 -24.54
CA ASN A 315 -29.81 4.86 -24.04
C ASN A 315 -29.64 6.00 -23.05
N PHE A 316 -28.64 5.88 -22.19
CA PHE A 316 -28.36 6.92 -21.20
C PHE A 316 -27.88 8.22 -21.88
N LEU A 317 -26.94 8.07 -22.81
CA LEU A 317 -26.40 9.23 -23.51
C LEU A 317 -27.52 9.97 -24.26
N VAL A 318 -28.36 9.21 -24.96
CA VAL A 318 -29.47 9.81 -25.70
C VAL A 318 -30.37 10.62 -24.76
N ASP A 319 -30.66 10.06 -23.58
CA ASP A 319 -31.57 10.71 -22.64
C ASP A 319 -30.94 11.84 -21.82
N GLU A 320 -29.71 11.63 -21.39
CA GLU A 320 -29.12 12.51 -20.36
C GLU A 320 -27.91 13.32 -20.82
N VAL A 321 -27.28 12.89 -21.92
CA VAL A 321 -26.13 13.61 -22.46
C VAL A 321 -26.29 13.78 -23.97
N PRO A 322 -27.39 14.45 -24.39
CA PRO A 322 -27.66 14.47 -25.84
C PRO A 322 -26.56 15.12 -26.65
N GLU A 323 -25.80 16.03 -26.06
CA GLU A 323 -24.72 16.72 -26.77
C GLU A 323 -23.54 15.81 -27.11
N ALA A 324 -23.56 14.59 -26.57
CA ALA A 324 -22.54 13.61 -26.93
C ALA A 324 -22.67 13.17 -28.39
N PHE A 325 -23.81 13.48 -29.01
CA PHE A 325 -24.00 13.10 -30.41
C PHE A 325 -23.81 14.26 -31.38
N GLU A 326 -23.55 15.45 -30.84
CA GLU A 326 -23.40 16.62 -31.72
C GLU A 326 -22.14 16.51 -32.58
N GLY A 327 -22.33 16.60 -33.89
CA GLY A 327 -21.23 16.46 -34.84
C GLY A 327 -20.87 15.03 -35.19
N VAL A 328 -21.42 14.08 -34.45
CA VAL A 328 -21.12 12.66 -34.68
C VAL A 328 -21.82 12.20 -35.96
N ARG A 329 -21.09 11.49 -36.81
CA ARG A 329 -21.62 11.04 -38.10
C ARG A 329 -22.31 9.68 -38.01
N TYR A 330 -21.71 8.75 -37.25
CA TYR A 330 -22.25 7.41 -37.07
C TYR A 330 -22.33 7.06 -35.59
N ALA A 331 -23.47 6.56 -35.13
CA ALA A 331 -23.54 5.97 -33.79
C ALA A 331 -24.06 4.56 -33.94
N ILE A 332 -23.42 3.62 -33.26
CA ILE A 332 -23.83 2.23 -33.37
C ILE A 332 -24.09 1.66 -31.98
N THR A 333 -25.29 1.13 -31.79
CA THR A 333 -25.66 0.47 -30.54
C THR A 333 -25.33 -1.01 -30.66
N GLY A 334 -24.81 -1.62 -29.59
CA GLY A 334 -24.45 -3.03 -29.64
C GLY A 334 -24.48 -3.73 -28.29
N GLY A 335 -24.04 -4.98 -28.28
CA GLY A 335 -23.82 -5.72 -27.04
C GLY A 335 -25.03 -6.40 -26.44
N GLU A 336 -26.22 -5.86 -26.72
CA GLU A 336 -27.45 -6.35 -26.12
C GLU A 336 -28.58 -5.76 -26.97
N PRO A 337 -29.83 -6.24 -26.79
CA PRO A 337 -30.93 -5.71 -27.63
C PRO A 337 -31.06 -4.19 -27.61
N ALA A 338 -31.17 -3.60 -28.81
CA ALA A 338 -31.31 -2.16 -28.93
C ALA A 338 -32.65 -1.69 -28.41
N SER A 339 -32.69 -0.47 -27.86
CA SER A 339 -33.96 0.15 -27.47
C SER A 339 -34.51 0.99 -28.61
N VAL A 340 -35.58 0.54 -29.26
CA VAL A 340 -36.15 1.31 -30.37
C VAL A 340 -36.56 2.75 -29.99
N PRO A 341 -37.19 2.95 -28.82
CA PRO A 341 -37.50 4.33 -28.45
C PRO A 341 -36.29 5.25 -28.32
N HIS A 342 -35.16 4.74 -27.83
CA HIS A 342 -33.95 5.57 -27.75
C HIS A 342 -33.33 5.82 -29.11
N VAL A 343 -33.39 4.83 -29.98
CA VAL A 343 -32.89 4.99 -31.35
C VAL A 343 -33.76 6.02 -32.07
N ALA A 344 -35.08 5.91 -31.89
CA ALA A 344 -36.01 6.88 -32.44
C ALA A 344 -35.73 8.30 -31.95
N LYS A 345 -35.49 8.45 -30.66
CA LYS A 345 -35.22 9.77 -30.08
C LYS A 345 -33.89 10.33 -30.59
N ALA A 346 -32.89 9.47 -30.72
CA ALA A 346 -31.59 9.90 -31.26
C ALA A 346 -31.82 10.49 -32.65
N ARG A 347 -32.65 9.82 -33.44
CA ARG A 347 -33.00 10.29 -34.78
C ARG A 347 -33.71 11.65 -34.76
N ARG A 348 -34.71 11.83 -33.89
CA ARG A 348 -35.38 13.11 -33.73
C ARG A 348 -34.43 14.25 -33.34
N ASP A 349 -33.52 13.96 -32.41
CA ASP A 349 -32.67 14.98 -31.83
C ASP A 349 -31.50 15.31 -32.75
N HIS A 350 -31.06 14.31 -33.51
CA HIS A 350 -29.87 14.45 -34.34
C HIS A 350 -30.18 13.90 -35.73
N PRO A 351 -30.83 14.72 -36.59
CA PRO A 351 -31.35 14.21 -37.87
C PRO A 351 -30.26 13.73 -38.84
N ALA A 352 -29.05 14.26 -38.75
CA ALA A 352 -27.97 13.88 -39.67
C ALA A 352 -27.19 12.68 -39.16
N LEU A 353 -27.53 12.21 -37.96
CA LEU A 353 -26.80 11.09 -37.36
C LEU A 353 -27.21 9.77 -38.02
N ARG A 354 -26.24 9.03 -38.53
CA ARG A 354 -26.52 7.72 -39.07
C ARG A 354 -26.50 6.75 -37.91
N LEU A 355 -27.49 5.85 -37.87
CA LEU A 355 -27.62 4.97 -36.72
C LEU A 355 -27.51 3.52 -37.17
N GLY A 356 -26.88 2.69 -36.34
CA GLY A 356 -26.71 1.29 -36.66
C GLY A 356 -26.86 0.39 -35.46
N ASN A 357 -27.24 -0.86 -35.71
CA ASN A 357 -27.26 -1.89 -34.68
C ASN A 357 -26.21 -2.93 -35.07
N GLY A 358 -25.19 -3.11 -34.25
CA GLY A 358 -24.13 -4.05 -34.57
C GLY A 358 -24.18 -5.28 -33.67
N TYR A 359 -24.13 -6.47 -34.28
CA TYR A 359 -24.31 -7.71 -33.54
C TYR A 359 -23.16 -8.67 -33.78
N GLY A 360 -22.77 -9.40 -32.73
CA GLY A 360 -21.94 -10.57 -32.90
C GLY A 360 -21.25 -11.02 -31.63
N PRO A 361 -20.77 -12.28 -31.62
CA PRO A 361 -19.92 -12.76 -30.53
C PRO A 361 -18.45 -12.43 -30.80
N ALA A 362 -17.66 -12.35 -29.74
CA ALA A 362 -16.22 -12.07 -29.85
C ALA A 362 -15.53 -13.13 -30.72
N GLU A 363 -16.06 -14.35 -30.64
CA GLU A 363 -15.57 -15.48 -31.43
C GLU A 363 -15.62 -15.25 -32.94
N SER A 364 -16.38 -14.25 -33.37
CA SER A 364 -16.49 -13.93 -34.79
C SER A 364 -16.02 -12.49 -35.07
N MET A 365 -15.50 -11.86 -34.01
CA MET A 365 -14.82 -10.54 -34.01
C MET A 365 -15.67 -9.32 -34.32
N GLY A 366 -15.90 -8.49 -33.31
CA GLY A 366 -16.64 -7.25 -33.51
C GLY A 366 -18.01 -7.55 -34.11
N PHE A 367 -18.40 -6.78 -35.11
CA PHE A 367 -19.70 -7.02 -35.72
C PHE A 367 -19.61 -8.18 -36.69
N THR A 368 -20.53 -9.14 -36.57
CA THR A 368 -20.68 -10.17 -37.61
C THR A 368 -21.81 -9.73 -38.53
N THR A 369 -22.88 -9.17 -37.94
CA THR A 369 -23.92 -8.56 -38.76
C THR A 369 -24.13 -7.11 -38.33
N HIS A 370 -24.73 -6.32 -39.21
CA HIS A 370 -25.00 -4.92 -38.92
C HIS A 370 -26.26 -4.50 -39.62
N HIS A 371 -27.05 -3.68 -38.94
CA HIS A 371 -28.26 -3.15 -39.54
C HIS A 371 -28.22 -1.63 -39.55
N ALA A 372 -28.29 -1.04 -40.75
CA ALA A 372 -28.42 0.41 -40.86
C ALA A 372 -29.87 0.81 -40.58
N VAL A 373 -30.09 1.67 -39.59
CA VAL A 373 -31.44 2.08 -39.23
C VAL A 373 -32.12 2.90 -40.32
N VAL A 374 -33.34 2.52 -40.67
CA VAL A 374 -34.15 3.29 -41.61
C VAL A 374 -35.42 3.78 -40.91
N ALA A 375 -36.10 4.75 -41.51
CA ALA A 375 -37.31 5.32 -40.92
C ALA A 375 -38.34 4.28 -40.49
N GLY A 376 -38.50 3.23 -41.31
CA GLY A 376 -39.51 2.21 -41.06
C GLY A 376 -39.25 1.36 -39.83
N ASP A 377 -38.02 1.40 -39.33
CA ASP A 377 -37.66 0.64 -38.13
C ASP A 377 -38.20 1.30 -36.87
N LEU A 378 -38.31 2.63 -36.91
CA LEU A 378 -38.43 3.42 -35.68
C LEU A 378 -39.76 3.25 -34.94
N SER A 379 -40.69 2.52 -35.54
CA SER A 379 -42.00 2.25 -34.94
C SER A 379 -42.13 0.78 -34.55
N GLY A 380 -41.04 0.02 -34.67
CA GLY A 380 -41.08 -1.38 -34.29
C GLY A 380 -40.87 -1.59 -32.80
N THR A 381 -41.05 -2.82 -32.35
CA THR A 381 -40.81 -3.19 -30.96
C THR A 381 -39.37 -3.65 -30.76
N ALA A 382 -38.73 -4.08 -31.85
CA ALA A 382 -37.34 -4.50 -31.79
C ALA A 382 -36.61 -4.04 -33.04
N LEU A 383 -35.30 -3.82 -32.90
CA LEU A 383 -34.47 -3.37 -34.00
C LEU A 383 -33.73 -4.57 -34.59
N PRO A 384 -33.83 -4.79 -35.90
CA PRO A 384 -33.18 -5.94 -36.55
C PRO A 384 -31.69 -5.88 -36.36
N ILE A 385 -31.01 -7.02 -36.38
CA ILE A 385 -29.55 -7.02 -36.30
C ILE A 385 -28.91 -7.03 -37.71
N GLY A 386 -29.76 -7.09 -38.74
CA GLY A 386 -29.31 -6.77 -40.08
C GLY A 386 -28.75 -7.90 -40.92
N VAL A 387 -27.71 -7.58 -41.71
CA VAL A 387 -27.09 -8.56 -42.61
C VAL A 387 -25.60 -8.69 -42.31
N PRO A 388 -24.99 -9.83 -42.69
CA PRO A 388 -23.58 -10.06 -42.34
C PRO A 388 -22.64 -9.07 -43.03
N LEU A 389 -21.53 -8.77 -42.38
CA LEU A 389 -20.45 -7.99 -43.00
C LEU A 389 -19.91 -8.77 -44.20
N ALA A 390 -19.34 -8.04 -45.17
CA ALA A 390 -18.66 -8.70 -46.27
C ALA A 390 -17.64 -9.70 -45.72
N GLY A 391 -17.59 -10.89 -46.31
CA GLY A 391 -16.64 -11.91 -45.87
C GLY A 391 -17.08 -12.70 -44.64
N LYS A 392 -18.22 -12.34 -44.07
CA LYS A 392 -18.76 -13.10 -42.93
C LYS A 392 -20.10 -13.72 -43.33
N ARG A 393 -20.56 -14.71 -42.56
CA ARG A 393 -21.82 -15.39 -42.88
C ARG A 393 -22.63 -15.60 -41.60
N ALA A 394 -23.95 -15.70 -41.71
CA ALA A 394 -24.76 -16.02 -40.54
C ALA A 394 -25.87 -16.99 -40.98
N TYR A 395 -26.05 -18.08 -40.23
CA TYR A 395 -27.12 -19.04 -40.55
C TYR A 395 -28.11 -19.05 -39.41
N VAL A 396 -29.38 -19.30 -39.71
CA VAL A 396 -30.37 -19.57 -38.67
C VAL A 396 -30.81 -21.03 -38.83
N LEU A 397 -30.41 -21.89 -37.89
CA LEU A 397 -30.54 -23.34 -38.05
C LEU A 397 -31.44 -23.97 -36.98
N ASP A 398 -32.13 -25.06 -37.32
CA ASP A 398 -32.89 -25.83 -36.33
C ASP A 398 -31.97 -26.83 -35.63
N ASP A 399 -32.52 -27.72 -34.81
CA ASP A 399 -31.63 -28.60 -34.05
C ASP A 399 -31.12 -29.81 -34.84
N ASP A 400 -31.49 -29.87 -36.12
CA ASP A 400 -30.90 -30.83 -37.05
C ASP A 400 -29.88 -30.15 -37.97
N LEU A 401 -29.56 -28.88 -37.66
CA LEU A 401 -28.62 -28.07 -38.45
C LEU A 401 -29.11 -27.77 -39.87
N LYS A 402 -30.42 -27.81 -40.04
CA LYS A 402 -31.06 -27.46 -41.28
C LYS A 402 -31.51 -26.00 -41.17
N PRO A 403 -31.36 -25.22 -42.25
CA PRO A 403 -31.76 -23.80 -42.17
C PRO A 403 -33.22 -23.68 -41.79
N ALA A 404 -33.57 -22.72 -40.96
CA ALA A 404 -34.97 -22.53 -40.61
C ALA A 404 -35.70 -21.94 -41.81
N ALA A 405 -36.95 -22.37 -42.02
CA ALA A 405 -37.81 -21.72 -43.00
C ALA A 405 -37.92 -20.24 -42.67
N ASN A 406 -38.30 -19.42 -43.66
CA ASN A 406 -38.39 -17.98 -43.45
C ASN A 406 -39.34 -17.66 -42.30
N GLY A 407 -38.91 -16.74 -41.44
CA GLY A 407 -39.70 -16.32 -40.29
C GLY A 407 -39.73 -17.29 -39.13
N ALA A 408 -39.23 -18.52 -39.34
CA ALA A 408 -39.20 -19.50 -38.25
C ALA A 408 -38.03 -19.26 -37.29
N LEU A 409 -38.26 -19.54 -36.01
CA LEU A 409 -37.23 -19.36 -34.99
C LEU A 409 -36.16 -20.44 -35.09
N GLY A 410 -34.90 -20.06 -34.92
CA GLY A 410 -33.80 -21.00 -34.96
C GLY A 410 -32.59 -20.41 -34.24
N GLU A 411 -31.49 -21.15 -34.23
CA GLU A 411 -30.30 -20.66 -33.55
C GLU A 411 -29.29 -20.11 -34.54
N LEU A 412 -28.68 -18.97 -34.19
CA LEU A 412 -27.68 -18.33 -35.05
C LEU A 412 -26.34 -19.02 -34.98
N TYR A 413 -25.78 -19.33 -36.14
CA TYR A 413 -24.40 -19.78 -36.24
C TYR A 413 -23.73 -18.78 -37.15
N VAL A 414 -22.49 -18.40 -36.83
CA VAL A 414 -21.78 -17.39 -37.63
C VAL A 414 -20.50 -18.00 -38.20
N ALA A 415 -20.04 -17.48 -39.34
CA ALA A 415 -18.89 -18.07 -40.02
C ALA A 415 -18.13 -17.01 -40.81
N GLY A 416 -17.03 -17.40 -41.42
CA GLY A 416 -16.31 -16.48 -42.29
C GLY A 416 -15.09 -15.86 -41.64
N ALA A 417 -14.71 -14.67 -42.11
CA ALA A 417 -13.37 -14.14 -41.85
C ALA A 417 -13.14 -13.72 -40.41
N GLY A 418 -14.19 -13.52 -39.64
CA GLY A 418 -14.01 -13.04 -38.28
C GLY A 418 -13.67 -14.15 -37.28
N LEU A 419 -13.75 -15.41 -37.71
CA LEU A 419 -13.66 -16.51 -36.73
C LEU A 419 -12.31 -16.59 -36.03
N ALA A 420 -12.35 -16.65 -34.70
CA ALA A 420 -11.16 -16.92 -33.91
C ALA A 420 -10.61 -18.31 -34.23
N HIS A 421 -9.35 -18.54 -33.87
CA HIS A 421 -8.81 -19.89 -33.96
C HIS A 421 -9.50 -20.80 -32.93
N GLY A 422 -9.85 -20.24 -31.78
CA GLY A 422 -10.56 -20.98 -30.75
C GLY A 422 -10.24 -20.41 -29.37
N TYR A 423 -10.40 -21.24 -28.34
CA TYR A 423 -10.14 -20.80 -26.98
C TYR A 423 -8.80 -21.32 -26.48
N VAL A 424 -7.84 -20.42 -26.27
CA VAL A 424 -6.50 -20.85 -25.88
C VAL A 424 -6.51 -21.76 -24.64
N SER A 425 -5.77 -22.86 -24.73
CA SER A 425 -5.70 -23.89 -23.69
C SER A 425 -6.99 -24.66 -23.45
N ARG A 426 -8.00 -24.47 -24.28
CA ARG A 426 -9.26 -25.19 -24.08
C ARG A 426 -9.78 -25.80 -25.40
N PRO A 427 -9.10 -26.84 -25.90
CA PRO A 427 -9.45 -27.44 -27.19
C PRO A 427 -10.82 -28.12 -27.16
N ALA A 428 -11.22 -28.67 -26.02
CA ALA A 428 -12.50 -29.36 -25.95
C ALA A 428 -13.63 -28.35 -26.10
N LEU A 429 -13.53 -27.25 -25.36
CA LEU A 429 -14.53 -26.20 -25.44
C LEU A 429 -14.57 -25.61 -26.85
N THR A 430 -13.40 -25.47 -27.45
CA THR A 430 -13.33 -24.93 -28.81
C THR A 430 -14.09 -25.86 -29.75
N ALA A 431 -13.82 -27.15 -29.66
CA ALA A 431 -14.41 -28.13 -30.58
C ALA A 431 -15.93 -28.26 -30.44
N GLU A 432 -16.49 -27.86 -29.30
CA GLU A 432 -17.93 -28.01 -29.15
C GLU A 432 -18.69 -26.76 -29.56
N ARG A 433 -17.96 -25.72 -29.94
CA ARG A 433 -18.57 -24.44 -30.32
C ARG A 433 -18.15 -23.97 -31.71
N PHE A 434 -16.90 -24.20 -32.07
CA PHE A 434 -16.44 -23.93 -33.43
C PHE A 434 -16.52 -25.24 -34.17
N VAL A 435 -17.63 -25.48 -34.86
CA VAL A 435 -17.92 -26.79 -35.40
C VAL A 435 -17.85 -26.75 -36.92
N ALA A 436 -17.85 -27.93 -37.56
CA ALA A 436 -17.78 -28.00 -39.02
C ALA A 436 -18.98 -27.28 -39.65
N ASP A 437 -18.74 -26.58 -40.75
CA ASP A 437 -19.79 -25.90 -41.49
C ASP A 437 -20.38 -26.87 -42.54
N PRO A 438 -21.64 -27.28 -42.36
CA PRO A 438 -22.17 -28.30 -43.27
C PRO A 438 -22.58 -27.77 -44.65
N PHE A 439 -22.48 -26.46 -44.87
CA PHE A 439 -22.90 -25.89 -46.16
C PHE A 439 -21.72 -25.58 -47.07
N ALA A 440 -20.52 -25.55 -46.50
CA ALA A 440 -19.32 -25.13 -47.22
C ALA A 440 -18.84 -26.13 -48.26
N GLY A 441 -18.15 -25.62 -49.27
CA GLY A 441 -17.64 -26.41 -50.37
C GLY A 441 -16.52 -27.37 -49.99
N PRO A 442 -15.66 -27.71 -50.97
CA PRO A 442 -14.68 -28.78 -50.83
C PRO A 442 -13.76 -28.58 -49.63
N GLY A 443 -13.24 -27.37 -49.45
CA GLY A 443 -12.46 -27.04 -48.26
C GLY A 443 -13.34 -27.06 -47.02
N GLY A 444 -12.84 -27.65 -45.95
CA GLY A 444 -13.55 -27.67 -44.70
C GLY A 444 -13.52 -26.30 -44.05
N GLU A 445 -14.70 -25.79 -43.68
CA GLU A 445 -14.76 -24.54 -42.93
C GLU A 445 -15.53 -24.77 -41.63
N ARG A 446 -15.49 -23.77 -40.76
CA ARG A 446 -16.17 -23.84 -39.48
C ARG A 446 -17.28 -22.82 -39.34
N MET A 447 -18.16 -23.08 -38.38
CA MET A 447 -19.13 -22.08 -37.98
C MET A 447 -19.14 -22.04 -36.46
N TYR A 448 -19.49 -20.90 -35.90
CA TYR A 448 -19.50 -20.78 -34.46
C TYR A 448 -20.93 -20.76 -33.95
N ARG A 449 -21.22 -21.65 -33.00
CA ARG A 449 -22.54 -21.77 -32.40
C ARG A 449 -22.76 -20.64 -31.37
N THR A 450 -23.68 -19.72 -31.63
CA THR A 450 -23.77 -18.50 -30.81
C THR A 450 -24.58 -18.64 -29.52
N GLY A 451 -25.50 -19.60 -29.49
CA GLY A 451 -26.44 -19.72 -28.38
C GLY A 451 -27.56 -18.69 -28.45
N ASP A 452 -27.58 -17.91 -29.53
CA ASP A 452 -28.61 -16.90 -29.71
C ASP A 452 -29.73 -17.39 -30.61
N LEU A 453 -30.96 -17.12 -30.20
CA LEU A 453 -32.13 -17.42 -31.03
C LEU A 453 -32.45 -16.23 -31.95
N ALA A 454 -32.85 -16.54 -33.19
CA ALA A 454 -33.12 -15.51 -34.16
C ALA A 454 -34.17 -15.95 -35.18
N ARG A 455 -34.62 -14.99 -35.99
CA ARG A 455 -35.42 -15.28 -37.17
C ARG A 455 -34.82 -14.54 -38.33
N ARG A 456 -34.86 -15.15 -39.50
CA ARG A 456 -34.52 -14.45 -40.74
C ARG A 456 -35.83 -14.10 -41.42
N ARG A 457 -36.04 -12.83 -41.74
CA ARG A 457 -37.25 -12.47 -42.44
C ARG A 457 -37.10 -12.55 -43.96
N ALA A 458 -38.23 -12.49 -44.66
CA ALA A 458 -38.28 -12.73 -46.11
C ALA A 458 -37.19 -12.02 -46.88
N ASP A 459 -36.96 -10.75 -46.55
CA ASP A 459 -35.96 -9.93 -47.24
C ASP A 459 -34.51 -10.26 -46.85
N GLY A 460 -34.34 -11.27 -46.00
CA GLY A 460 -33.01 -11.73 -45.63
C GLY A 460 -32.46 -11.12 -44.34
N VAL A 461 -33.09 -10.05 -43.87
CA VAL A 461 -32.66 -9.37 -42.65
C VAL A 461 -32.88 -10.24 -41.40
N LEU A 462 -31.91 -10.22 -40.48
CA LEU A 462 -31.97 -11.03 -39.27
C LEU A 462 -32.59 -10.28 -38.09
N GLU A 463 -33.42 -11.00 -37.33
CA GLU A 463 -34.03 -10.47 -36.11
C GLU A 463 -33.51 -11.25 -34.93
N TYR A 464 -32.89 -10.56 -33.98
CA TYR A 464 -32.46 -11.18 -32.74
C TYR A 464 -33.69 -11.40 -31.86
N VAL A 465 -33.85 -12.62 -31.33
CA VAL A 465 -34.95 -12.93 -30.42
C VAL A 465 -34.50 -13.02 -28.97
N GLY A 466 -33.34 -13.66 -28.74
CA GLY A 466 -32.79 -13.75 -27.40
C GLY A 466 -32.07 -15.06 -27.12
N ARG A 467 -31.99 -15.40 -25.83
CA ARG A 467 -31.49 -16.70 -25.41
C ARG A 467 -32.55 -17.40 -24.57
N HIS B 3 -53.15 15.22 -27.00
CA HIS B 3 -53.47 16.51 -26.39
C HIS B 3 -54.95 16.63 -26.04
N MET B 4 -55.26 16.60 -24.75
CA MET B 4 -56.62 16.88 -24.30
C MET B 4 -56.76 18.40 -24.15
N SER B 5 -57.97 18.90 -24.38
CA SER B 5 -58.21 20.34 -24.30
C SER B 5 -58.45 20.78 -22.87
N ASN B 6 -58.18 22.05 -22.58
CA ASN B 6 -58.47 22.60 -21.27
C ASN B 6 -59.02 24.01 -21.45
N PRO B 7 -59.92 24.43 -20.54
CA PRO B 7 -60.69 25.66 -20.71
C PRO B 7 -59.88 26.93 -20.50
N PHE B 8 -58.64 26.80 -20.05
CA PHE B 8 -57.79 27.98 -19.87
C PHE B 8 -57.07 28.33 -21.16
N GLU B 9 -57.09 27.40 -22.12
CA GLU B 9 -56.43 27.62 -23.40
C GLU B 9 -57.44 28.10 -24.45
N GLU B 10 -58.60 27.47 -24.46
CA GLU B 10 -59.67 27.84 -25.39
C GLU B 10 -61.02 27.50 -24.79
N TYR B 11 -61.95 28.43 -24.89
CA TYR B 11 -63.27 28.27 -24.29
C TYR B 11 -64.24 29.13 -25.10
N ASP B 12 -65.26 28.51 -25.67
CA ASP B 12 -66.24 29.21 -26.50
C ASP B 12 -66.85 30.43 -25.80
N GLY B 13 -67.14 30.30 -24.51
CA GLY B 13 -67.79 31.35 -23.76
C GLY B 13 -66.92 32.54 -23.37
N GLY B 14 -65.65 32.50 -23.75
CA GLY B 14 -64.72 33.57 -23.40
C GLY B 14 -64.17 33.43 -22.00
N HIS B 15 -63.47 34.46 -21.51
CA HIS B 15 -62.78 34.36 -20.25
C HIS B 15 -62.99 35.57 -19.33
N VAL B 16 -62.70 35.37 -18.04
CA VAL B 16 -62.68 36.47 -17.08
C VAL B 16 -61.36 36.43 -16.31
N VAL B 17 -61.04 37.53 -15.63
CA VAL B 17 -59.89 37.57 -14.73
C VAL B 17 -60.38 37.59 -13.30
N LEU B 18 -59.90 36.66 -12.49
CA LEU B 18 -60.24 36.64 -11.08
C LEU B 18 -59.08 37.15 -10.25
N THR B 19 -59.38 37.75 -9.10
CA THR B 19 -58.35 38.06 -8.12
C THR B 19 -58.74 37.54 -6.75
N ASP B 20 -57.74 37.26 -5.92
CA ASP B 20 -57.99 36.84 -4.54
C ASP B 20 -57.61 37.93 -3.55
N ALA B 21 -57.62 37.60 -2.27
CA ALA B 21 -57.36 38.58 -1.23
C ALA B 21 -55.89 38.99 -1.17
N LEU B 22 -55.03 38.26 -1.87
CA LEU B 22 -53.60 38.56 -1.86
C LEU B 22 -53.14 39.22 -3.15
N GLY B 23 -54.10 39.66 -3.97
CA GLY B 23 -53.79 40.38 -5.18
C GLY B 23 -53.38 39.49 -6.35
N ARG B 24 -53.49 38.17 -6.17
CA ARG B 24 -53.09 37.27 -7.25
C ARG B 24 -54.17 37.22 -8.32
N HIS B 25 -53.76 37.07 -9.57
CA HIS B 25 -54.70 37.04 -10.69
C HIS B 25 -54.80 35.65 -11.26
N SER B 26 -56.01 35.29 -11.72
CA SER B 26 -56.22 34.01 -12.38
C SER B 26 -57.10 34.21 -13.60
N LEU B 27 -56.71 33.61 -14.72
CA LEU B 27 -57.61 33.47 -15.85
C LEU B 27 -58.72 32.50 -15.44
N TRP B 28 -59.94 32.67 -15.99
CA TRP B 28 -61.05 31.79 -15.62
C TRP B 28 -62.08 31.77 -16.75
N PRO B 29 -62.68 30.60 -17.02
CA PRO B 29 -63.70 30.57 -18.08
C PRO B 29 -64.93 31.34 -17.67
N ALA B 30 -65.43 32.20 -18.55
CA ALA B 30 -66.66 32.94 -18.27
C ALA B 30 -67.82 31.97 -18.13
N GLY B 31 -68.76 32.28 -17.23
CA GLY B 31 -69.93 31.43 -17.06
C GLY B 31 -69.79 30.37 -15.97
N ILE B 32 -68.57 29.86 -15.78
CA ILE B 32 -68.32 28.91 -14.69
C ILE B 32 -68.33 29.65 -13.34
N ALA B 33 -69.04 29.08 -12.37
CA ALA B 33 -69.11 29.64 -11.01
C ALA B 33 -67.73 30.05 -10.49
N VAL B 34 -67.68 31.15 -9.75
CA VAL B 34 -66.39 31.65 -9.25
C VAL B 34 -66.00 30.89 -7.98
N PRO B 35 -64.78 30.33 -7.94
CA PRO B 35 -64.31 29.60 -6.76
C PRO B 35 -64.37 30.48 -5.51
N ALA B 36 -64.61 29.87 -4.35
CA ALA B 36 -64.69 30.61 -3.09
C ALA B 36 -63.42 31.40 -2.83
N GLY B 37 -63.59 32.65 -2.39
CA GLY B 37 -62.44 33.49 -2.08
C GLY B 37 -61.92 34.27 -3.28
N TRP B 38 -62.51 34.03 -4.44
CA TRP B 38 -62.08 34.74 -5.64
C TRP B 38 -63.15 35.74 -6.09
N SER B 39 -62.80 36.63 -7.01
CA SER B 39 -63.73 37.70 -7.41
C SER B 39 -63.44 38.13 -8.83
N VAL B 40 -64.49 38.35 -9.63
CA VAL B 40 -64.29 38.76 -11.03
C VAL B 40 -63.82 40.21 -11.11
N ARG B 41 -62.58 40.41 -11.53
CA ARG B 41 -62.00 41.75 -11.60
C ARG B 41 -62.11 42.33 -13.01
N HIS B 42 -62.19 41.45 -14.01
CA HIS B 42 -62.28 41.84 -15.41
C HIS B 42 -63.06 40.79 -16.23
N GLY B 43 -63.74 41.22 -17.29
CA GLY B 43 -64.38 40.30 -18.21
C GLY B 43 -65.89 40.40 -18.09
N THR B 44 -66.66 39.73 -18.96
CA THR B 44 -66.19 38.75 -19.94
C THR B 44 -65.44 39.34 -21.14
N ASP B 45 -64.41 38.64 -21.60
CA ASP B 45 -63.52 39.17 -22.63
C ASP B 45 -62.82 38.02 -23.37
N SER B 46 -62.11 38.36 -24.45
CA SER B 46 -61.23 37.40 -25.09
C SER B 46 -60.07 37.02 -24.16
N ARG B 47 -59.46 35.88 -24.42
CA ARG B 47 -58.33 35.41 -23.64
C ARG B 47 -57.17 36.42 -23.68
N GLU B 48 -56.86 36.91 -24.88
CA GLU B 48 -55.80 37.91 -25.06
C GLU B 48 -56.14 39.19 -24.30
N GLY B 49 -57.40 39.60 -24.38
CA GLY B 49 -57.89 40.74 -23.60
C GLY B 49 -57.72 40.56 -22.10
N CYS B 50 -58.02 39.36 -21.61
CA CYS B 50 -57.84 39.07 -20.19
C CYS B 50 -56.37 39.12 -19.81
N LEU B 51 -55.52 38.48 -20.62
CA LEU B 51 -54.09 38.41 -20.35
C LEU B 51 -53.45 39.79 -20.36
N ALA B 52 -53.88 40.64 -21.31
CA ALA B 52 -53.41 42.02 -21.36
C ALA B 52 -53.80 42.78 -20.10
N HIS B 53 -55.01 42.54 -19.60
CA HIS B 53 -55.43 43.14 -18.33
C HIS B 53 -54.45 42.71 -17.23
N ILE B 54 -54.21 41.42 -17.14
CA ILE B 54 -53.34 40.85 -16.11
C ILE B 54 -51.93 41.42 -16.25
N GLU B 55 -51.44 41.48 -17.48
CA GLU B 55 -50.12 42.02 -17.75
C GLU B 55 -49.99 43.44 -17.24
N HIS B 56 -51.04 44.24 -17.40
CA HIS B 56 -50.99 45.64 -17.00
C HIS B 56 -51.07 45.84 -15.48
N HIS B 57 -51.97 45.11 -14.83
CA HIS B 57 -52.24 45.32 -13.41
C HIS B 57 -51.36 44.53 -12.42
N TRP B 58 -51.10 43.26 -12.71
CA TRP B 58 -50.35 42.42 -11.78
C TRP B 58 -48.83 42.63 -11.88
N THR B 59 -48.36 43.70 -11.26
CA THR B 59 -46.97 44.14 -11.40
C THR B 59 -46.00 43.54 -10.39
N ASP B 60 -46.52 43.03 -9.27
CA ASP B 60 -45.70 42.32 -8.31
C ASP B 60 -46.38 41.02 -7.90
N LEU B 61 -45.71 39.90 -8.18
CA LEU B 61 -46.31 38.58 -8.02
C LEU B 61 -46.40 38.12 -6.57
N ARG B 62 -45.60 38.73 -5.71
CA ARG B 62 -45.65 38.41 -4.29
C ARG B 62 -47.01 38.75 -3.72
N PRO B 63 -47.51 37.89 -2.81
CA PRO B 63 -48.78 38.10 -2.13
C PRO B 63 -48.69 39.35 -1.25
N THR B 64 -49.84 39.99 -0.98
CA THR B 64 -49.88 41.27 -0.27
C THR B 64 -50.72 41.20 1.00
N GLY B 65 -50.23 40.47 2.00
CA GLY B 65 -50.98 40.24 3.22
C GLY B 65 -50.63 38.88 3.81
N PRO B 66 -51.14 38.56 5.02
CA PRO B 66 -52.07 39.28 5.90
C PRO B 66 -51.55 40.63 6.38
N GLY B 74 -44.32 29.41 11.31
CA GLY B 74 -43.39 28.49 10.69
C GLY B 74 -41.99 29.05 10.50
N ALA B 75 -40.99 28.21 10.69
CA ALA B 75 -39.61 28.66 10.60
C ALA B 75 -39.14 28.69 9.15
N CYS B 76 -38.24 29.62 8.86
CA CYS B 76 -37.67 29.69 7.51
C CYS B 76 -36.58 28.65 7.34
N VAL B 77 -36.18 28.40 6.09
CA VAL B 77 -35.21 27.36 5.79
C VAL B 77 -33.91 27.56 6.58
N HIS B 78 -33.35 28.76 6.51
CA HIS B 78 -32.10 29.05 7.21
C HIS B 78 -32.25 28.98 8.73
N GLU B 79 -33.46 29.25 9.23
CA GLU B 79 -33.68 29.19 10.68
C GLU B 79 -33.65 27.75 11.18
N LEU B 80 -34.20 26.84 10.38
CA LEU B 80 -34.16 25.42 10.73
C LEU B 80 -32.72 24.93 10.67
N PHE B 81 -31.98 25.40 9.67
CA PHE B 81 -30.57 25.07 9.58
C PHE B 81 -29.84 25.59 10.82
N GLU B 82 -30.11 26.83 11.20
CA GLU B 82 -29.44 27.40 12.36
C GLU B 82 -29.69 26.56 13.60
N ALA B 83 -30.89 26.01 13.73
CA ALA B 83 -31.22 25.22 14.90
C ALA B 83 -30.41 23.92 14.91
N GLN B 84 -30.19 23.35 13.73
CA GLN B 84 -29.36 22.16 13.62
C GLN B 84 -27.90 22.46 13.96
N ALA B 85 -27.42 23.61 13.51
CA ALA B 85 -26.05 24.03 13.78
C ALA B 85 -25.86 24.28 15.28
N ALA B 86 -26.88 24.81 15.93
CA ALA B 86 -26.83 24.99 17.38
C ALA B 86 -26.85 23.64 18.11
N ARG B 87 -27.61 22.67 17.62
CA ARG B 87 -27.68 21.37 18.30
C ARG B 87 -26.37 20.59 18.22
N ALA B 88 -25.77 20.52 17.04
CA ALA B 88 -24.54 19.76 16.86
C ALA B 88 -23.61 20.49 15.90
N PRO B 89 -22.91 21.52 16.40
CA PRO B 89 -22.03 22.32 15.54
C PRO B 89 -20.86 21.52 14.97
N ASP B 90 -20.45 20.45 15.66
CA ASP B 90 -19.31 19.65 15.18
C ASP B 90 -19.74 18.50 14.27
N ALA B 91 -21.04 18.34 14.05
CA ALA B 91 -21.52 17.34 13.09
C ALA B 91 -21.11 17.77 11.68
N VAL B 92 -20.78 16.82 10.82
CA VAL B 92 -20.41 17.16 9.44
C VAL B 92 -21.65 17.52 8.62
N ALA B 93 -21.63 18.69 7.98
CA ALA B 93 -22.76 19.14 7.17
C ALA B 93 -22.52 18.78 5.70
N LEU B 94 -21.33 19.12 5.19
CA LEU B 94 -21.02 18.94 3.77
C LEU B 94 -19.74 18.15 3.58
N LEU B 95 -19.72 17.31 2.55
CA LEU B 95 -18.52 16.61 2.17
C LEU B 95 -18.28 16.90 0.70
N HIS B 96 -17.03 17.18 0.34
CA HIS B 96 -16.74 17.44 -1.06
C HIS B 96 -15.30 17.05 -1.33
N GLU B 97 -15.14 16.14 -2.29
CA GLU B 97 -13.87 15.48 -2.54
C GLU B 97 -13.31 14.96 -1.21
N ALA B 98 -12.09 15.33 -0.85
CA ALA B 98 -11.51 14.86 0.41
C ALA B 98 -11.79 15.78 1.59
N ASP B 99 -12.63 16.80 1.38
CA ASP B 99 -12.86 17.81 2.42
C ASP B 99 -14.17 17.66 3.14
N GLU B 100 -14.23 18.16 4.38
CA GLU B 100 -15.50 18.18 5.14
C GLU B 100 -15.74 19.55 5.73
N LEU B 101 -17.01 19.89 5.93
CA LEU B 101 -17.36 21.15 6.59
C LEU B 101 -18.45 20.87 7.62
N THR B 102 -18.23 21.31 8.86
CA THR B 102 -19.19 21.05 9.93
C THR B 102 -20.37 22.02 9.87
N TYR B 103 -21.44 21.67 10.57
CA TYR B 103 -22.60 22.55 10.69
C TYR B 103 -22.20 23.92 11.24
N GLY B 104 -21.39 23.94 12.28
CA GLY B 104 -21.00 25.20 12.91
C GLY B 104 -20.16 26.06 11.97
N ALA B 105 -19.24 25.43 11.25
CA ALA B 105 -18.33 26.18 10.40
C ALA B 105 -19.12 26.71 9.22
N LEU B 106 -20.00 25.88 8.68
CA LEU B 106 -20.88 26.30 7.61
C LEU B 106 -21.75 27.48 8.05
N ASN B 107 -22.35 27.37 9.23
CA ASN B 107 -23.15 28.47 9.76
C ASN B 107 -22.37 29.78 9.88
N GLU B 108 -21.17 29.74 10.45
CA GLU B 108 -20.37 30.95 10.62
C GLU B 108 -19.91 31.55 9.29
N ARG B 109 -19.49 30.70 8.37
CA ARG B 109 -19.14 31.17 7.03
C ARG B 109 -20.30 31.89 6.36
N ALA B 110 -21.49 31.28 6.43
CA ALA B 110 -22.66 31.87 5.81
C ALA B 110 -23.05 33.17 6.51
N ASN B 111 -22.91 33.22 7.84
CA ASN B 111 -23.23 34.45 8.58
C ASN B 111 -22.33 35.60 8.19
N ARG B 112 -21.04 35.30 8.06
CA ARG B 112 -20.08 36.35 7.69
C ARG B 112 -20.47 36.95 6.34
N LEU B 113 -20.80 36.10 5.38
CA LEU B 113 -21.22 36.57 4.06
C LEU B 113 -22.59 37.24 4.11
N ALA B 114 -23.52 36.68 4.89
CA ALA B 114 -24.85 37.29 4.97
C ALA B 114 -24.77 38.73 5.48
N HIS B 115 -23.89 38.97 6.44
CA HIS B 115 -23.73 40.32 6.93
C HIS B 115 -23.30 41.28 5.82
N ARG B 116 -22.39 40.83 4.96
CA ARG B 116 -21.95 41.66 3.82
C ARG B 116 -23.10 41.91 2.84
N LEU B 117 -23.91 40.88 2.61
CA LEU B 117 -25.07 41.00 1.73
C LEU B 117 -26.07 42.05 2.24
N VAL B 118 -26.36 42.02 3.53
CA VAL B 118 -27.23 43.05 4.11
C VAL B 118 -26.64 44.43 3.88
N GLY B 119 -25.32 44.53 4.04
CA GLY B 119 -24.64 45.79 3.84
C GLY B 119 -24.78 46.31 2.42
N LEU B 120 -24.88 45.38 1.47
CA LEU B 120 -25.06 45.76 0.07
C LEU B 120 -26.53 45.93 -0.32
N GLY B 121 -27.42 45.77 0.64
CA GLY B 121 -28.82 46.08 0.41
C GLY B 121 -29.74 44.89 0.20
N VAL B 122 -29.28 43.68 0.54
CA VAL B 122 -30.18 42.53 0.49
C VAL B 122 -31.21 42.63 1.62
N ALA B 123 -32.48 42.36 1.31
CA ALA B 123 -33.58 42.39 2.28
C ALA B 123 -34.70 41.48 1.76
N PRO B 124 -35.70 41.16 2.59
CA PRO B 124 -36.85 40.40 2.06
C PRO B 124 -37.41 41.10 0.84
N GLY B 125 -37.61 40.36 -0.25
CA GLY B 125 -38.00 40.97 -1.50
C GLY B 125 -36.86 41.09 -2.53
N THR B 126 -35.62 40.98 -2.06
CA THR B 126 -34.43 41.04 -2.93
C THR B 126 -34.07 39.65 -3.40
N LEU B 127 -33.63 39.53 -4.65
CA LEU B 127 -33.10 38.27 -5.16
C LEU B 127 -31.60 38.45 -5.42
N VAL B 128 -30.83 37.37 -5.24
CA VAL B 128 -29.40 37.39 -5.47
C VAL B 128 -29.02 36.22 -6.35
N GLY B 129 -28.31 36.48 -7.45
CA GLY B 129 -27.83 35.39 -8.28
C GLY B 129 -26.61 34.74 -7.64
N VAL B 130 -26.48 33.42 -7.79
CA VAL B 130 -25.30 32.70 -7.29
C VAL B 130 -24.69 31.91 -8.44
N HIS B 131 -23.49 32.30 -8.86
CA HIS B 131 -22.84 31.67 -10.01
C HIS B 131 -21.56 31.02 -9.53
N LEU B 132 -21.64 29.75 -9.13
CA LEU B 132 -20.52 29.05 -8.50
C LEU B 132 -20.57 27.58 -8.92
N GLU B 133 -19.42 26.96 -9.07
CA GLU B 133 -19.39 25.51 -9.31
C GLU B 133 -19.78 24.78 -8.03
N ARG B 134 -20.26 23.55 -8.16
CA ARG B 134 -20.72 22.80 -6.98
C ARG B 134 -19.56 22.55 -6.01
N GLY B 135 -19.78 22.87 -4.73
CA GLY B 135 -18.75 22.77 -3.71
C GLY B 135 -19.22 23.54 -2.47
N PHE B 136 -18.37 23.65 -1.45
CA PHE B 136 -18.77 24.33 -0.22
C PHE B 136 -19.24 25.76 -0.46
N ASP B 137 -18.52 26.51 -1.30
CA ASP B 137 -18.84 27.92 -1.52
C ASP B 137 -20.25 28.11 -2.04
N MET B 138 -20.70 27.21 -2.89
CA MET B 138 -22.07 27.27 -3.40
C MET B 138 -23.10 27.26 -2.28
N VAL B 139 -22.93 26.38 -1.31
CA VAL B 139 -23.88 26.26 -0.22
C VAL B 139 -23.76 27.44 0.74
N VAL B 140 -22.52 27.83 1.04
CA VAL B 140 -22.28 29.03 1.85
C VAL B 140 -23.03 30.23 1.29
N ALA B 141 -22.90 30.42 -0.02
CA ALA B 141 -23.54 31.56 -0.71
C ALA B 141 -25.05 31.51 -0.63
N LEU B 142 -25.65 30.36 -0.96
CA LEU B 142 -27.11 30.35 -0.98
C LEU B 142 -27.68 30.47 0.45
N LEU B 143 -27.01 29.86 1.43
CA LEU B 143 -27.41 30.01 2.82
C LEU B 143 -27.27 31.46 3.28
N ALA B 144 -26.20 32.13 2.84
CA ALA B 144 -26.02 33.53 3.21
C ALA B 144 -27.14 34.39 2.64
N VAL B 145 -27.53 34.11 1.40
CA VAL B 145 -28.60 34.88 0.79
C VAL B 145 -29.88 34.71 1.60
N LEU B 146 -30.18 33.48 1.99
CA LEU B 146 -31.38 33.24 2.77
C LEU B 146 -31.30 33.94 4.14
N LYS B 147 -30.15 33.86 4.79
CA LYS B 147 -29.95 34.47 6.12
C LYS B 147 -30.11 35.98 6.06
N ALA B 148 -29.75 36.57 4.92
CA ALA B 148 -29.89 38.02 4.73
C ALA B 148 -31.34 38.38 4.40
N GLY B 149 -32.20 37.37 4.29
CA GLY B 149 -33.62 37.61 4.06
C GLY B 149 -34.01 37.61 2.59
N GLY B 150 -33.05 37.33 1.71
CA GLY B 150 -33.32 37.36 0.29
C GLY B 150 -33.65 35.99 -0.26
N GLY B 151 -33.83 35.91 -1.58
CA GLY B 151 -34.02 34.62 -2.23
C GLY B 151 -32.89 34.46 -3.23
N TYR B 152 -32.43 33.23 -3.42
CA TYR B 152 -31.29 32.97 -4.31
C TYR B 152 -31.79 32.48 -5.66
N THR B 153 -30.96 32.64 -6.69
CA THR B 153 -31.20 31.90 -7.91
C THR B 153 -29.86 31.30 -8.34
N MET B 154 -29.78 29.98 -8.41
CA MET B 154 -28.52 29.32 -8.74
C MET B 154 -28.30 29.44 -10.24
N LEU B 155 -27.17 30.01 -10.61
CA LEU B 155 -26.84 30.14 -12.02
C LEU B 155 -25.84 29.04 -12.35
N ASP B 156 -26.34 27.98 -12.99
CA ASP B 156 -25.55 26.77 -13.21
C ASP B 156 -24.47 27.06 -14.24
N PRO B 157 -23.19 27.00 -13.83
CA PRO B 157 -22.09 27.37 -14.73
C PRO B 157 -21.94 26.44 -15.93
N GLN B 158 -22.61 25.30 -15.92
CA GLN B 158 -22.58 24.44 -17.12
C GLN B 158 -23.28 25.09 -18.31
N PHE B 159 -24.10 26.11 -18.08
CA PHE B 159 -24.85 26.72 -19.18
C PHE B 159 -24.17 27.93 -19.80
N PRO B 160 -24.45 28.18 -21.09
CA PRO B 160 -23.88 29.34 -21.79
C PRO B 160 -24.20 30.62 -21.05
N VAL B 161 -23.26 31.55 -21.04
CA VAL B 161 -23.44 32.76 -20.26
C VAL B 161 -24.63 33.59 -20.75
N GLU B 162 -24.95 33.46 -22.04
CA GLU B 162 -26.10 34.16 -22.62
C GLU B 162 -27.39 33.72 -21.93
N ARG B 163 -27.56 32.41 -21.76
CA ARG B 163 -28.72 31.88 -21.05
C ARG B 163 -28.73 32.30 -19.58
N LEU B 164 -27.58 32.21 -18.92
CA LEU B 164 -27.48 32.67 -17.53
C LEU B 164 -27.81 34.14 -17.41
N ALA B 165 -27.28 34.96 -18.33
CA ALA B 165 -27.52 36.40 -18.27
C ALA B 165 -29.00 36.72 -18.43
N LEU B 166 -29.63 36.05 -19.38
CA LEU B 166 -31.05 36.19 -19.63
C LEU B 166 -31.88 35.82 -18.39
N SER B 167 -31.52 34.71 -17.76
CA SER B 167 -32.24 34.27 -16.57
C SER B 167 -32.07 35.26 -15.42
N LEU B 168 -30.85 35.74 -15.25
CA LEU B 168 -30.57 36.69 -14.18
C LEU B 168 -31.35 37.98 -14.41
N GLU B 169 -31.39 38.41 -15.66
CA GLU B 169 -32.18 39.60 -16.03
C GLU B 169 -33.66 39.46 -15.66
N ASP B 170 -34.22 38.28 -15.92
CA ASP B 170 -35.63 38.04 -15.63
C ASP B 170 -35.94 38.17 -14.14
N THR B 171 -35.02 37.71 -13.29
CA THR B 171 -35.25 37.81 -11.84
C THR B 171 -35.20 39.25 -11.35
N GLY B 172 -34.50 40.11 -12.08
CA GLY B 172 -34.29 41.47 -11.62
C GLY B 172 -33.31 41.62 -10.46
N ALA B 173 -32.61 40.54 -10.11
CA ALA B 173 -31.64 40.56 -9.01
C ALA B 173 -30.60 41.66 -9.20
N PRO B 174 -30.39 42.48 -8.16
CA PRO B 174 -29.40 43.57 -8.26
C PRO B 174 -27.99 43.12 -7.90
N LEU B 175 -27.84 41.89 -7.40
CA LEU B 175 -26.54 41.38 -6.96
C LEU B 175 -26.28 39.96 -7.44
N LEU B 176 -25.00 39.67 -7.69
CA LEU B 176 -24.54 38.36 -8.11
C LEU B 176 -23.39 37.96 -7.18
N VAL B 177 -23.44 36.75 -6.63
CA VAL B 177 -22.30 36.18 -5.91
C VAL B 177 -21.53 35.21 -6.83
N THR B 178 -20.22 35.39 -6.95
CA THR B 178 -19.46 34.46 -7.79
C THR B 178 -18.07 34.25 -7.19
N SER B 179 -17.17 33.64 -7.96
CA SER B 179 -15.85 33.30 -7.45
C SER B 179 -14.81 33.96 -8.31
N ARG B 180 -13.57 34.05 -7.82
CA ARG B 180 -12.51 34.65 -8.62
C ARG B 180 -12.31 33.97 -9.98
N PRO B 181 -12.28 32.61 -10.02
CA PRO B 181 -12.08 31.97 -11.34
C PRO B 181 -13.22 32.25 -12.33
N LEU B 182 -14.45 32.45 -11.84
CA LEU B 182 -15.60 32.68 -12.71
C LEU B 182 -15.82 34.17 -13.01
N SER B 183 -14.93 35.00 -12.48
CA SER B 183 -15.07 36.46 -12.57
C SER B 183 -15.05 36.95 -14.02
N GLY B 184 -16.02 37.79 -14.39
CA GLY B 184 -16.03 38.37 -15.73
C GLY B 184 -16.85 37.61 -16.74
N ARG B 185 -17.39 36.47 -16.35
CA ARG B 185 -18.24 35.69 -17.24
C ARG B 185 -19.64 36.31 -17.36
N LEU B 186 -20.22 36.69 -16.23
CA LEU B 186 -21.48 37.43 -16.21
C LEU B 186 -21.20 38.89 -15.81
N THR B 187 -21.62 39.83 -16.65
CA THR B 187 -21.38 41.25 -16.37
C THR B 187 -22.67 42.04 -16.19
N GLY B 188 -22.56 43.34 -15.94
CA GLY B 188 -23.73 44.20 -15.80
C GLY B 188 -24.66 43.89 -14.63
N THR B 189 -24.16 43.15 -13.65
CA THR B 189 -24.81 43.03 -12.35
C THR B 189 -23.73 43.22 -11.29
N THR B 190 -24.00 44.06 -10.29
CA THR B 190 -23.05 44.23 -9.18
C THR B 190 -22.68 42.87 -8.62
N THR B 191 -21.39 42.63 -8.50
CA THR B 191 -20.88 41.30 -8.23
C THR B 191 -20.04 41.30 -6.95
N LEU B 192 -20.26 40.32 -6.07
CA LEU B 192 -19.35 40.14 -4.96
C LEU B 192 -18.79 38.73 -4.95
N TYR B 193 -17.66 38.57 -4.27
CA TYR B 193 -16.92 37.32 -4.26
C TYR B 193 -17.12 36.56 -2.96
N VAL B 194 -17.33 35.25 -3.11
CA VAL B 194 -17.73 34.39 -2.01
C VAL B 194 -16.56 34.07 -1.09
N GLU B 195 -15.34 34.21 -1.62
CA GLU B 195 -14.14 33.79 -0.90
C GLU B 195 -14.03 34.49 0.45
N ASP B 196 -13.70 33.72 1.48
CA ASP B 196 -13.64 34.26 2.84
C ASP B 196 -12.20 34.38 3.33
N SER B 200 -11.63 39.17 10.01
CA SER B 200 -11.23 38.77 11.37
C SER B 200 -12.12 39.41 12.44
N ASP B 201 -12.34 40.72 12.31
CA ASP B 201 -13.33 41.40 13.13
C ASP B 201 -14.74 41.21 12.53
N ALA B 202 -14.84 40.39 11.50
CA ALA B 202 -16.10 40.29 10.75
C ALA B 202 -17.25 39.70 11.57
N PRO B 203 -18.41 40.38 11.55
CA PRO B 203 -19.62 39.89 12.22
C PRO B 203 -19.93 38.47 11.75
N ALA B 204 -20.17 37.56 12.69
CA ALA B 204 -20.43 36.17 12.34
C ALA B 204 -21.66 35.59 13.04
N GLY B 205 -22.47 36.45 13.65
CA GLY B 205 -23.67 36.00 14.35
C GLY B 205 -24.83 35.73 13.42
N ASN B 206 -25.85 35.02 13.91
CA ASN B 206 -27.07 34.83 13.13
C ASN B 206 -27.78 36.18 12.97
N LEU B 207 -28.46 36.37 11.85
CA LEU B 207 -29.06 37.66 11.54
C LEU B 207 -30.55 37.75 11.92
N ALA B 208 -30.95 38.94 12.35
CA ALA B 208 -32.37 39.27 12.54
C ALA B 208 -32.78 40.12 11.34
N THR B 209 -33.62 39.59 10.45
CA THR B 209 -34.01 40.34 9.26
C THR B 209 -35.53 40.51 9.11
N GLY B 210 -36.31 39.81 9.92
CA GLY B 210 -37.76 39.90 9.78
C GLY B 210 -38.32 39.18 8.56
N VAL B 211 -37.49 38.36 7.93
CA VAL B 211 -37.97 37.53 6.82
C VAL B 211 -38.97 36.50 7.35
N GLY B 212 -39.97 36.15 6.54
CA GLY B 212 -41.00 35.21 6.95
C GLY B 212 -41.19 34.07 5.95
N PRO B 213 -41.96 33.03 6.34
CA PRO B 213 -42.06 31.84 5.48
C PRO B 213 -42.72 32.08 4.12
N GLU B 214 -43.50 33.15 3.97
CA GLU B 214 -44.08 33.44 2.65
C GLU B 214 -43.15 34.28 1.77
N ASP B 215 -42.01 34.69 2.32
CA ASP B 215 -41.03 35.42 1.52
C ASP B 215 -40.34 34.47 0.56
N VAL B 216 -39.88 35.02 -0.57
CA VAL B 216 -39.24 34.21 -1.59
C VAL B 216 -37.91 33.63 -1.09
N ALA B 217 -37.75 32.32 -1.31
CA ALA B 217 -36.53 31.62 -0.94
C ALA B 217 -35.65 31.37 -2.18
N CYS B 218 -36.27 30.98 -3.29
CA CYS B 218 -35.49 30.70 -4.49
C CYS B 218 -36.25 31.00 -5.78
N VAL B 219 -35.49 31.23 -6.85
CA VAL B 219 -36.06 31.26 -8.20
C VAL B 219 -35.36 30.17 -8.99
N MET B 220 -36.13 29.24 -9.54
CA MET B 220 -35.54 28.10 -10.26
C MET B 220 -35.70 28.24 -11.76
N PHE B 221 -34.67 27.85 -12.51
CA PHE B 221 -34.73 27.84 -13.96
C PHE B 221 -34.28 26.45 -14.41
N THR B 222 -34.96 25.93 -15.43
CA THR B 222 -34.73 24.54 -15.80
C THR B 222 -33.38 24.31 -16.44
N SER B 223 -32.82 23.14 -16.18
CA SER B 223 -31.57 22.70 -16.82
C SER B 223 -31.83 21.87 -18.08
N GLY B 224 -33.10 21.61 -18.38
CA GLY B 224 -33.45 20.76 -19.51
C GLY B 224 -34.25 21.41 -20.62
N SER B 225 -33.97 22.68 -20.90
CA SER B 225 -34.69 23.41 -21.95
C SER B 225 -33.90 24.62 -22.46
N THR B 226 -34.19 25.02 -23.70
CA THR B 226 -33.51 26.16 -24.32
C THR B 226 -34.51 27.20 -24.84
N GLY B 227 -35.76 27.08 -24.41
CA GLY B 227 -36.77 28.07 -24.74
C GLY B 227 -36.59 29.33 -23.92
N ARG B 228 -37.59 30.21 -23.96
CA ARG B 228 -37.57 31.43 -23.18
C ARG B 228 -37.49 31.15 -21.67
N PRO B 229 -36.64 31.91 -20.94
CA PRO B 229 -36.49 31.66 -19.50
C PRO B 229 -37.82 31.70 -18.74
N LYS B 230 -38.00 30.73 -17.86
CA LYS B 230 -39.17 30.65 -17.01
C LYS B 230 -38.72 30.43 -15.57
N GLY B 231 -38.71 31.51 -14.78
CA GLY B 231 -38.18 31.43 -13.43
C GLY B 231 -39.26 31.15 -12.39
N VAL B 232 -39.21 29.97 -11.81
CA VAL B 232 -40.21 29.57 -10.83
C VAL B 232 -39.81 30.16 -9.48
N MET B 233 -40.65 31.03 -8.95
CA MET B 233 -40.31 31.79 -7.76
C MET B 233 -41.10 31.23 -6.57
N SER B 234 -40.38 30.66 -5.60
CA SER B 234 -41.04 29.88 -4.54
C SER B 234 -40.69 30.36 -3.14
N PRO B 235 -41.66 30.32 -2.22
CA PRO B 235 -41.34 30.78 -0.87
C PRO B 235 -40.66 29.72 -0.02
N HIS B 236 -40.07 30.14 1.10
CA HIS B 236 -39.53 29.24 2.11
C HIS B 236 -40.52 28.12 2.42
N ARG B 237 -41.77 28.50 2.61
CA ARG B 237 -42.87 27.59 2.92
C ARG B 237 -42.98 26.42 1.93
N ALA B 238 -42.66 26.68 0.66
CA ALA B 238 -42.75 25.64 -0.36
C ALA B 238 -41.66 24.60 -0.18
N LEU B 239 -40.46 25.05 0.18
CA LEU B 239 -39.36 24.14 0.51
C LEU B 239 -39.66 23.37 1.81
N THR B 240 -40.00 24.05 2.88
CA THR B 240 -40.19 23.33 4.14
C THR B 240 -41.38 22.38 4.04
N GLY B 241 -42.39 22.76 3.26
CA GLY B 241 -43.56 21.91 3.08
C GLY B 241 -43.25 20.62 2.32
N THR B 242 -42.14 20.61 1.59
CA THR B 242 -41.76 19.44 0.80
C THR B 242 -40.84 18.48 1.55
N TYR B 243 -40.06 19.03 2.48
CA TYR B 243 -39.02 18.26 3.17
C TYR B 243 -39.33 17.96 4.63
N LEU B 244 -40.24 18.71 5.22
CA LEU B 244 -40.63 18.49 6.60
C LEU B 244 -41.94 17.72 6.67
N GLY B 245 -42.07 16.84 7.67
CA GLY B 245 -43.30 16.12 7.91
C GLY B 245 -43.68 15.15 6.80
N GLN B 246 -42.70 14.60 6.10
CA GLN B 246 -42.94 13.63 5.03
C GLN B 246 -42.27 12.30 5.34
N ASP B 247 -42.77 11.21 4.74
CA ASP B 247 -42.17 9.89 4.97
C ASP B 247 -41.77 9.11 3.70
N TYR B 248 -41.62 9.80 2.58
CA TYR B 248 -41.15 9.15 1.35
C TYR B 248 -39.64 8.76 1.37
N ALA B 249 -38.92 9.25 2.36
CA ALA B 249 -37.54 8.85 2.57
C ALA B 249 -37.21 8.97 4.04
N GLY B 250 -36.04 8.47 4.46
CA GLY B 250 -35.61 8.68 5.82
C GLY B 250 -35.05 10.09 5.95
N PHE B 251 -35.48 10.80 6.99
CA PHE B 251 -34.99 12.15 7.24
C PHE B 251 -34.49 12.21 8.67
N GLY B 252 -33.20 12.48 8.85
CA GLY B 252 -32.64 12.49 10.18
C GLY B 252 -31.13 12.61 10.16
N PRO B 253 -30.53 12.78 11.34
CA PRO B 253 -29.09 13.07 11.46
C PRO B 253 -28.18 11.92 11.04
N ASP B 254 -28.74 10.71 10.92
CA ASP B 254 -27.93 9.56 10.51
C ASP B 254 -27.98 9.33 8.99
N GLU B 255 -28.73 10.15 8.26
CA GLU B 255 -28.80 10.00 6.81
C GLU B 255 -27.57 10.60 6.13
N VAL B 256 -27.29 10.11 4.93
CA VAL B 256 -26.23 10.69 4.12
C VAL B 256 -26.80 10.89 2.73
N PHE B 257 -27.01 12.14 2.33
CA PHE B 257 -27.61 12.42 1.03
C PHE B 257 -26.54 12.78 0.00
N LEU B 258 -26.89 12.69 -1.27
CA LEU B 258 -25.92 12.93 -2.35
C LEU B 258 -26.47 14.02 -3.26
N GLN B 259 -25.86 15.20 -3.17
CA GLN B 259 -26.30 16.31 -3.99
C GLN B 259 -25.64 16.19 -5.37
N CYS B 260 -26.29 15.46 -6.27
CA CYS B 260 -25.82 15.33 -7.65
C CYS B 260 -26.76 15.94 -8.68
N SER B 261 -28.02 16.18 -8.33
CA SER B 261 -28.98 16.73 -9.29
C SER B 261 -28.65 18.18 -9.66
N PRO B 262 -29.10 18.64 -10.84
CA PRO B 262 -28.77 19.98 -11.33
C PRO B 262 -29.17 21.05 -10.32
N VAL B 263 -28.30 22.02 -10.11
CA VAL B 263 -28.47 22.96 -8.99
C VAL B 263 -29.54 24.02 -9.20
N SER B 264 -29.96 24.28 -10.45
CA SER B 264 -30.89 25.39 -10.66
C SER B 264 -32.36 24.98 -10.78
N TRP B 265 -32.66 23.69 -10.69
CA TRP B 265 -34.05 23.24 -10.78
C TRP B 265 -34.49 22.66 -9.44
N ASP B 266 -35.58 21.89 -9.42
CA ASP B 266 -36.22 21.64 -8.13
C ASP B 266 -35.84 20.33 -7.43
N ALA B 267 -35.05 19.49 -8.10
CA ALA B 267 -34.59 18.25 -7.45
C ALA B 267 -33.49 18.56 -6.43
N PHE B 268 -32.84 19.70 -6.63
CA PHE B 268 -31.74 20.21 -5.78
C PHE B 268 -32.13 20.23 -4.30
N GLY B 269 -33.33 20.73 -4.01
CA GLY B 269 -33.76 20.98 -2.64
C GLY B 269 -33.76 19.75 -1.74
N LEU B 270 -34.28 18.63 -2.23
CA LEU B 270 -34.34 17.42 -1.40
C LEU B 270 -32.95 16.98 -0.97
N GLU B 271 -32.01 17.01 -1.89
CA GLU B 271 -30.67 16.51 -1.59
C GLU B 271 -29.92 17.41 -0.63
N LEU B 272 -30.09 18.72 -0.75
CA LEU B 272 -29.39 19.64 0.14
C LEU B 272 -30.18 19.89 1.42
N PHE B 273 -31.41 20.40 1.29
CA PHE B 273 -32.16 20.80 2.48
C PHE B 273 -32.70 19.58 3.22
N GLY B 274 -32.98 18.51 2.50
CA GLY B 274 -33.48 17.29 3.13
C GLY B 274 -32.43 16.76 4.06
N ALA B 275 -31.17 17.07 3.77
CA ALA B 275 -30.07 16.76 4.68
C ALA B 275 -29.89 17.84 5.76
N LEU B 276 -29.71 19.08 5.33
CA LEU B 276 -29.36 20.16 6.26
C LEU B 276 -30.44 20.47 7.30
N LEU B 277 -31.71 20.28 6.96
CA LEU B 277 -32.79 20.63 7.88
C LEU B 277 -32.91 19.61 9.01
N PHE B 278 -32.23 18.49 8.84
CA PHE B 278 -32.32 17.36 9.78
C PHE B 278 -31.01 16.97 10.45
N GLY B 279 -29.93 17.68 10.12
CA GLY B 279 -28.66 17.44 10.78
C GLY B 279 -27.84 16.35 10.10
N ALA B 280 -28.24 15.97 8.90
CA ALA B 280 -27.62 14.85 8.18
C ALA B 280 -26.41 15.34 7.39
N ARG B 281 -25.69 14.39 6.80
CA ARG B 281 -24.60 14.69 5.88
C ARG B 281 -25.09 14.85 4.46
N CYS B 282 -24.54 15.84 3.77
CA CYS B 282 -24.80 16.03 2.35
C CYS B 282 -23.49 15.91 1.56
N VAL B 283 -23.39 14.90 0.70
CA VAL B 283 -22.22 14.76 -0.17
C VAL B 283 -22.43 15.57 -1.45
N LEU B 284 -21.50 16.47 -1.76
CA LEU B 284 -21.59 17.26 -2.97
C LEU B 284 -20.77 16.57 -4.05
N GLN B 285 -21.41 16.27 -5.18
CA GLN B 285 -20.68 15.65 -6.29
C GLN B 285 -19.94 16.71 -7.08
N SER B 286 -18.67 16.50 -7.39
CA SER B 286 -17.99 17.41 -8.32
C SER B 286 -18.62 17.29 -9.71
N GLY B 287 -18.70 18.42 -10.42
CA GLY B 287 -19.36 18.44 -11.72
C GLY B 287 -20.83 18.81 -11.58
N GLN B 288 -21.38 19.48 -12.59
CA GLN B 288 -22.73 20.04 -12.47
C GLN B 288 -23.86 19.07 -12.80
N ASN B 289 -23.55 17.96 -13.48
CA ASN B 289 -24.58 16.97 -13.83
C ASN B 289 -24.33 15.64 -13.12
N PRO B 290 -25.41 14.90 -12.81
CA PRO B 290 -25.22 13.61 -12.15
C PRO B 290 -24.33 12.71 -13.01
N ASP B 291 -23.34 12.10 -12.38
CA ASP B 291 -22.26 11.41 -13.06
C ASP B 291 -22.27 9.99 -12.51
N PRO B 292 -22.81 9.04 -13.29
CA PRO B 292 -23.09 7.69 -12.79
C PRO B 292 -21.88 7.01 -12.16
N LEU B 293 -20.72 7.07 -12.82
CA LEU B 293 -19.53 6.41 -12.28
C LEU B 293 -19.09 7.07 -10.97
N GLU B 294 -19.14 8.40 -10.92
CA GLU B 294 -18.76 9.11 -9.71
C GLU B 294 -19.75 8.84 -8.57
N ILE B 295 -21.02 8.69 -8.94
CA ILE B 295 -22.04 8.34 -7.95
C ILE B 295 -21.71 7.00 -7.30
N GLY B 296 -21.37 6.00 -8.11
CA GLY B 296 -20.94 4.70 -7.59
C GLY B 296 -19.83 4.83 -6.55
N GLU B 297 -18.83 5.64 -6.85
CA GLU B 297 -17.69 5.77 -5.93
C GLU B 297 -18.03 6.56 -4.69
N LEU B 298 -18.90 7.57 -4.82
CA LEU B 298 -19.27 8.40 -3.67
C LEU B 298 -20.15 7.63 -2.70
N VAL B 299 -21.02 6.78 -3.23
CA VAL B 299 -21.89 5.97 -2.38
C VAL B 299 -21.05 5.05 -1.50
N ALA B 300 -20.09 4.37 -2.12
CA ALA B 300 -19.17 3.50 -1.40
C ALA B 300 -18.32 4.28 -0.38
N ARG B 301 -17.85 5.45 -0.80
N ARG B 301 -17.82 5.44 -0.78
CA ARG B 301 -16.93 6.24 0.02
CA ARG B 301 -16.92 6.19 0.08
C ARG B 301 -17.58 6.84 1.27
C ARG B 301 -17.61 6.80 1.31
N HIS B 302 -18.84 7.28 1.13
CA HIS B 302 -19.49 8.02 2.21
C HIS B 302 -20.67 7.30 2.87
N GLY B 303 -21.03 6.14 2.34
CA GLY B 303 -22.17 5.39 2.85
C GLY B 303 -23.47 6.15 2.65
N VAL B 304 -23.69 6.63 1.42
CA VAL B 304 -24.91 7.33 1.04
C VAL B 304 -26.13 6.47 1.36
N THR B 305 -27.16 7.08 1.96
CA THR B 305 -28.34 6.33 2.42
C THR B 305 -29.57 6.56 1.54
N MET B 306 -29.55 7.62 0.75
CA MET B 306 -30.65 7.93 -0.15
C MET B 306 -30.14 8.46 -1.50
N LEU B 307 -30.67 7.91 -2.59
CA LEU B 307 -30.40 8.42 -3.93
C LEU B 307 -31.69 8.89 -4.59
N GLN B 308 -31.64 10.07 -5.18
CA GLN B 308 -32.72 10.57 -6.00
C GLN B 308 -32.19 10.66 -7.42
N LEU B 309 -32.82 9.95 -8.34
CA LEU B 309 -32.30 9.74 -9.68
C LEU B 309 -33.37 9.93 -10.74
N SER B 310 -33.05 10.61 -11.84
CA SER B 310 -33.99 10.64 -12.98
C SER B 310 -34.12 9.21 -13.47
N ALA B 311 -35.24 8.89 -14.14
CA ALA B 311 -35.49 7.49 -14.51
C ALA B 311 -34.35 6.90 -15.36
N SER B 312 -33.86 7.70 -16.28
CA SER B 312 -32.79 7.23 -17.15
C SER B 312 -31.50 6.97 -16.38
N LEU B 313 -31.21 7.82 -15.40
CA LEU B 313 -30.01 7.62 -14.59
C LEU B 313 -30.16 6.36 -13.74
N PHE B 314 -31.33 6.18 -13.14
CA PHE B 314 -31.66 4.99 -12.37
C PHE B 314 -31.45 3.73 -13.20
N ASN B 315 -31.98 3.74 -14.43
CA ASN B 315 -31.87 2.56 -15.28
C ASN B 315 -30.41 2.23 -15.60
N PHE B 316 -29.62 3.25 -15.90
CA PHE B 316 -28.22 3.02 -16.24
C PHE B 316 -27.46 2.48 -15.02
N LEU B 317 -27.72 3.05 -13.84
CA LEU B 317 -27.05 2.59 -12.64
C LEU B 317 -27.38 1.13 -12.36
N VAL B 318 -28.68 0.77 -12.43
CA VAL B 318 -29.09 -0.63 -12.23
C VAL B 318 -28.35 -1.59 -13.15
N ASP B 319 -28.26 -1.24 -14.43
CA ASP B 319 -27.61 -2.10 -15.41
C ASP B 319 -26.06 -2.07 -15.37
N GLU B 320 -25.49 -0.89 -15.18
CA GLU B 320 -24.05 -0.72 -15.41
C GLU B 320 -23.23 -0.35 -14.18
N VAL B 321 -23.89 0.15 -13.15
CA VAL B 321 -23.19 0.48 -11.90
C VAL B 321 -24.00 0.00 -10.70
N PRO B 322 -24.28 -1.33 -10.64
CA PRO B 322 -25.18 -1.84 -9.60
C PRO B 322 -24.68 -1.56 -8.20
N GLU B 323 -23.37 -1.43 -8.06
CA GLU B 323 -22.75 -1.13 -6.78
C GLU B 323 -23.16 0.24 -6.24
N ALA B 324 -23.74 1.09 -7.09
CA ALA B 324 -24.20 2.40 -6.62
C ALA B 324 -25.34 2.27 -5.60
N PHE B 325 -25.95 1.09 -5.52
CA PHE B 325 -27.05 0.90 -4.58
C PHE B 325 -26.65 0.19 -3.30
N GLU B 326 -25.39 -0.21 -3.19
CA GLU B 326 -24.95 -0.96 -2.00
C GLU B 326 -25.00 -0.10 -0.75
N GLY B 327 -25.74 -0.58 0.25
CA GLY B 327 -25.91 0.15 1.49
C GLY B 327 -26.95 1.26 1.44
N VAL B 328 -27.49 1.53 0.25
CA VAL B 328 -28.47 2.61 0.10
C VAL B 328 -29.83 2.15 0.66
N ARG B 329 -30.49 3.01 1.44
CA ARG B 329 -31.77 2.63 2.07
C ARG B 329 -32.99 2.95 1.21
N TYR B 330 -32.94 4.10 0.53
CA TYR B 330 -34.02 4.55 -0.35
C TYR B 330 -33.43 4.97 -1.69
N ALA B 331 -34.03 4.47 -2.77
CA ALA B 331 -33.74 5.01 -4.10
C ALA B 331 -35.06 5.44 -4.70
N ILE B 332 -35.11 6.66 -5.23
CA ILE B 332 -36.33 7.24 -5.77
C ILE B 332 -36.10 7.69 -7.19
N THR B 333 -36.87 7.11 -8.10
CA THR B 333 -36.83 7.46 -9.51
C THR B 333 -37.82 8.62 -9.77
N GLY B 334 -37.52 9.45 -10.75
CA GLY B 334 -38.36 10.61 -11.01
C GLY B 334 -38.10 11.25 -12.36
N GLY B 335 -38.81 12.35 -12.62
CA GLY B 335 -38.58 13.15 -13.82
C GLY B 335 -39.21 12.65 -15.10
N GLU B 336 -39.29 11.32 -15.26
CA GLU B 336 -39.84 10.69 -16.46
C GLU B 336 -40.49 9.38 -16.03
N PRO B 337 -41.31 8.77 -16.92
CA PRO B 337 -41.92 7.48 -16.56
C PRO B 337 -40.90 6.42 -16.14
N ALA B 338 -41.11 5.83 -14.97
CA ALA B 338 -40.24 4.78 -14.44
C ALA B 338 -40.22 3.54 -15.33
N SER B 339 -39.08 2.85 -15.39
CA SER B 339 -39.02 1.58 -16.11
C SER B 339 -39.24 0.42 -15.14
N VAL B 340 -40.40 -0.23 -15.24
CA VAL B 340 -40.71 -1.35 -14.35
C VAL B 340 -39.67 -2.49 -14.36
N PRO B 341 -39.15 -2.89 -15.56
CA PRO B 341 -38.14 -3.94 -15.53
C PRO B 341 -36.87 -3.54 -14.76
N HIS B 342 -36.47 -2.28 -14.83
CA HIS B 342 -35.31 -1.83 -14.04
C HIS B 342 -35.63 -1.74 -12.55
N VAL B 343 -36.86 -1.35 -12.21
CA VAL B 343 -37.28 -1.31 -10.82
C VAL B 343 -37.32 -2.73 -10.27
N ALA B 344 -37.85 -3.66 -11.05
CA ALA B 344 -37.92 -5.06 -10.66
C ALA B 344 -36.50 -5.64 -10.48
N LYS B 345 -35.61 -5.26 -11.39
CA LYS B 345 -34.23 -5.75 -11.31
C LYS B 345 -33.48 -5.16 -10.12
N ALA B 346 -33.68 -3.86 -9.87
CA ALA B 346 -33.10 -3.25 -8.68
C ALA B 346 -33.53 -4.03 -7.43
N ARG B 347 -34.82 -4.37 -7.36
CA ARG B 347 -35.39 -5.11 -6.24
C ARG B 347 -34.74 -6.48 -6.08
N ARG B 348 -34.49 -7.15 -7.21
CA ARG B 348 -33.81 -8.44 -7.24
C ARG B 348 -32.39 -8.33 -6.70
N ASP B 349 -31.67 -7.30 -7.16
CA ASP B 349 -30.25 -7.18 -6.86
C ASP B 349 -30.02 -6.64 -5.45
N HIS B 350 -30.94 -5.81 -4.99
CA HIS B 350 -30.80 -5.14 -3.69
C HIS B 350 -32.06 -5.28 -2.85
N PRO B 351 -32.23 -6.45 -2.21
CA PRO B 351 -33.44 -6.84 -1.48
C PRO B 351 -33.86 -5.86 -0.38
N ALA B 352 -32.91 -5.22 0.29
CA ALA B 352 -33.21 -4.31 1.39
C ALA B 352 -33.49 -2.89 0.92
N LEU B 353 -33.34 -2.65 -0.38
CA LEU B 353 -33.52 -1.30 -0.92
C LEU B 353 -35.00 -0.94 -1.05
N ARG B 354 -35.40 0.18 -0.45
CA ARG B 354 -36.75 0.69 -0.64
C ARG B 354 -36.81 1.56 -1.89
N LEU B 355 -37.80 1.33 -2.72
CA LEU B 355 -37.88 2.03 -4.00
C LEU B 355 -39.10 2.94 -4.03
N GLY B 356 -38.94 4.11 -4.65
CA GLY B 356 -40.05 5.05 -4.78
C GLY B 356 -40.10 5.66 -6.16
N ASN B 357 -41.30 6.10 -6.56
CA ASN B 357 -41.49 6.88 -7.77
C ASN B 357 -42.00 8.24 -7.32
N GLY B 358 -41.25 9.30 -7.62
CA GLY B 358 -41.63 10.64 -7.18
C GLY B 358 -42.03 11.52 -8.35
N TYR B 359 -43.21 12.15 -8.24
CA TYR B 359 -43.73 12.95 -9.35
C TYR B 359 -44.02 14.40 -8.97
N GLY B 360 -43.80 15.30 -9.92
CA GLY B 360 -44.36 16.65 -9.83
C GLY B 360 -43.61 17.68 -10.63
N PRO B 361 -44.24 18.83 -10.87
CA PRO B 361 -43.63 19.97 -11.54
C PRO B 361 -42.89 20.85 -10.53
N ALA B 362 -41.90 21.62 -10.99
CA ALA B 362 -41.16 22.52 -10.11
C ALA B 362 -42.09 23.53 -9.44
N GLU B 363 -43.13 23.91 -10.17
CA GLU B 363 -44.15 24.84 -9.71
C GLU B 363 -44.87 24.39 -8.43
N SER B 364 -44.71 23.12 -8.10
CA SER B 364 -45.30 22.58 -6.87
C SER B 364 -44.21 22.00 -5.95
N MET B 365 -42.95 22.24 -6.32
CA MET B 365 -41.72 21.92 -5.53
C MET B 365 -41.41 20.44 -5.26
N GLY B 366 -40.35 19.94 -5.89
CA GLY B 366 -39.93 18.57 -5.65
C GLY B 366 -41.05 17.59 -5.94
N PHE B 367 -41.27 16.64 -5.03
CA PHE B 367 -42.38 15.71 -5.22
C PHE B 367 -43.70 16.34 -4.77
N THR B 368 -44.73 16.24 -5.61
CA THR B 368 -46.09 16.53 -5.18
C THR B 368 -46.80 15.23 -4.81
N THR B 369 -46.56 14.18 -5.61
CA THR B 369 -47.02 12.83 -5.24
C THR B 369 -45.84 11.87 -5.19
N HIS B 370 -46.04 10.76 -4.49
CA HIS B 370 -44.98 9.76 -4.38
C HIS B 370 -45.63 8.41 -4.21
N HIS B 371 -45.03 7.40 -4.85
CA HIS B 371 -45.48 6.02 -4.72
C HIS B 371 -44.39 5.14 -4.11
N ALA B 372 -44.68 4.50 -2.97
CA ALA B 372 -43.76 3.49 -2.46
C ALA B 372 -43.97 2.19 -3.22
N VAL B 373 -42.92 1.69 -3.86
CA VAL B 373 -43.03 0.47 -4.68
C VAL B 373 -43.26 -0.77 -3.82
N VAL B 374 -44.22 -1.60 -4.22
CA VAL B 374 -44.46 -2.87 -3.54
C VAL B 374 -44.44 -4.01 -4.55
N ALA B 375 -44.58 -5.24 -4.03
CA ALA B 375 -44.51 -6.43 -4.85
C ALA B 375 -45.52 -6.45 -6.00
N GLY B 376 -46.75 -6.03 -5.72
CA GLY B 376 -47.82 -6.04 -6.71
C GLY B 376 -47.57 -5.17 -7.93
N ASP B 377 -46.68 -4.19 -7.77
CA ASP B 377 -46.38 -3.21 -8.82
C ASP B 377 -45.59 -3.77 -10.01
N LEU B 378 -44.77 -4.78 -9.75
CA LEU B 378 -43.76 -5.20 -10.72
C LEU B 378 -44.29 -6.08 -11.84
N SER B 379 -45.60 -6.33 -11.82
CA SER B 379 -46.23 -7.16 -12.85
C SER B 379 -46.78 -6.29 -13.98
N GLY B 380 -46.96 -5.01 -13.71
CA GLY B 380 -47.52 -4.09 -14.67
C GLY B 380 -46.53 -3.54 -15.67
N THR B 381 -47.02 -2.66 -16.53
CA THR B 381 -46.18 -2.04 -17.56
C THR B 381 -45.77 -0.64 -17.13
N ALA B 382 -46.54 -0.09 -16.19
CA ALA B 382 -46.28 1.26 -15.68
C ALA B 382 -46.27 1.30 -14.14
N LEU B 383 -45.38 2.12 -13.60
CA LEU B 383 -45.30 2.31 -12.16
C LEU B 383 -46.16 3.54 -11.78
N PRO B 384 -47.07 3.37 -10.79
CA PRO B 384 -47.93 4.49 -10.40
C PRO B 384 -47.10 5.64 -9.84
N ILE B 385 -47.65 6.85 -9.85
CA ILE B 385 -46.97 8.00 -9.27
C ILE B 385 -47.51 8.26 -7.86
N GLY B 386 -48.52 7.47 -7.49
CA GLY B 386 -48.91 7.35 -6.10
C GLY B 386 -49.88 8.39 -5.58
N VAL B 387 -49.56 8.96 -4.41
CA VAL B 387 -50.50 9.80 -3.66
C VAL B 387 -49.80 11.08 -3.18
N PRO B 388 -50.58 12.15 -2.93
CA PRO B 388 -49.93 13.42 -2.61
C PRO B 388 -49.19 13.40 -1.28
N LEU B 389 -48.11 14.17 -1.22
CA LEU B 389 -47.39 14.43 0.04
C LEU B 389 -48.36 15.09 1.02
N ALA B 390 -48.06 14.99 2.31
CA ALA B 390 -48.87 15.68 3.31
C ALA B 390 -48.81 17.17 3.00
N GLY B 391 -49.96 17.85 3.13
CA GLY B 391 -50.01 19.27 2.83
C GLY B 391 -50.11 19.62 1.35
N LYS B 392 -50.04 18.61 0.47
CA LYS B 392 -50.19 18.88 -0.96
C LYS B 392 -51.44 18.17 -1.49
N ARG B 393 -51.88 18.57 -2.68
CA ARG B 393 -53.10 18.02 -3.29
C ARG B 393 -52.86 17.74 -4.76
N ALA B 394 -53.52 16.71 -5.28
CA ALA B 394 -53.43 16.43 -6.71
C ALA B 394 -54.79 16.00 -7.23
N TYR B 395 -55.30 16.76 -8.20
CA TYR B 395 -56.59 16.46 -8.82
C TYR B 395 -56.38 15.94 -10.23
N VAL B 396 -57.26 15.05 -10.68
CA VAL B 396 -57.35 14.68 -12.09
C VAL B 396 -58.69 15.20 -12.64
N LEU B 397 -58.62 16.20 -13.50
CA LEU B 397 -59.85 16.89 -13.95
C LEU B 397 -60.13 16.72 -15.45
N ASP B 398 -61.42 16.71 -15.81
CA ASP B 398 -61.82 16.77 -17.22
C ASP B 398 -61.76 18.23 -17.70
N ASP B 399 -62.24 18.49 -18.91
CA ASP B 399 -62.14 19.84 -19.46
C ASP B 399 -63.18 20.80 -18.88
N ASP B 400 -64.06 20.27 -18.02
CA ASP B 400 -64.98 21.11 -17.25
C ASP B 400 -64.57 21.28 -15.78
N LEU B 401 -63.31 20.94 -15.50
CA LEU B 401 -62.74 21.06 -14.15
C LEU B 401 -63.46 20.21 -13.10
N LYS B 402 -64.11 19.13 -13.56
CA LYS B 402 -64.70 18.16 -12.65
C LYS B 402 -63.76 16.95 -12.54
N PRO B 403 -63.64 16.39 -11.33
CA PRO B 403 -62.80 15.20 -11.12
C PRO B 403 -63.18 14.05 -12.05
N ALA B 404 -62.16 13.33 -12.53
CA ALA B 404 -62.35 12.28 -13.53
C ALA B 404 -62.86 10.98 -12.93
N ALA B 405 -63.75 10.31 -13.66
CA ALA B 405 -64.18 8.96 -13.29
C ALA B 405 -62.95 8.08 -13.14
N ASN B 406 -62.97 7.17 -12.18
CA ASN B 406 -61.84 6.26 -11.96
C ASN B 406 -61.48 5.50 -13.24
N GLY B 407 -60.24 5.66 -13.68
CA GLY B 407 -59.79 5.08 -14.93
C GLY B 407 -59.96 6.04 -16.10
N ALA B 408 -60.87 7.00 -15.96
CA ALA B 408 -61.06 7.99 -17.01
C ALA B 408 -59.86 8.92 -17.06
N LEU B 409 -59.53 9.32 -18.28
CA LEU B 409 -58.38 10.16 -18.53
C LEU B 409 -58.75 11.61 -18.25
N GLY B 410 -57.87 12.31 -17.56
CA GLY B 410 -58.06 13.73 -17.28
C GLY B 410 -56.69 14.36 -17.17
N GLU B 411 -56.66 15.64 -16.79
CA GLU B 411 -55.38 16.34 -16.67
C GLU B 411 -55.08 16.61 -15.20
N LEU B 412 -53.82 16.41 -14.81
CA LEU B 412 -53.39 16.64 -13.43
C LEU B 412 -53.28 18.12 -13.11
N TYR B 413 -53.94 18.52 -12.03
CA TYR B 413 -53.71 19.83 -11.42
C TYR B 413 -53.23 19.57 -10.01
N VAL B 414 -52.21 20.31 -9.57
CA VAL B 414 -51.66 20.12 -8.22
C VAL B 414 -51.79 21.38 -7.38
N ALA B 415 -51.84 21.21 -6.06
CA ALA B 415 -52.13 22.33 -5.15
C ALA B 415 -51.46 22.15 -3.80
N GLY B 416 -51.62 23.15 -2.94
CA GLY B 416 -51.17 23.02 -1.57
C GLY B 416 -49.81 23.66 -1.32
N ALA B 417 -49.11 23.16 -0.31
CA ALA B 417 -47.99 23.89 0.27
C ALA B 417 -46.75 24.09 -0.62
N GLY B 418 -46.63 23.33 -1.70
CA GLY B 418 -45.44 23.42 -2.53
C GLY B 418 -45.55 24.47 -3.62
N LEU B 419 -46.73 25.09 -3.76
CA LEU B 419 -46.97 25.95 -4.92
C LEU B 419 -46.08 27.20 -4.91
N ALA B 420 -45.40 27.44 -6.02
CA ALA B 420 -44.66 28.69 -6.19
C ALA B 420 -45.60 29.88 -6.13
N HIS B 421 -45.02 31.07 -5.99
CA HIS B 421 -45.78 32.30 -6.12
C HIS B 421 -46.15 32.52 -7.58
N GLY B 422 -45.26 32.07 -8.47
CA GLY B 422 -45.51 32.19 -9.91
C GLY B 422 -44.21 32.28 -10.69
N TYR B 423 -44.29 32.86 -11.88
CA TYR B 423 -43.11 32.99 -12.74
C TYR B 423 -42.63 34.43 -12.68
N VAL B 424 -41.42 34.63 -12.16
CA VAL B 424 -40.91 35.99 -11.96
C VAL B 424 -40.98 36.80 -13.25
N SER B 425 -41.48 38.03 -13.16
CA SER B 425 -41.64 38.93 -14.30
C SER B 425 -42.65 38.47 -15.34
N ARG B 426 -43.38 37.39 -15.07
CA ARG B 426 -44.35 36.90 -16.05
C ARG B 426 -45.74 36.64 -15.46
N PRO B 427 -46.47 37.72 -15.15
CA PRO B 427 -47.82 37.66 -14.58
C PRO B 427 -48.84 36.95 -15.49
N ALA B 428 -48.83 37.24 -16.79
CA ALA B 428 -49.81 36.62 -17.68
C ALA B 428 -49.67 35.11 -17.71
N LEU B 429 -48.43 34.64 -17.87
CA LEU B 429 -48.17 33.21 -17.87
C LEU B 429 -48.50 32.58 -16.51
N THR B 430 -48.20 33.30 -15.43
CA THR B 430 -48.57 32.84 -14.10
C THR B 430 -50.08 32.67 -13.99
N ALA B 431 -50.82 33.68 -14.43
CA ALA B 431 -52.27 33.68 -14.30
C ALA B 431 -52.98 32.61 -15.15
N GLU B 432 -52.32 32.12 -16.20
CA GLU B 432 -52.93 31.09 -17.01
C GLU B 432 -52.59 29.66 -16.58
N ARG B 433 -51.61 29.52 -15.68
CA ARG B 433 -51.25 28.19 -15.18
C ARG B 433 -51.54 28.01 -13.67
N PHE B 434 -51.36 29.06 -12.90
CA PHE B 434 -51.67 29.02 -11.47
C PHE B 434 -53.07 29.58 -11.33
N VAL B 435 -54.06 28.72 -11.42
CA VAL B 435 -55.45 29.16 -11.52
C VAL B 435 -56.22 28.96 -10.21
N ALA B 436 -57.36 29.63 -10.08
CA ALA B 436 -58.20 29.50 -8.90
C ALA B 436 -58.59 28.04 -8.65
N ASP B 437 -58.53 27.59 -7.39
CA ASP B 437 -58.92 26.23 -7.03
C ASP B 437 -60.40 26.18 -6.64
N PRO B 438 -61.24 25.55 -7.49
CA PRO B 438 -62.68 25.53 -7.30
C PRO B 438 -63.11 24.56 -6.21
N PHE B 439 -62.16 23.83 -5.63
CA PHE B 439 -62.49 22.91 -4.54
C PHE B 439 -62.11 23.49 -3.16
N ALA B 440 -61.37 24.60 -3.15
CA ALA B 440 -60.76 25.13 -1.93
C ALA B 440 -61.72 25.90 -1.02
N GLY B 441 -61.49 25.80 0.29
CA GLY B 441 -62.31 26.45 1.32
C GLY B 441 -62.35 27.97 1.21
N PRO B 442 -63.06 28.62 2.15
CA PRO B 442 -63.45 30.05 2.15
C PRO B 442 -62.40 31.02 1.59
N GLY B 443 -61.14 30.89 2.00
CA GLY B 443 -60.08 31.71 1.44
C GLY B 443 -59.60 31.15 0.11
N GLY B 444 -59.42 32.03 -0.87
CA GLY B 444 -59.02 31.59 -2.19
C GLY B 444 -57.70 30.84 -2.19
N GLU B 445 -57.66 29.70 -2.87
CA GLU B 445 -56.39 29.06 -3.14
C GLU B 445 -56.25 28.82 -4.64
N ARG B 446 -55.08 28.35 -5.04
CA ARG B 446 -54.80 28.06 -6.44
C ARG B 446 -54.44 26.61 -6.66
N MET B 447 -54.43 26.22 -7.92
CA MET B 447 -53.95 24.92 -8.32
C MET B 447 -53.14 25.15 -9.58
N TYR B 448 -52.11 24.35 -9.79
CA TYR B 448 -51.27 24.50 -10.96
C TYR B 448 -51.64 23.47 -12.01
N ARG B 449 -51.94 23.95 -13.22
CA ARG B 449 -52.26 23.11 -14.38
C ARG B 449 -50.96 22.49 -14.96
N THR B 450 -50.83 21.17 -14.87
CA THR B 450 -49.54 20.52 -15.18
C THR B 450 -49.30 20.23 -16.66
N GLY B 451 -50.37 20.01 -17.41
CA GLY B 451 -50.24 19.57 -18.79
C GLY B 451 -50.05 18.07 -18.89
N ASP B 452 -50.08 17.38 -17.76
CA ASP B 452 -49.88 15.93 -17.72
C ASP B 452 -51.22 15.22 -17.69
N LEU B 453 -51.42 14.29 -18.60
CA LEU B 453 -52.62 13.47 -18.57
C LEU B 453 -52.42 12.35 -17.58
N ALA B 454 -53.50 11.93 -16.93
CA ALA B 454 -53.40 10.92 -15.88
C ALA B 454 -54.72 10.21 -15.63
N ARG B 455 -54.68 9.12 -14.87
N ARG B 455 -54.68 9.12 -14.87
CA ARG B 455 -55.89 8.46 -14.42
CA ARG B 455 -55.89 8.46 -14.42
C ARG B 455 -55.79 8.19 -12.94
C ARG B 455 -55.79 8.19 -12.94
N ARG B 456 -56.94 8.12 -12.26
CA ARG B 456 -56.95 7.77 -10.86
C ARG B 456 -57.50 6.36 -10.70
N ARG B 457 -56.78 5.57 -9.91
CA ARG B 457 -57.18 4.20 -9.62
C ARG B 457 -58.34 4.16 -8.64
N ALA B 458 -59.03 3.03 -8.59
CA ALA B 458 -60.16 2.84 -7.69
C ALA B 458 -59.76 3.10 -6.24
N ASP B 459 -58.55 2.70 -5.88
CA ASP B 459 -58.02 2.94 -4.53
C ASP B 459 -57.43 4.33 -4.36
N GLY B 460 -57.65 5.21 -5.34
CA GLY B 460 -57.17 6.59 -5.24
C GLY B 460 -55.77 6.85 -5.78
N VAL B 461 -55.00 5.79 -5.99
CA VAL B 461 -53.62 5.93 -6.47
C VAL B 461 -53.60 6.48 -7.90
N LEU B 462 -52.62 7.34 -8.19
CA LEU B 462 -52.55 8.01 -9.48
C LEU B 462 -51.64 7.33 -10.51
N GLU B 463 -52.14 7.22 -11.74
CA GLU B 463 -51.32 6.74 -12.85
C GLU B 463 -50.99 7.86 -13.81
N TYR B 464 -49.71 7.98 -14.14
CA TYR B 464 -49.27 8.97 -15.12
C TYR B 464 -49.45 8.40 -16.50
N VAL B 465 -50.05 9.20 -17.39
CA VAL B 465 -50.32 8.76 -18.76
C VAL B 465 -49.38 9.44 -19.75
N GLY B 466 -49.24 10.76 -19.63
CA GLY B 466 -48.33 11.48 -20.49
C GLY B 466 -48.90 12.76 -21.06
N ARG B 467 -48.30 13.23 -22.16
CA ARG B 467 -48.72 14.48 -22.78
C ARG B 467 -49.13 14.28 -24.23
N SER C 5 49.34 14.85 2.40
CA SER C 5 49.30 13.40 2.52
C SER C 5 49.59 12.69 1.20
N ASN C 6 48.91 13.10 0.14
CA ASN C 6 48.88 12.35 -1.12
C ASN C 6 48.96 13.21 -2.38
N PRO C 7 49.88 12.85 -3.30
CA PRO C 7 50.15 13.66 -4.49
C PRO C 7 49.12 13.50 -5.62
N PHE C 8 48.16 12.60 -5.45
CA PHE C 8 47.06 12.48 -6.42
C PHE C 8 45.92 13.44 -6.07
N GLU C 9 45.93 13.94 -4.84
CA GLU C 9 44.89 14.86 -4.39
C GLU C 9 45.37 16.31 -4.35
N GLU C 10 46.67 16.50 -4.18
CA GLU C 10 47.24 17.84 -4.14
C GLU C 10 48.72 17.81 -4.52
N TYR C 11 49.07 18.55 -5.58
CA TYR C 11 50.44 18.58 -6.04
C TYR C 11 50.82 19.95 -6.60
N ASP C 12 52.12 20.26 -6.55
CA ASP C 12 52.62 21.53 -7.06
C ASP C 12 52.61 21.58 -8.59
N GLY C 13 53.31 20.62 -9.21
CA GLY C 13 53.52 20.65 -10.65
C GLY C 13 52.32 20.33 -11.53
N GLY C 14 51.16 20.14 -10.92
CA GLY C 14 49.98 19.76 -11.68
C GLY C 14 50.05 18.30 -12.09
N HIS C 15 49.15 17.88 -12.97
CA HIS C 15 49.07 16.46 -13.30
C HIS C 15 49.02 16.13 -14.79
N VAL C 16 49.15 14.84 -15.09
CA VAL C 16 48.97 14.31 -16.44
C VAL C 16 48.03 13.11 -16.38
N VAL C 17 47.62 12.65 -17.55
CA VAL C 17 46.82 11.44 -17.65
C VAL C 17 47.63 10.37 -18.36
N LEU C 18 47.79 9.22 -17.72
CA LEU C 18 48.55 8.11 -18.29
C LEU C 18 47.60 7.03 -18.80
N THR C 19 48.03 6.30 -19.83
CA THR C 19 47.29 5.14 -20.30
C THR C 19 48.20 3.94 -20.49
N ASP C 20 47.64 2.75 -20.35
CA ASP C 20 48.38 1.52 -20.57
C ASP C 20 47.89 0.80 -21.83
N ALA C 21 48.45 -0.38 -22.09
CA ALA C 21 48.11 -1.13 -23.30
C ALA C 21 46.63 -1.54 -23.36
N LEU C 22 45.99 -1.58 -22.21
CA LEU C 22 44.60 -2.05 -22.12
C LEU C 22 43.57 -0.90 -22.11
N GLY C 23 44.04 0.32 -22.27
CA GLY C 23 43.16 1.47 -22.37
C GLY C 23 42.75 2.05 -21.03
N ARG C 24 43.41 1.62 -19.98
CA ARG C 24 43.09 2.12 -18.65
C ARG C 24 43.75 3.46 -18.41
N HIS C 25 43.08 4.33 -17.67
CA HIS C 25 43.60 5.66 -17.38
C HIS C 25 44.06 5.76 -15.95
N SER C 26 45.19 6.44 -15.75
CA SER C 26 45.63 6.80 -14.40
C SER C 26 45.92 8.29 -14.34
N LEU C 27 45.49 8.92 -13.26
CA LEU C 27 45.96 10.27 -12.95
C LEU C 27 47.42 10.12 -12.51
N TRP C 28 48.26 11.10 -12.83
CA TRP C 28 49.66 11.04 -12.40
C TRP C 28 50.23 12.42 -12.14
N PRO C 29 51.00 12.57 -11.05
CA PRO C 29 51.63 13.86 -10.79
C PRO C 29 52.77 14.08 -11.78
N ALA C 30 52.80 15.22 -12.45
CA ALA C 30 53.89 15.54 -13.36
C ALA C 30 55.15 15.78 -12.55
N GLY C 31 56.30 15.36 -13.08
CA GLY C 31 57.54 15.54 -12.35
C GLY C 31 57.82 14.36 -11.43
N ILE C 32 56.94 13.37 -11.46
CA ILE C 32 57.25 12.06 -10.93
C ILE C 32 57.40 11.16 -12.14
N ALA C 33 58.47 10.38 -12.18
CA ALA C 33 58.77 9.50 -13.32
C ALA C 33 57.55 8.66 -13.74
N VAL C 34 57.32 8.57 -15.05
CA VAL C 34 56.21 7.78 -15.59
C VAL C 34 56.60 6.31 -15.66
N PRO C 35 55.88 5.45 -14.92
CA PRO C 35 56.17 4.01 -14.81
C PRO C 35 56.17 3.29 -16.17
N ALA C 36 56.94 2.22 -16.26
CA ALA C 36 57.02 1.41 -17.48
C ALA C 36 55.65 0.91 -17.91
N GLY C 37 55.38 0.96 -19.22
CA GLY C 37 54.14 0.45 -19.76
C GLY C 37 53.00 1.46 -19.75
N TRP C 38 53.30 2.69 -19.33
CA TRP C 38 52.31 3.76 -19.30
C TRP C 38 52.73 4.91 -20.19
N SER C 39 51.82 5.37 -21.03
CA SER C 39 52.09 6.51 -21.90
C SER C 39 51.31 7.73 -21.43
N VAL C 40 51.90 8.90 -21.58
CA VAL C 40 51.20 10.15 -21.33
C VAL C 40 50.19 10.35 -22.45
N ARG C 41 48.96 10.73 -22.10
CA ARG C 41 47.90 10.93 -23.08
C ARG C 41 47.28 12.33 -23.00
N HIS C 42 47.58 13.04 -21.93
CA HIS C 42 47.07 14.40 -21.71
C HIS C 42 47.83 15.05 -20.56
N GLY C 43 48.11 16.34 -20.69
CA GLY C 43 48.88 17.05 -19.68
C GLY C 43 50.11 17.69 -20.27
N THR C 44 50.82 18.50 -19.48
CA THR C 44 50.45 18.75 -18.09
C THR C 44 49.27 19.72 -17.99
N ASP C 45 48.49 19.57 -16.92
CA ASP C 45 47.26 20.32 -16.72
C ASP C 45 46.97 20.33 -15.22
N SER C 46 45.90 21.01 -14.82
CA SER C 46 45.45 20.90 -13.44
C SER C 46 44.79 19.54 -13.25
N ARG C 47 44.56 19.18 -11.99
CA ARG C 47 43.86 17.95 -11.64
C ARG C 47 42.49 17.91 -12.32
N GLU C 48 41.73 18.99 -12.15
CA GLU C 48 40.40 19.13 -12.73
C GLU C 48 40.43 19.03 -14.26
N GLY C 49 41.49 19.56 -14.88
CA GLY C 49 41.68 19.42 -16.31
C GLY C 49 41.87 17.97 -16.71
N CYS C 50 42.76 17.26 -16.02
CA CYS C 50 43.00 15.85 -16.29
C CYS C 50 41.77 14.99 -16.03
N LEU C 51 41.16 15.17 -14.87
CA LEU C 51 39.98 14.38 -14.48
C LEU C 51 38.86 14.53 -15.49
N ALA C 52 38.53 15.78 -15.81
CA ALA C 52 37.49 16.06 -16.80
C ALA C 52 37.79 15.39 -18.13
N HIS C 53 39.07 15.33 -18.49
CA HIS C 53 39.51 14.63 -19.69
C HIS C 53 39.18 13.13 -19.61
N ILE C 54 39.62 12.50 -18.54
CA ILE C 54 39.33 11.08 -18.28
C ILE C 54 37.83 10.79 -18.32
N GLU C 55 37.06 11.66 -17.67
CA GLU C 55 35.59 11.53 -17.62
C GLU C 55 35.00 11.42 -19.02
N HIS C 56 35.50 12.25 -19.93
CA HIS C 56 35.00 12.25 -21.29
C HIS C 56 35.52 11.08 -22.11
N HIS C 57 36.77 10.67 -21.86
CA HIS C 57 37.44 9.68 -22.72
C HIS C 57 37.36 8.21 -22.27
N TRP C 58 37.28 7.98 -20.97
CA TRP C 58 37.28 6.62 -20.47
C TRP C 58 35.85 6.09 -20.27
N THR C 59 35.25 5.61 -21.36
CA THR C 59 33.85 5.21 -21.38
C THR C 59 33.57 3.79 -20.91
N ASP C 60 34.54 2.90 -21.09
CA ASP C 60 34.40 1.51 -20.69
C ASP C 60 35.61 1.09 -19.87
N LEU C 61 35.36 0.72 -18.62
CA LEU C 61 36.43 0.39 -17.68
C LEU C 61 37.05 -0.96 -18.00
N ARG C 62 36.32 -1.78 -18.76
CA ARG C 62 36.79 -3.08 -19.17
C ARG C 62 38.06 -2.95 -20.01
N PRO C 63 39.09 -3.72 -19.66
CA PRO C 63 40.36 -3.74 -20.40
C PRO C 63 40.13 -4.30 -21.79
N THR C 64 40.88 -3.81 -22.77
CA THR C 64 40.69 -4.24 -24.16
C THR C 64 41.52 -5.48 -24.51
N GLY C 65 41.23 -6.07 -25.67
CA GLY C 65 41.86 -7.31 -26.08
C GLY C 65 43.38 -7.28 -26.16
N PRO C 66 44.04 -8.12 -25.33
CA PRO C 66 45.50 -8.20 -25.33
C PRO C 66 46.01 -9.00 -26.52
N ALA C 67 47.33 -9.01 -26.71
CA ALA C 67 47.93 -9.87 -27.73
C ALA C 67 47.75 -11.34 -27.36
N VAL C 68 47.85 -12.22 -28.36
CA VAL C 68 47.86 -13.66 -28.13
C VAL C 68 48.97 -14.01 -27.14
N GLU C 69 50.13 -13.37 -27.34
CA GLU C 69 51.31 -13.59 -26.51
C GLU C 69 51.14 -13.17 -25.04
N ARG C 70 50.05 -12.47 -24.73
CA ARG C 70 49.75 -12.07 -23.36
C ARG C 70 48.35 -12.50 -22.91
N ALA C 71 47.75 -13.44 -23.64
CA ALA C 71 46.45 -13.97 -23.26
C ALA C 71 46.51 -14.59 -21.87
N PRO C 72 45.63 -14.14 -20.97
CA PRO C 72 45.66 -14.62 -19.59
C PRO C 72 45.19 -16.06 -19.45
N ALA C 73 45.97 -16.88 -18.75
CA ALA C 73 45.52 -18.22 -18.39
C ALA C 73 44.60 -18.10 -17.18
N GLY C 74 43.76 -19.10 -16.94
CA GLY C 74 42.91 -19.05 -15.77
C GLY C 74 41.46 -19.44 -16.03
N ALA C 75 40.89 -20.15 -15.06
CA ALA C 75 39.52 -20.59 -15.14
C ALA C 75 38.63 -19.54 -14.49
N CYS C 76 37.39 -19.47 -14.93
CA CYS C 76 36.40 -18.59 -14.31
C CYS C 76 35.81 -19.25 -13.06
N VAL C 77 35.20 -18.45 -12.20
CA VAL C 77 34.62 -18.94 -10.95
C VAL C 77 33.64 -20.11 -11.14
N HIS C 78 32.69 -19.94 -12.05
CA HIS C 78 31.68 -20.99 -12.25
C HIS C 78 32.28 -22.25 -12.86
N GLU C 79 33.36 -22.12 -13.63
CA GLU C 79 34.01 -23.29 -14.20
C GLU C 79 34.69 -24.10 -13.10
N LEU C 80 35.24 -23.42 -12.11
CA LEU C 80 35.83 -24.11 -10.97
C LEU C 80 34.74 -24.78 -10.15
N PHE C 81 33.61 -24.11 -9.99
CA PHE C 81 32.47 -24.71 -9.31
C PHE C 81 31.95 -25.92 -10.10
N GLU C 82 31.85 -25.79 -11.41
CA GLU C 82 31.43 -26.91 -12.25
C GLU C 82 32.31 -28.14 -12.10
N ALA C 83 33.62 -27.96 -12.00
CA ALA C 83 34.51 -29.10 -11.81
C ALA C 83 34.25 -29.77 -10.45
N GLN C 84 33.97 -28.98 -9.41
CA GLN C 84 33.65 -29.54 -8.09
C GLN C 84 32.35 -30.31 -8.14
N ALA C 85 31.35 -29.75 -8.81
CA ALA C 85 30.05 -30.40 -8.97
C ALA C 85 30.15 -31.72 -9.74
N ALA C 86 31.01 -31.77 -10.76
CA ALA C 86 31.20 -33.01 -11.48
C ALA C 86 32.00 -34.05 -10.66
N ARG C 87 32.93 -33.56 -9.85
CA ARG C 87 33.76 -34.46 -9.06
C ARG C 87 32.93 -35.15 -7.98
N ALA C 88 32.04 -34.40 -7.33
CA ALA C 88 31.27 -34.96 -6.23
C ALA C 88 29.88 -34.33 -6.17
N PRO C 89 29.00 -34.75 -7.09
CA PRO C 89 27.70 -34.07 -7.20
C PRO C 89 26.81 -34.27 -6.00
N ASP C 90 27.05 -35.32 -5.20
CA ASP C 90 26.15 -35.62 -4.09
C ASP C 90 26.63 -35.05 -2.77
N ALA C 91 27.77 -34.37 -2.79
CA ALA C 91 28.21 -33.64 -1.62
C ALA C 91 27.26 -32.47 -1.39
N VAL C 92 27.10 -32.07 -0.14
CA VAL C 92 26.23 -30.96 0.19
C VAL C 92 26.95 -29.64 -0.06
N ALA C 93 26.34 -28.75 -0.85
CA ALA C 93 26.90 -27.42 -1.10
C ALA C 93 26.36 -26.37 -0.11
N LEU C 94 25.03 -26.29 -0.01
CA LEU C 94 24.38 -25.24 0.76
C LEU C 94 23.47 -25.81 1.84
N LEU C 95 23.47 -25.17 3.00
CA LEU C 95 22.50 -25.50 4.04
C LEU C 95 21.80 -24.22 4.42
N HIS C 96 20.48 -24.28 4.53
CA HIS C 96 19.73 -23.11 4.97
C HIS C 96 18.52 -23.59 5.78
N GLU C 97 18.42 -23.12 7.01
CA GLU C 97 17.45 -23.65 7.98
C GLU C 97 17.48 -25.19 7.99
N ALA C 98 16.35 -25.84 7.75
CA ALA C 98 16.31 -27.31 7.75
C ALA C 98 16.67 -27.96 6.42
N ASP C 99 16.96 -27.14 5.40
CA ASP C 99 17.13 -27.67 4.05
C ASP C 99 18.59 -27.81 3.63
N GLU C 100 18.83 -28.71 2.68
CA GLU C 100 20.18 -28.89 2.13
C GLU C 100 20.08 -28.96 0.61
N LEU C 101 21.15 -28.54 -0.06
CA LEU C 101 21.18 -28.57 -1.52
C LEU C 101 22.55 -29.10 -1.93
N THR C 102 22.58 -30.15 -2.75
CA THR C 102 23.86 -30.73 -3.14
C THR C 102 24.53 -29.92 -4.24
N TYR C 103 25.81 -30.21 -4.47
CA TYR C 103 26.55 -29.61 -5.57
C TYR C 103 25.86 -29.85 -6.91
N GLY C 104 25.47 -31.11 -7.14
CA GLY C 104 24.80 -31.50 -8.37
C GLY C 104 23.49 -30.77 -8.55
N ALA C 105 22.68 -30.73 -7.50
CA ALA C 105 21.39 -30.06 -7.57
C ALA C 105 21.57 -28.56 -7.81
N LEU C 106 22.53 -27.96 -7.10
CA LEU C 106 22.80 -26.53 -7.28
C LEU C 106 23.24 -26.24 -8.72
N ASN C 107 24.15 -27.07 -9.22
CA ASN C 107 24.63 -26.90 -10.58
C ASN C 107 23.48 -26.98 -11.59
N GLU C 108 22.60 -27.96 -11.40
CA GLU C 108 21.48 -28.11 -12.33
C GLU C 108 20.54 -26.91 -12.31
N ARG C 109 20.19 -26.45 -11.10
CA ARG C 109 19.27 -25.32 -10.99
C ARG C 109 19.89 -24.07 -11.58
N ALA C 110 21.17 -23.83 -11.29
CA ALA C 110 21.84 -22.65 -11.86
C ALA C 110 21.95 -22.74 -13.39
N ASN C 111 22.17 -23.93 -13.94
CA ASN C 111 22.22 -24.09 -15.40
C ASN C 111 20.87 -23.79 -16.02
N ARG C 112 19.80 -24.29 -15.39
CA ARG C 112 18.46 -24.04 -15.94
C ARG C 112 18.21 -22.53 -15.99
N LEU C 113 18.60 -21.83 -14.95
CA LEU C 113 18.40 -20.37 -14.92
C LEU C 113 19.33 -19.66 -15.88
N ALA C 114 20.57 -20.13 -15.99
CA ALA C 114 21.55 -19.54 -16.91
C ALA C 114 21.05 -19.61 -18.35
N HIS C 115 20.45 -20.73 -18.73
CA HIS C 115 19.92 -20.82 -20.08
C HIS C 115 18.81 -19.79 -20.30
N ARG C 116 17.98 -19.58 -19.29
CA ARG C 116 16.94 -18.56 -19.38
C ARG C 116 17.57 -17.18 -19.53
N LEU C 117 18.60 -16.91 -18.72
CA LEU C 117 19.31 -15.63 -18.80
C LEU C 117 19.90 -15.40 -20.19
N VAL C 118 20.48 -16.45 -20.77
CA VAL C 118 21.02 -16.32 -22.13
C VAL C 118 19.94 -15.96 -23.16
N GLY C 119 18.76 -16.58 -23.02
CA GLY C 119 17.64 -16.25 -23.89
C GLY C 119 17.15 -14.82 -23.77
N LEU C 120 17.50 -14.15 -22.68
CA LEU C 120 17.12 -12.76 -22.48
C LEU C 120 18.25 -11.80 -22.86
N GLY C 121 19.36 -12.35 -23.34
CA GLY C 121 20.46 -11.52 -23.81
C GLY C 121 21.69 -11.42 -22.92
N VAL C 122 21.77 -12.18 -21.83
CA VAL C 122 22.96 -12.07 -20.96
C VAL C 122 24.17 -12.67 -21.70
N ALA C 123 25.30 -12.00 -21.62
CA ALA C 123 26.53 -12.44 -22.29
C ALA C 123 27.65 -11.68 -21.62
N PRO C 124 28.92 -12.08 -21.86
CA PRO C 124 30.04 -11.30 -21.29
C PRO C 124 29.88 -9.82 -21.63
N GLY C 125 30.08 -8.93 -20.66
CA GLY C 125 29.80 -7.53 -20.87
C GLY C 125 28.46 -7.07 -20.28
N THR C 126 27.57 -8.02 -19.99
CA THR C 126 26.26 -7.73 -19.36
C THR C 126 26.34 -7.87 -17.85
N LEU C 127 25.69 -6.96 -17.15
CA LEU C 127 25.55 -7.06 -15.69
C LEU C 127 24.09 -7.41 -15.37
N VAL C 128 23.87 -8.13 -14.28
CA VAL C 128 22.52 -8.54 -13.89
C VAL C 128 22.36 -8.28 -12.40
N GLY C 129 21.31 -7.56 -12.03
CA GLY C 129 21.06 -7.33 -10.61
C GLY C 129 20.37 -8.54 -10.00
N VAL C 130 20.74 -8.85 -8.76
CA VAL C 130 20.09 -9.94 -8.04
C VAL C 130 19.49 -9.39 -6.76
N HIS C 131 18.16 -9.35 -6.70
CA HIS C 131 17.45 -8.79 -5.55
C HIS C 131 16.67 -9.93 -4.87
N LEU C 132 17.36 -10.63 -3.98
CA LEU C 132 16.81 -11.81 -3.28
C LEU C 132 17.26 -11.84 -1.83
N GLU C 133 16.39 -12.36 -0.97
CA GLU C 133 16.78 -12.60 0.42
C GLU C 133 17.77 -13.75 0.46
N ARG C 134 18.56 -13.82 1.53
CA ARG C 134 19.60 -14.85 1.61
C ARG C 134 18.94 -16.23 1.75
N GLY C 135 19.42 -17.18 0.96
CA GLY C 135 18.82 -18.51 0.86
C GLY C 135 19.31 -19.18 -0.42
N PHE C 136 18.81 -20.36 -0.74
CA PHE C 136 19.32 -21.07 -1.93
C PHE C 136 19.16 -20.27 -3.22
N ASP C 137 17.99 -19.67 -3.43
CA ASP C 137 17.72 -18.94 -4.67
C ASP C 137 18.75 -17.85 -4.93
N MET C 138 19.19 -17.18 -3.86
CA MET C 138 20.26 -16.20 -4.00
C MET C 138 21.49 -16.79 -4.68
N VAL C 139 21.93 -17.95 -4.20
CA VAL C 139 23.14 -18.58 -4.72
C VAL C 139 22.90 -19.13 -6.13
N VAL C 140 21.73 -19.75 -6.34
CA VAL C 140 21.35 -20.21 -7.67
C VAL C 140 21.43 -19.06 -8.68
N ALA C 141 20.88 -17.91 -8.31
CA ALA C 141 20.83 -16.75 -9.20
C ALA C 141 22.23 -16.21 -9.54
N LEU C 142 23.05 -15.98 -8.53
CA LEU C 142 24.35 -15.41 -8.84
C LEU C 142 25.21 -16.38 -9.64
N LEU C 143 25.16 -17.68 -9.31
CA LEU C 143 25.88 -18.68 -10.12
C LEU C 143 25.35 -18.72 -11.54
N ALA C 144 24.03 -18.61 -11.70
CA ALA C 144 23.48 -18.62 -13.06
C ALA C 144 23.98 -17.43 -13.87
N VAL C 145 24.08 -16.27 -13.24
CA VAL C 145 24.59 -15.09 -13.94
C VAL C 145 26.03 -15.32 -14.42
N LEU C 146 26.87 -15.86 -13.54
CA LEU C 146 28.24 -16.23 -13.92
C LEU C 146 28.28 -17.25 -15.05
N LYS C 147 27.46 -18.29 -14.93
CA LYS C 147 27.41 -19.33 -15.96
C LYS C 147 27.01 -18.77 -17.30
N ALA C 148 26.15 -17.75 -17.30
CA ALA C 148 25.71 -17.13 -18.56
C ALA C 148 26.77 -16.18 -19.13
N GLY C 149 27.87 -16.04 -18.40
CA GLY C 149 28.96 -15.19 -18.87
C GLY C 149 28.87 -13.75 -18.38
N GLY C 150 27.88 -13.45 -17.54
CA GLY C 150 27.71 -12.07 -17.09
C GLY C 150 28.31 -11.83 -15.72
N GLY C 151 28.11 -10.63 -15.20
CA GLY C 151 28.53 -10.30 -13.85
C GLY C 151 27.30 -9.95 -13.02
N TYR C 152 27.31 -10.31 -11.74
CA TYR C 152 26.15 -10.07 -10.90
C TYR C 152 26.39 -8.85 -10.03
N THR C 153 25.32 -8.19 -9.60
CA THR C 153 25.42 -7.27 -8.50
C THR C 153 24.34 -7.61 -7.48
N MET C 154 24.76 -7.90 -6.25
CA MET C 154 23.80 -8.30 -5.24
C MET C 154 23.12 -7.04 -4.71
N LEU C 155 21.80 -7.03 -4.79
CA LEU C 155 21.02 -5.93 -4.27
C LEU C 155 20.42 -6.38 -2.95
N ASP C 156 21.06 -5.98 -1.85
CA ASP C 156 20.70 -6.43 -0.51
C ASP C 156 19.34 -5.84 -0.09
N PRO C 157 18.32 -6.70 0.05
CA PRO C 157 16.97 -6.21 0.36
C PRO C 157 16.84 -5.49 1.70
N GLN C 158 17.86 -5.55 2.55
CA GLN C 158 17.80 -4.81 3.80
C GLN C 158 17.88 -3.30 3.54
N PHE C 159 18.37 -2.91 2.37
CA PHE C 159 18.56 -1.49 2.06
C PHE C 159 17.34 -0.81 1.47
N PRO C 160 17.22 0.52 1.66
CA PRO C 160 16.07 1.23 1.11
C PRO C 160 16.07 1.11 -0.40
N VAL C 161 14.88 1.13 -1.03
CA VAL C 161 14.82 0.87 -2.47
C VAL C 161 15.47 2.01 -3.26
N GLU C 162 15.41 3.23 -2.71
CA GLU C 162 16.07 4.37 -3.34
C GLU C 162 17.55 4.09 -3.55
N ARG C 163 18.19 3.51 -2.53
CA ARG C 163 19.61 3.21 -2.62
C ARG C 163 19.88 2.06 -3.57
N LEU C 164 19.03 1.04 -3.53
CA LEU C 164 19.19 -0.09 -4.44
C LEU C 164 18.98 0.35 -5.88
N ALA C 165 17.99 1.21 -6.12
CA ALA C 165 17.69 1.66 -7.47
C ALA C 165 18.87 2.45 -8.02
N LEU C 166 19.40 3.33 -7.19
CA LEU C 166 20.54 4.15 -7.57
C LEU C 166 21.74 3.28 -7.97
N SER C 167 22.05 2.27 -7.15
CA SER C 167 23.15 1.37 -7.42
C SER C 167 22.92 0.60 -8.71
N LEU C 168 21.72 0.06 -8.84
CA LEU C 168 21.37 -0.69 -10.05
C LEU C 168 21.52 0.20 -11.28
N GLU C 169 21.06 1.44 -11.16
CA GLU C 169 21.24 2.44 -12.22
C GLU C 169 22.71 2.65 -12.60
N ASP C 170 23.59 2.76 -11.61
CA ASP C 170 25.02 2.96 -11.88
C ASP C 170 25.66 1.82 -12.67
N THR C 171 25.21 0.59 -12.41
CA THR C 171 25.79 -0.57 -13.10
C THR C 171 25.38 -0.63 -14.57
N GLY C 172 24.20 -0.09 -14.87
CA GLY C 172 23.65 -0.16 -16.21
C GLY C 172 23.08 -1.53 -16.54
N ALA C 173 22.92 -2.37 -15.53
CA ALA C 173 22.34 -3.71 -15.72
C ALA C 173 20.98 -3.63 -16.38
N PRO C 174 20.80 -4.36 -17.49
CA PRO C 174 19.51 -4.32 -18.17
C PRO C 174 18.54 -5.38 -17.63
N LEU C 175 18.99 -6.19 -16.68
CA LEU C 175 18.19 -7.30 -16.16
C LEU C 175 18.26 -7.40 -14.65
N LEU C 176 17.14 -7.76 -14.05
CA LEU C 176 17.05 -7.94 -12.60
C LEU C 176 16.46 -9.33 -12.33
N VAL C 177 17.10 -10.10 -11.47
CA VAL C 177 16.51 -11.33 -10.96
C VAL C 177 15.94 -11.06 -9.57
N THR C 178 14.67 -11.39 -9.36
CA THR C 178 14.06 -11.22 -8.03
C THR C 178 13.06 -12.33 -7.72
N SER C 179 12.28 -12.17 -6.65
CA SER C 179 11.34 -13.20 -6.20
C SER C 179 9.96 -12.60 -6.19
N ARG C 180 8.94 -13.45 -6.18
CA ARG C 180 7.58 -12.95 -6.13
C ARG C 180 7.26 -12.04 -4.91
N PRO C 181 7.75 -12.38 -3.71
CA PRO C 181 7.49 -11.48 -2.58
C PRO C 181 8.14 -10.10 -2.73
N LEU C 182 9.26 -10.03 -3.44
CA LEU C 182 10.02 -8.78 -3.55
C LEU C 182 9.62 -8.00 -4.81
N SER C 183 8.70 -8.56 -5.59
CA SER C 183 8.28 -7.97 -6.85
C SER C 183 7.66 -6.60 -6.67
N GLY C 184 8.08 -5.64 -7.50
CA GLY C 184 7.48 -4.32 -7.43
C GLY C 184 8.28 -3.33 -6.59
N ARG C 185 9.27 -3.83 -5.85
CA ARG C 185 10.13 -2.94 -5.06
C ARG C 185 11.06 -2.11 -5.95
N LEU C 186 11.70 -2.77 -6.90
CA LEU C 186 12.55 -2.11 -7.89
C LEU C 186 11.83 -2.16 -9.25
N THR C 187 11.64 -1.00 -9.87
CA THR C 187 10.87 -0.93 -11.12
C THR C 187 11.75 -0.44 -12.27
N GLY C 188 11.24 -0.50 -13.49
CA GLY C 188 11.92 0.06 -14.63
C GLY C 188 13.08 -0.75 -15.20
N THR C 189 13.35 -1.92 -14.63
CA THR C 189 14.35 -2.83 -15.18
C THR C 189 13.67 -4.15 -15.51
N THR C 190 13.92 -4.68 -16.70
CA THR C 190 13.36 -5.97 -17.11
C THR C 190 13.68 -7.02 -16.05
N THR C 191 12.66 -7.77 -15.65
CA THR C 191 12.75 -8.56 -14.43
C THR C 191 12.40 -10.02 -14.68
N LEU C 192 13.22 -10.94 -14.20
CA LEU C 192 12.81 -12.32 -14.24
C LEU C 192 12.83 -12.94 -12.85
N TYR C 193 12.06 -14.00 -12.70
CA TYR C 193 11.84 -14.61 -11.41
C TYR C 193 12.61 -15.90 -11.28
N VAL C 194 13.21 -16.07 -10.11
CA VAL C 194 14.20 -17.12 -9.91
C VAL C 194 13.51 -18.45 -9.78
N GLU C 195 12.20 -18.42 -9.50
CA GLU C 195 11.44 -19.63 -9.22
C GLU C 195 11.51 -20.64 -10.38
N ASP C 196 11.87 -21.87 -10.04
CA ASP C 196 12.03 -22.94 -11.01
C ASP C 196 10.91 -23.98 -10.88
N PRO C 203 16.67 -27.79 -20.32
CA PRO C 203 18.12 -27.70 -20.58
C PRO C 203 18.88 -27.32 -19.32
N ALA C 204 19.78 -28.21 -18.88
CA ALA C 204 20.43 -28.08 -17.58
C ALA C 204 21.94 -28.37 -17.58
N GLY C 205 22.57 -28.34 -18.75
CA GLY C 205 24.01 -28.56 -18.85
C GLY C 205 24.83 -27.28 -18.84
N ASN C 206 26.10 -27.37 -18.44
CA ASN C 206 26.98 -26.20 -18.37
C ASN C 206 27.06 -25.51 -19.73
N LEU C 207 27.24 -24.19 -19.73
CA LEU C 207 27.18 -23.37 -20.94
C LEU C 207 28.54 -22.85 -21.45
N ALA C 208 28.72 -22.83 -22.77
CA ALA C 208 29.84 -22.10 -23.38
C ALA C 208 29.35 -20.70 -23.72
N THR C 209 30.03 -19.67 -23.22
CA THR C 209 29.58 -18.30 -23.42
C THR C 209 30.65 -17.34 -23.90
N GLY C 210 31.87 -17.83 -24.08
CA GLY C 210 32.96 -16.95 -24.46
C GLY C 210 33.44 -16.05 -23.33
N VAL C 211 33.17 -16.44 -22.10
CA VAL C 211 33.63 -15.67 -20.94
C VAL C 211 35.10 -15.99 -20.62
N GLY C 212 35.84 -15.02 -20.09
CA GLY C 212 37.24 -15.20 -19.74
C GLY C 212 37.54 -14.63 -18.36
N PRO C 213 38.76 -14.89 -17.84
CA PRO C 213 39.11 -14.48 -16.47
C PRO C 213 39.09 -12.96 -16.24
N GLU C 214 39.32 -12.16 -17.27
CA GLU C 214 39.25 -10.70 -17.11
C GLU C 214 37.84 -10.14 -17.30
N ASP C 215 36.87 -11.00 -17.60
CA ASP C 215 35.48 -10.55 -17.65
C ASP C 215 34.94 -10.27 -16.25
N VAL C 216 33.99 -9.34 -16.17
CA VAL C 216 33.45 -8.93 -14.87
C VAL C 216 32.67 -10.07 -14.20
N ALA C 217 32.99 -10.36 -12.93
CA ALA C 217 32.23 -11.36 -12.19
C ALA C 217 31.17 -10.69 -11.29
N CYS C 218 31.54 -9.58 -10.67
CA CYS C 218 30.63 -8.92 -9.74
C CYS C 218 30.84 -7.41 -9.66
N VAL C 219 29.81 -6.71 -9.20
CA VAL C 219 29.95 -5.31 -8.83
C VAL C 219 29.46 -5.22 -7.39
N MET C 220 30.27 -4.66 -6.50
CA MET C 220 29.95 -4.64 -5.09
C MET C 220 29.67 -3.21 -4.63
N PHE C 221 28.62 -3.06 -3.81
CA PHE C 221 28.28 -1.77 -3.20
C PHE C 221 28.25 -1.95 -1.70
N THR C 222 28.83 -1.00 -0.97
CA THR C 222 29.01 -1.19 0.46
C THR C 222 27.72 -1.23 1.26
N SER C 223 27.74 -2.00 2.34
CA SER C 223 26.60 -2.16 3.23
C SER C 223 26.60 -1.10 4.34
N GLY C 224 27.70 -0.38 4.46
CA GLY C 224 27.85 0.61 5.50
C GLY C 224 27.37 1.99 5.10
N SER C 225 28.03 2.57 4.10
CA SER C 225 27.87 3.99 3.76
C SER C 225 26.45 4.48 3.48
N THR C 226 26.33 5.79 3.40
CA THR C 226 25.06 6.48 3.20
C THR C 226 25.26 7.50 2.08
N GLY C 227 26.51 7.70 1.70
CA GLY C 227 26.87 8.59 0.61
C GLY C 227 26.56 8.00 -0.76
N ARG C 228 27.00 8.68 -1.81
CA ARG C 228 26.76 8.26 -3.18
C ARG C 228 27.33 6.87 -3.48
N PRO C 229 26.49 5.97 -4.01
CA PRO C 229 26.92 4.60 -4.33
C PRO C 229 28.22 4.54 -5.12
N LYS C 230 29.08 3.59 -4.73
CA LYS C 230 30.38 3.40 -5.34
C LYS C 230 30.50 1.91 -5.71
N GLY C 231 30.27 1.60 -6.98
CA GLY C 231 30.24 0.19 -7.41
C GLY C 231 31.59 -0.35 -7.83
N VAL C 232 32.15 -1.22 -7.00
CA VAL C 232 33.46 -1.82 -7.30
C VAL C 232 33.27 -3.01 -8.24
N MET C 233 33.77 -2.85 -9.47
CA MET C 233 33.56 -3.86 -10.53
C MET C 233 34.80 -4.75 -10.66
N SER C 234 34.66 -6.03 -10.36
CA SER C 234 35.81 -6.92 -10.24
C SER C 234 35.72 -8.12 -11.19
N PRO C 235 36.86 -8.52 -11.78
CA PRO C 235 36.83 -9.65 -12.73
C PRO C 235 36.87 -11.00 -12.02
N HIS C 236 36.51 -12.05 -12.73
CA HIS C 236 36.67 -13.42 -12.24
C HIS C 236 38.04 -13.64 -11.58
N ARG C 237 39.07 -13.18 -12.26
CA ARG C 237 40.46 -13.32 -11.83
C ARG C 237 40.69 -12.81 -10.41
N ALA C 238 39.97 -11.76 -10.03
CA ALA C 238 40.13 -11.18 -8.69
C ALA C 238 39.54 -12.09 -7.61
N LEU C 239 38.42 -12.72 -7.92
CA LEU C 239 37.83 -13.69 -7.01
C LEU C 239 38.76 -14.91 -6.87
N THR C 240 39.14 -15.50 -8.00
CA THR C 240 39.98 -16.71 -7.96
C THR C 240 41.34 -16.43 -7.33
N GLY C 241 41.92 -15.27 -7.63
CA GLY C 241 43.20 -14.91 -7.05
C GLY C 241 43.15 -14.72 -5.55
N THR C 242 41.94 -14.53 -5.02
CA THR C 242 41.79 -14.31 -3.57
C THR C 242 41.49 -15.61 -2.82
N TYR C 243 40.70 -16.50 -3.41
CA TYR C 243 40.25 -17.70 -2.70
C TYR C 243 40.99 -18.98 -3.10
N LEU C 244 41.71 -18.92 -4.22
CA LEU C 244 42.54 -20.04 -4.62
C LEU C 244 44.02 -19.83 -4.26
N GLY C 245 44.70 -20.92 -3.89
CA GLY C 245 46.13 -20.86 -3.65
C GLY C 245 46.53 -20.05 -2.43
N GLN C 246 45.64 -19.98 -1.45
CA GLN C 246 45.94 -19.27 -0.22
C GLN C 246 45.96 -20.23 0.97
N ASP C 247 46.65 -19.85 2.06
CA ASP C 247 46.75 -20.72 3.23
C ASP C 247 46.48 -20.01 4.56
N TYR C 248 45.80 -18.87 4.53
CA TYR C 248 45.51 -18.13 5.75
C TYR C 248 44.43 -18.82 6.57
N ALA C 249 43.70 -19.72 5.91
CA ALA C 249 42.70 -20.54 6.58
C ALA C 249 42.64 -21.92 5.93
N GLY C 250 41.76 -22.79 6.45
CA GLY C 250 41.58 -24.09 5.86
C GLY C 250 40.61 -24.06 4.70
N PHE C 251 41.05 -24.60 3.56
CA PHE C 251 40.21 -24.70 2.37
C PHE C 251 40.20 -26.15 1.90
N GLY C 252 39.02 -26.71 1.75
CA GLY C 252 38.92 -28.10 1.36
C GLY C 252 37.52 -28.63 1.62
N PRO C 253 37.23 -29.84 1.12
CA PRO C 253 35.86 -30.38 1.13
C PRO C 253 35.34 -30.67 2.54
N ASP C 254 36.22 -30.77 3.53
CA ASP C 254 35.81 -31.02 4.91
C ASP C 254 35.50 -29.75 5.71
N GLU C 255 35.64 -28.59 5.07
CA GLU C 255 35.35 -27.32 5.74
C GLU C 255 33.84 -27.06 5.77
N VAL C 256 33.41 -26.27 6.75
CA VAL C 256 32.02 -25.81 6.82
C VAL C 256 32.05 -24.31 7.09
N PHE C 257 31.71 -23.52 6.07
CA PHE C 257 31.75 -22.08 6.24
C PHE C 257 30.36 -21.56 6.56
N LEU C 258 30.29 -20.34 7.08
CA LEU C 258 29.03 -19.73 7.45
C LEU C 258 28.88 -18.40 6.72
N GLN C 259 27.94 -18.36 5.78
CA GLN C 259 27.69 -17.14 5.01
C GLN C 259 26.73 -16.23 5.80
N CYS C 260 27.30 -15.38 6.65
CA CYS C 260 26.53 -14.44 7.44
C CYS C 260 26.89 -12.96 7.14
N SER C 261 28.03 -12.74 6.49
CA SER C 261 28.44 -11.36 6.16
C SER C 261 27.53 -10.75 5.11
N PRO C 262 27.42 -9.41 5.08
CA PRO C 262 26.50 -8.76 4.14
C PRO C 262 26.77 -9.17 2.69
N VAL C 263 25.71 -9.45 1.92
CA VAL C 263 25.88 -10.05 0.59
C VAL C 263 26.41 -9.15 -0.50
N SER C 264 26.33 -7.83 -0.34
CA SER C 264 26.71 -6.96 -1.45
C SER C 264 28.11 -6.37 -1.35
N TRP C 265 28.83 -6.72 -0.29
CA TRP C 265 30.21 -6.24 -0.13
C TRP C 265 31.19 -7.41 -0.22
N ASP C 266 32.45 -7.18 0.13
CA ASP C 266 33.49 -8.13 -0.28
C ASP C 266 33.86 -9.22 0.73
N ALA C 267 33.25 -9.20 1.91
CA ALA C 267 33.46 -10.31 2.85
C ALA C 267 32.65 -11.55 2.39
N PHE C 268 31.63 -11.31 1.59
CA PHE C 268 30.73 -12.33 1.04
C PHE C 268 31.49 -13.45 0.34
N GLY C 269 32.41 -13.07 -0.53
CA GLY C 269 33.12 -14.02 -1.37
C GLY C 269 33.83 -15.14 -0.63
N LEU C 270 34.55 -14.80 0.43
CA LEU C 270 35.28 -15.82 1.19
C LEU C 270 34.35 -16.88 1.72
N GLU C 271 33.23 -16.47 2.30
CA GLU C 271 32.28 -17.40 2.88
C GLU C 271 31.59 -18.28 1.85
N LEU C 272 31.27 -17.70 0.70
CA LEU C 272 30.59 -18.48 -0.35
C LEU C 272 31.58 -19.21 -1.25
N PHE C 273 32.43 -18.46 -1.94
CA PHE C 273 33.35 -19.09 -2.88
C PHE C 273 34.47 -19.87 -2.20
N GLY C 274 34.90 -19.44 -1.01
CA GLY C 274 35.92 -20.18 -0.29
C GLY C 274 35.44 -21.58 0.04
N ALA C 275 34.12 -21.75 0.14
CA ALA C 275 33.54 -23.07 0.34
C ALA C 275 33.29 -23.78 -1.01
N LEU C 276 32.54 -23.13 -1.90
CA LEU C 276 32.09 -23.78 -3.13
C LEU C 276 33.21 -24.15 -4.09
N LEU C 277 34.31 -23.40 -4.08
CA LEU C 277 35.41 -23.73 -5.00
C LEU C 277 36.25 -24.89 -4.49
N PHE C 278 35.96 -25.33 -3.27
CA PHE C 278 36.71 -26.44 -2.68
C PHE C 278 35.88 -27.68 -2.35
N GLY C 279 34.60 -27.67 -2.70
CA GLY C 279 33.74 -28.81 -2.42
C GLY C 279 33.23 -28.84 -0.99
N ALA C 280 33.37 -27.71 -0.28
CA ALA C 280 32.98 -27.63 1.12
C ALA C 280 31.51 -27.29 1.29
N ARG C 281 31.06 -27.27 2.54
CA ARG C 281 29.69 -26.86 2.87
C ARG C 281 29.65 -25.38 3.21
N CYS C 282 28.56 -24.73 2.76
CA CYS C 282 28.31 -23.32 3.05
C CYS C 282 26.95 -23.17 3.71
N VAL C 283 26.95 -22.83 5.00
CA VAL C 283 25.72 -22.54 5.73
C VAL C 283 25.26 -21.10 5.49
N LEU C 284 24.04 -20.94 5.01
CA LEU C 284 23.48 -19.61 4.75
C LEU C 284 22.69 -19.15 5.97
N GLN C 285 23.07 -18.02 6.55
CA GLN C 285 22.30 -17.48 7.70
C GLN C 285 21.02 -16.75 7.23
N SER C 286 19.88 -17.07 7.83
CA SER C 286 18.67 -16.29 7.53
C SER C 286 18.87 -14.86 8.04
N GLY C 287 18.30 -13.87 7.33
CA GLY C 287 18.52 -12.48 7.69
C GLY C 287 19.73 -11.93 6.95
N GLN C 288 19.73 -10.64 6.64
CA GLN C 288 20.77 -10.06 5.78
C GLN C 288 22.04 -9.66 6.53
N ASN C 289 21.93 -9.48 7.84
CA ASN C 289 23.10 -9.06 8.63
C ASN C 289 23.53 -10.14 9.61
N PRO C 290 24.84 -10.22 9.89
CA PRO C 290 25.38 -11.18 10.88
C PRO C 290 24.62 -11.07 12.20
N ASP C 291 24.09 -12.20 12.65
CA ASP C 291 23.19 -12.28 13.79
C ASP C 291 23.88 -13.13 14.86
N PRO C 292 24.45 -12.49 15.89
CA PRO C 292 25.31 -13.22 16.83
C PRO C 292 24.61 -14.42 17.50
N LEU C 293 23.36 -14.26 17.90
CA LEU C 293 22.64 -15.35 18.55
C LEU C 293 22.42 -16.51 17.58
N GLU C 294 22.09 -16.19 16.33
CA GLU C 294 21.87 -17.22 15.33
C GLU C 294 23.18 -17.89 14.94
N ILE C 295 24.26 -17.12 14.92
CA ILE C 295 25.58 -17.65 14.59
C ILE C 295 25.95 -18.71 15.62
N GLY C 296 25.66 -18.44 16.89
CA GLY C 296 25.90 -19.41 17.95
C GLY C 296 25.19 -20.73 17.70
N GLU C 297 23.92 -20.67 17.29
CA GLU C 297 23.14 -21.88 17.06
C GLU C 297 23.62 -22.62 15.81
N LEU C 298 23.92 -21.86 14.77
CA LEU C 298 24.30 -22.46 13.49
C LEU C 298 25.66 -23.17 13.59
N VAL C 299 26.58 -22.59 14.35
CA VAL C 299 27.88 -23.21 14.58
C VAL C 299 27.70 -24.57 15.24
N ALA C 300 26.92 -24.60 16.30
CA ALA C 300 26.62 -25.85 16.98
C ALA C 300 25.86 -26.85 16.10
N ARG C 301 24.93 -26.33 15.28
N ARG C 301 24.94 -26.35 15.28
CA ARG C 301 24.08 -27.19 14.47
CA ARG C 301 24.09 -27.22 14.47
C ARG C 301 24.83 -27.88 13.34
C ARG C 301 24.85 -27.89 13.33
N HIS C 302 25.75 -27.14 12.70
CA HIS C 302 26.39 -27.61 11.48
C HIS C 302 27.89 -27.90 11.60
N GLY C 303 28.46 -27.64 12.77
CA GLY C 303 29.90 -27.81 12.96
C GLY C 303 30.71 -26.88 12.07
N VAL C 304 30.39 -25.59 12.12
CA VAL C 304 31.11 -24.58 11.35
C VAL C 304 32.59 -24.62 11.73
N THR C 305 33.46 -24.60 10.72
CA THR C 305 34.89 -24.76 10.95
C THR C 305 35.61 -23.43 10.86
N MET C 306 35.02 -22.47 10.14
CA MET C 306 35.61 -21.14 10.02
C MET C 306 34.59 -20.02 10.19
N LEU C 307 34.96 -19.01 10.97
CA LEU C 307 34.14 -17.79 11.09
C LEU C 307 34.92 -16.56 10.63
N GLN C 308 34.27 -15.73 9.83
CA GLN C 308 34.82 -14.45 9.44
C GLN C 308 33.91 -13.39 10.07
N LEU C 309 34.49 -12.50 10.86
CA LEU C 309 33.72 -11.62 11.74
C LEU C 309 34.26 -10.20 11.78
N SER C 310 33.37 -9.21 11.73
CA SER C 310 33.81 -7.83 11.96
C SER C 310 34.36 -7.77 13.38
N ALA C 311 35.31 -6.87 13.63
CA ALA C 311 35.93 -6.77 14.94
C ALA C 311 34.89 -6.65 16.07
N SER C 312 33.89 -5.82 15.87
CA SER C 312 32.88 -5.59 16.90
C SER C 312 31.97 -6.80 17.11
N LEU C 313 31.65 -7.51 16.02
CA LEU C 313 30.90 -8.76 16.14
C LEU C 313 31.75 -9.80 16.86
N PHE C 314 33.03 -9.89 16.48
CA PHE C 314 33.97 -10.76 17.20
C PHE C 314 33.96 -10.48 18.69
N ASN C 315 34.01 -9.21 19.06
CA ASN C 315 34.11 -8.85 20.48
C ASN C 315 32.84 -9.27 21.25
N PHE C 316 31.69 -9.03 20.64
CA PHE C 316 30.42 -9.37 21.28
C PHE C 316 30.30 -10.88 21.45
N LEU C 317 30.63 -11.63 20.41
CA LEU C 317 30.60 -13.10 20.50
C LEU C 317 31.52 -13.61 21.59
N VAL C 318 32.76 -13.11 21.61
CA VAL C 318 33.70 -13.50 22.66
C VAL C 318 33.09 -13.28 24.06
N ASP C 319 32.45 -12.13 24.26
CA ASP C 319 31.94 -11.78 25.58
C ASP C 319 30.57 -12.37 25.92
N GLU C 320 29.70 -12.45 24.91
CA GLU C 320 28.28 -12.76 25.16
C GLU C 320 27.81 -14.09 24.55
N VAL C 321 28.48 -14.58 23.52
CA VAL C 321 28.11 -15.86 22.92
C VAL C 321 29.35 -16.74 22.71
N PRO C 322 30.06 -17.08 23.81
CA PRO C 322 31.35 -17.77 23.63
C PRO C 322 31.23 -19.14 22.95
N GLU C 323 30.06 -19.77 22.99
CA GLU C 323 29.89 -21.08 22.39
C GLU C 323 29.90 -21.04 20.87
N ALA C 324 29.86 -19.84 20.30
CA ALA C 324 29.93 -19.69 18.86
C ALA C 324 31.29 -20.10 18.32
N PHE C 325 32.28 -20.22 19.21
CA PHE C 325 33.63 -20.64 18.80
C PHE C 325 33.90 -22.12 19.04
N GLU C 326 32.95 -22.84 19.63
CA GLU C 326 33.16 -24.26 19.91
C GLU C 326 33.26 -25.06 18.62
N GLY C 327 34.34 -25.83 18.49
CA GLY C 327 34.56 -26.64 17.30
C GLY C 327 35.17 -25.87 16.15
N VAL C 328 35.19 -24.54 16.25
CA VAL C 328 35.69 -23.69 15.16
C VAL C 328 37.22 -23.75 15.09
N ARG C 329 37.75 -23.86 13.87
CA ARG C 329 39.19 -24.03 13.69
C ARG C 329 39.90 -22.71 13.43
N TYR C 330 39.27 -21.85 12.64
CA TYR C 330 39.78 -20.53 12.35
C TYR C 330 38.72 -19.48 12.62
N ALA C 331 39.10 -18.42 13.32
CA ALA C 331 38.25 -17.25 13.43
C ALA C 331 39.10 -16.08 12.95
N ILE C 332 38.57 -15.29 12.03
CA ILE C 332 39.31 -14.19 11.44
C ILE C 332 38.54 -12.90 11.71
N THR C 333 39.18 -11.97 12.42
CA THR C 333 38.59 -10.67 12.65
C THR C 333 38.98 -9.75 11.49
N GLY C 334 38.11 -8.82 11.14
CA GLY C 334 38.40 -7.90 10.05
C GLY C 334 37.56 -6.61 10.09
N GLY C 335 37.63 -5.86 8.99
CA GLY C 335 36.82 -4.66 8.82
C GLY C 335 37.32 -3.43 9.56
N GLU C 336 37.82 -3.63 10.78
CA GLU C 336 38.19 -2.55 11.67
C GLU C 336 39.34 -3.01 12.58
N PRO C 337 40.03 -2.08 13.26
CA PRO C 337 41.10 -2.52 14.16
C PRO C 337 40.63 -3.51 15.22
N ALA C 338 41.39 -4.60 15.35
CA ALA C 338 41.05 -5.67 16.28
C ALA C 338 41.22 -5.25 17.73
N SER C 339 40.42 -5.85 18.61
CA SER C 339 40.57 -5.65 20.06
C SER C 339 41.48 -6.71 20.65
N VAL C 340 42.72 -6.33 20.96
CA VAL C 340 43.68 -7.28 21.53
C VAL C 340 43.18 -8.01 22.79
N PRO C 341 42.57 -7.27 23.74
CA PRO C 341 42.03 -7.97 24.92
C PRO C 341 41.02 -9.06 24.56
N HIS C 342 40.14 -8.81 23.59
CA HIS C 342 39.15 -9.82 23.21
C HIS C 342 39.81 -10.97 22.46
N VAL C 343 40.85 -10.65 21.70
CA VAL C 343 41.60 -11.68 21.00
C VAL C 343 42.29 -12.55 22.05
N ALA C 344 42.89 -11.92 23.05
CA ALA C 344 43.55 -12.64 24.13
C ALA C 344 42.58 -13.54 24.89
N LYS C 345 41.36 -13.05 25.12
CA LYS C 345 40.36 -13.83 25.83
C LYS C 345 39.87 -15.02 25.00
N ALA C 346 39.77 -14.83 23.69
CA ALA C 346 39.39 -15.94 22.82
C ALA C 346 40.43 -17.07 22.90
N ARG C 347 41.71 -16.69 22.92
CA ARG C 347 42.81 -17.64 23.12
C ARG C 347 42.66 -18.44 24.41
N ARG C 348 42.31 -17.76 25.50
CA ARG C 348 42.14 -18.41 26.79
C ARG C 348 40.95 -19.37 26.81
N ASP C 349 39.81 -18.91 26.29
CA ASP C 349 38.55 -19.66 26.31
C ASP C 349 38.56 -20.82 25.31
N HIS C 350 39.21 -20.63 24.16
CA HIS C 350 39.23 -21.63 23.10
C HIS C 350 40.65 -21.85 22.60
N PRO C 351 41.45 -22.61 23.36
CA PRO C 351 42.88 -22.76 23.09
C PRO C 351 43.20 -23.42 21.75
N ALA C 352 42.24 -24.13 21.15
CA ALA C 352 42.46 -24.79 19.86
C ALA C 352 42.16 -23.85 18.69
N LEU C 353 41.56 -22.71 18.99
CA LEU C 353 41.10 -21.80 17.95
C LEU C 353 42.25 -21.03 17.32
N ARG C 354 42.36 -21.08 16.01
CA ARG C 354 43.35 -20.27 15.30
C ARG C 354 42.76 -18.91 15.01
N LEU C 355 43.48 -17.86 15.40
CA LEU C 355 42.98 -16.50 15.21
C LEU C 355 43.75 -15.81 14.10
N GLY C 356 43.03 -15.05 13.29
CA GLY C 356 43.67 -14.29 12.23
C GLY C 356 43.08 -12.89 12.14
N ASN C 357 43.85 -12.00 11.53
CA ASN C 357 43.41 -10.63 11.30
C ASN C 357 43.52 -10.35 9.80
N GLY C 358 42.38 -10.19 9.14
CA GLY C 358 42.34 -9.99 7.70
C GLY C 358 42.07 -8.53 7.35
N TYR C 359 42.87 -8.00 6.42
CA TYR C 359 42.79 -6.58 6.08
C TYR C 359 42.69 -6.39 4.58
N GLY C 360 41.94 -5.37 4.17
CA GLY C 360 41.99 -4.90 2.80
C GLY C 360 40.74 -4.17 2.35
N PRO C 361 40.90 -3.32 1.33
CA PRO C 361 39.77 -2.60 0.74
C PRO C 361 39.06 -3.49 -0.27
N ALA C 362 37.78 -3.27 -0.50
CA ALA C 362 37.03 -4.06 -1.47
C ALA C 362 37.68 -3.97 -2.85
N GLU C 363 38.31 -2.83 -3.12
CA GLU C 363 38.98 -2.57 -4.39
C GLU C 363 40.10 -3.56 -4.68
N SER C 364 40.49 -4.35 -3.69
CA SER C 364 41.58 -5.32 -3.84
C SER C 364 41.10 -6.72 -3.46
N MET C 365 39.79 -6.83 -3.22
CA MET C 365 39.03 -8.09 -3.03
C MET C 365 39.34 -8.90 -1.78
N GLY C 366 38.40 -8.92 -0.84
CA GLY C 366 38.55 -9.68 0.38
C GLY C 366 39.80 -9.27 1.12
N PHE C 367 40.61 -10.23 1.54
CA PHE C 367 41.86 -9.89 2.22
C PHE C 367 42.94 -9.57 1.20
N THR C 368 43.66 -8.47 1.40
CA THR C 368 44.91 -8.24 0.67
C THR C 368 46.07 -8.73 1.52
N THR C 369 45.99 -8.48 2.83
CA THR C 369 46.97 -9.04 3.76
C THR C 369 46.24 -9.84 4.84
N HIS C 370 46.98 -10.70 5.54
CA HIS C 370 46.42 -11.43 6.66
C HIS C 370 47.50 -11.72 7.70
N HIS C 371 47.13 -11.67 8.97
CA HIS C 371 48.09 -11.95 10.03
C HIS C 371 47.61 -13.11 10.88
N ALA C 372 48.39 -14.19 10.92
CA ALA C 372 48.13 -15.26 11.87
C ALA C 372 48.57 -14.80 13.26
N VAL C 373 47.61 -14.71 14.17
CA VAL C 373 47.90 -14.28 15.55
C VAL C 373 48.84 -15.24 16.26
N VAL C 374 49.88 -14.68 16.88
CA VAL C 374 50.82 -15.43 17.68
C VAL C 374 50.83 -14.87 19.12
N ALA C 375 51.40 -15.65 20.04
CA ALA C 375 51.41 -15.29 21.45
C ALA C 375 52.03 -13.92 21.72
N GLY C 376 53.08 -13.58 20.98
CA GLY C 376 53.75 -12.30 21.12
C GLY C 376 52.87 -11.09 20.83
N ASP C 377 51.78 -11.30 20.08
CA ASP C 377 50.88 -10.23 19.68
C ASP C 377 50.01 -9.73 20.83
N LEU C 378 49.81 -10.56 21.84
CA LEU C 378 48.80 -10.30 22.85
C LEU C 378 49.25 -9.30 23.92
N SER C 379 50.49 -8.85 23.82
CA SER C 379 51.02 -7.90 24.80
C SER C 379 50.64 -6.46 24.45
N GLY C 380 50.76 -6.10 23.17
CA GLY C 380 50.47 -4.75 22.73
C GLY C 380 48.99 -4.38 22.73
N THR C 381 48.66 -3.31 22.00
CA THR C 381 47.27 -2.86 21.90
C THR C 381 46.80 -2.93 20.47
N ALA C 382 47.74 -3.19 19.57
CA ALA C 382 47.41 -3.26 18.15
C ALA C 382 47.79 -4.60 17.56
N LEU C 383 46.86 -5.17 16.79
CA LEU C 383 47.10 -6.41 16.09
C LEU C 383 47.61 -6.07 14.68
N PRO C 384 48.72 -6.69 14.28
CA PRO C 384 49.27 -6.43 12.94
C PRO C 384 48.30 -6.90 11.86
N ILE C 385 48.40 -6.35 10.66
CA ILE C 385 47.58 -6.83 9.56
C ILE C 385 48.33 -7.87 8.72
N GLY C 386 49.60 -8.08 9.04
CA GLY C 386 50.35 -9.21 8.54
C GLY C 386 51.07 -9.06 7.21
N VAL C 387 51.02 -10.12 6.40
CA VAL C 387 51.70 -10.18 5.10
C VAL C 387 50.70 -10.35 3.97
N PRO C 388 51.08 -9.96 2.73
CA PRO C 388 50.16 -10.05 1.61
C PRO C 388 49.80 -11.48 1.25
N LEU C 389 48.60 -11.69 0.74
CA LEU C 389 48.21 -12.98 0.17
C LEU C 389 49.08 -13.30 -1.04
N ALA C 390 49.16 -14.58 -1.41
CA ALA C 390 49.90 -14.98 -2.60
C ALA C 390 49.33 -14.26 -3.80
N GLY C 391 50.19 -13.65 -4.61
CA GLY C 391 49.75 -12.95 -5.80
C GLY C 391 49.32 -11.50 -5.56
N LYS C 392 49.28 -11.08 -4.30
CA LYS C 392 48.95 -9.69 -3.99
C LYS C 392 50.19 -8.98 -3.43
N ARG C 393 50.19 -7.66 -3.49
CA ARG C 393 51.34 -6.86 -3.03
C ARG C 393 50.82 -5.69 -2.21
N ALA C 394 51.67 -5.18 -1.33
CA ALA C 394 51.35 -3.97 -0.57
C ALA C 394 52.61 -3.12 -0.44
N TYR C 395 52.46 -1.81 -0.59
CA TYR C 395 53.58 -0.89 -0.45
C TYR C 395 53.23 0.14 0.62
N VAL C 396 54.24 0.57 1.38
CA VAL C 396 54.08 1.70 2.27
C VAL C 396 54.88 2.87 1.68
N LEU C 397 54.18 3.90 1.20
CA LEU C 397 54.83 4.97 0.43
C LEU C 397 54.73 6.35 1.08
N ASP C 398 55.76 7.19 0.88
CA ASP C 398 55.68 8.60 1.26
C ASP C 398 54.91 9.37 0.20
N ASP C 399 54.94 10.70 0.26
CA ASP C 399 54.13 11.52 -0.65
C ASP C 399 54.80 11.80 -1.99
N ASP C 400 55.98 11.20 -2.20
CA ASP C 400 56.64 11.24 -3.49
C ASP C 400 56.56 9.87 -4.18
N LEU C 401 55.72 9.00 -3.62
CA LEU C 401 55.56 7.61 -4.08
C LEU C 401 56.87 6.81 -3.96
N LYS C 402 57.70 7.17 -3.00
CA LYS C 402 58.86 6.35 -2.67
C LYS C 402 58.51 5.56 -1.41
N PRO C 403 59.00 4.32 -1.31
CA PRO C 403 58.74 3.50 -0.11
C PRO C 403 59.28 4.19 1.16
N ALA C 404 58.51 4.15 2.24
CA ALA C 404 58.90 4.82 3.48
C ALA C 404 59.92 4.00 4.27
N ALA C 405 60.53 4.63 5.28
CA ALA C 405 61.40 3.92 6.22
C ALA C 405 60.57 3.08 7.18
N ASN C 406 61.00 1.84 7.43
CA ASN C 406 60.31 0.96 8.37
C ASN C 406 60.20 1.63 9.74
N GLY C 407 59.08 1.40 10.41
CA GLY C 407 58.79 2.08 11.66
C GLY C 407 58.11 3.42 11.42
N ALA C 408 58.47 4.06 10.31
CA ALA C 408 57.90 5.36 9.97
C ALA C 408 56.61 5.25 9.15
N LEU C 409 55.66 6.10 9.51
CA LEU C 409 54.34 6.10 8.90
C LEU C 409 54.38 6.50 7.44
N GLY C 410 53.69 5.72 6.62
CA GLY C 410 53.50 6.03 5.21
C GLY C 410 52.10 5.61 4.83
N GLU C 411 51.72 5.79 3.57
CA GLU C 411 50.40 5.35 3.14
C GLU C 411 50.46 3.99 2.45
N LEU C 412 49.46 3.16 2.75
CA LEU C 412 49.34 1.85 2.12
C LEU C 412 48.76 1.94 0.72
N TYR C 413 49.49 1.35 -0.23
CA TYR C 413 48.97 1.12 -1.59
C TYR C 413 48.97 -0.38 -1.79
N VAL C 414 47.93 -0.91 -2.43
CA VAL C 414 47.88 -2.35 -2.65
C VAL C 414 47.80 -2.67 -4.13
N ALA C 415 48.31 -3.83 -4.51
CA ALA C 415 48.40 -4.21 -5.92
C ALA C 415 48.29 -5.72 -6.10
N GLY C 416 48.23 -6.16 -7.36
CA GLY C 416 48.22 -7.60 -7.63
C GLY C 416 46.86 -8.15 -8.00
N ALA C 417 46.67 -9.43 -7.72
CA ALA C 417 45.58 -10.19 -8.34
C ALA C 417 44.17 -9.77 -7.94
N GLY C 418 44.03 -9.10 -6.79
CA GLY C 418 42.70 -8.79 -6.30
C GLY C 418 42.10 -7.50 -6.85
N LEU C 419 42.88 -6.74 -7.61
CA LEU C 419 42.47 -5.40 -8.04
C LEU C 419 41.23 -5.41 -8.93
N ALA C 420 40.27 -4.56 -8.61
CA ALA C 420 39.08 -4.38 -9.43
C ALA C 420 39.43 -3.66 -10.71
N HIS C 421 38.54 -3.71 -11.70
CA HIS C 421 38.73 -2.91 -12.89
C HIS C 421 38.57 -1.43 -12.57
N GLY C 422 37.73 -1.14 -11.57
CA GLY C 422 37.49 0.24 -11.16
C GLY C 422 36.08 0.44 -10.64
N TYR C 423 35.62 1.67 -10.67
CA TYR C 423 34.27 2.00 -10.19
C TYR C 423 33.35 2.20 -11.39
N VAL C 424 32.35 1.32 -11.52
CA VAL C 424 31.50 1.33 -12.72
C VAL C 424 30.86 2.70 -12.92
N SER C 425 30.93 3.19 -14.15
CA SER C 425 30.43 4.50 -14.56
C SER C 425 31.05 5.70 -13.82
N ARG C 426 32.13 5.45 -13.07
CA ARG C 426 32.88 6.55 -12.46
C ARG C 426 34.36 6.43 -12.80
N PRO C 427 34.74 6.77 -14.04
CA PRO C 427 36.10 6.64 -14.55
C PRO C 427 37.09 7.63 -13.92
N ALA C 428 36.63 8.82 -13.55
CA ALA C 428 37.53 9.81 -12.96
C ALA C 428 37.96 9.36 -11.56
N LEU C 429 36.97 8.97 -10.74
CA LEU C 429 37.27 8.44 -9.41
C LEU C 429 38.17 7.21 -9.52
N THR C 430 37.92 6.38 -10.53
CA THR C 430 38.76 5.21 -10.80
C THR C 430 40.23 5.59 -11.05
N ALA C 431 40.46 6.52 -11.98
CA ALA C 431 41.81 6.90 -12.38
C ALA C 431 42.58 7.68 -11.30
N GLU C 432 41.88 8.14 -10.28
CA GLU C 432 42.54 8.90 -9.23
C GLU C 432 42.92 8.02 -8.04
N ARG C 433 42.34 6.82 -7.98
CA ARG C 433 42.64 5.89 -6.88
C ARG C 433 43.36 4.61 -7.36
N PHE C 434 43.07 4.20 -8.60
CA PHE C 434 43.75 3.06 -9.22
C PHE C 434 44.81 3.63 -10.14
N VAL C 435 46.04 3.75 -9.63
CA VAL C 435 47.08 4.47 -10.36
C VAL C 435 48.19 3.55 -10.82
N ALA C 436 49.03 4.05 -11.73
CA ALA C 436 50.17 3.28 -12.23
C ALA C 436 51.06 2.84 -11.08
N ASP C 437 51.57 1.61 -11.19
CA ASP C 437 52.47 1.04 -10.20
C ASP C 437 53.90 1.24 -10.70
N PRO C 438 54.66 2.12 -10.04
CA PRO C 438 56.03 2.40 -10.49
C PRO C 438 57.01 1.27 -10.17
N PHE C 439 56.55 0.31 -9.37
CA PHE C 439 57.42 -0.79 -8.93
C PHE C 439 57.20 -2.05 -9.73
N ALA C 440 56.30 -2.00 -10.68
CA ALA C 440 55.91 -3.18 -11.45
C ALA C 440 56.96 -3.51 -12.51
N GLY C 441 56.53 -4.28 -13.51
CA GLY C 441 57.39 -4.65 -14.61
C GLY C 441 57.08 -3.84 -15.86
N PRO C 442 57.52 -4.33 -17.02
CA PRO C 442 57.44 -3.62 -18.31
C PRO C 442 55.99 -3.39 -18.71
N GLY C 443 55.16 -4.42 -18.61
CA GLY C 443 53.73 -4.24 -18.76
C GLY C 443 53.25 -3.32 -17.67
N GLY C 444 52.37 -2.40 -18.01
CA GLY C 444 51.85 -1.46 -17.03
C GLY C 444 50.94 -2.15 -16.02
N GLU C 445 51.26 -1.99 -14.74
CA GLU C 445 50.35 -2.46 -13.70
C GLU C 445 49.83 -1.31 -12.85
N ARG C 446 48.82 -1.60 -12.06
CA ARG C 446 48.16 -0.60 -11.23
C ARG C 446 48.33 -0.90 -9.75
N MET C 447 48.20 0.15 -8.94
CA MET C 447 48.11 0.01 -7.49
C MET C 447 46.96 0.87 -7.00
N TYR C 448 46.33 0.46 -5.91
CA TYR C 448 45.22 1.21 -5.35
C TYR C 448 45.66 1.90 -4.07
N ARG C 449 45.44 3.21 -3.95
CA ARG C 449 45.76 3.90 -2.71
C ARG C 449 44.65 3.74 -1.68
N THR C 450 45.01 3.27 -0.49
CA THR C 450 44.02 2.88 0.50
C THR C 450 43.55 4.03 1.36
N GLY C 451 44.42 5.01 1.57
CA GLY C 451 44.10 6.11 2.46
C GLY C 451 44.42 5.75 3.90
N ASP C 452 45.01 4.58 4.08
CA ASP C 452 45.36 4.11 5.42
C ASP C 452 46.81 4.39 5.74
N LEU C 453 47.02 4.99 6.91
CA LEU C 453 48.35 5.17 7.44
C LEU C 453 48.83 3.81 7.94
N ALA C 454 50.04 3.44 7.55
CA ALA C 454 50.57 2.16 7.97
C ALA C 454 52.05 2.28 8.19
N ARG C 455 52.63 1.23 8.74
CA ARG C 455 54.08 1.12 8.80
C ARG C 455 54.41 -0.35 8.71
N ARG C 456 55.59 -0.63 8.16
CA ARG C 456 56.06 -1.99 8.04
C ARG C 456 57.15 -2.12 9.07
N ARG C 457 57.22 -3.25 9.77
CA ARG C 457 58.25 -3.39 10.78
C ARG C 457 59.37 -4.31 10.33
N ALA C 458 60.40 -4.43 11.16
CA ALA C 458 61.65 -5.12 10.81
C ALA C 458 61.47 -6.50 10.20
N ASP C 459 60.53 -7.29 10.74
CA ASP C 459 60.31 -8.65 10.25
C ASP C 459 59.41 -8.70 9.02
N GLY C 460 59.07 -7.51 8.49
CA GLY C 460 58.25 -7.42 7.29
C GLY C 460 56.76 -7.24 7.52
N VAL C 461 56.28 -7.72 8.66
CA VAL C 461 54.85 -7.64 9.02
C VAL C 461 54.36 -6.19 8.99
N LEU C 462 53.18 -5.99 8.41
CA LEU C 462 52.60 -4.65 8.32
C LEU C 462 51.68 -4.34 9.51
N GLU C 463 51.71 -3.07 9.93
CA GLU C 463 50.78 -2.60 10.95
C GLU C 463 49.86 -1.54 10.39
N TYR C 464 48.56 -1.73 10.60
CA TYR C 464 47.59 -0.66 10.39
C TYR C 464 47.74 0.34 11.54
N VAL C 465 47.78 1.62 11.20
CA VAL C 465 47.96 2.66 12.21
C VAL C 465 46.68 3.47 12.43
N GLY C 466 46.13 4.01 11.35
CA GLY C 466 44.92 4.82 11.43
C GLY C 466 44.58 5.44 10.08
N ARG C 467 43.71 6.44 10.07
CA ARG C 467 43.37 7.14 8.83
C ARG C 467 43.60 8.65 8.92
N ASN D 6 38.07 -5.75 54.66
CA ASN D 6 36.67 -5.60 55.04
C ASN D 6 36.34 -6.24 56.39
N PRO D 7 35.89 -5.43 57.35
CA PRO D 7 35.66 -5.82 58.75
C PRO D 7 34.54 -6.85 58.96
N PHE D 8 33.67 -7.06 57.97
CA PHE D 8 32.66 -8.11 58.06
C PHE D 8 33.19 -9.46 57.59
N GLU D 9 34.37 -9.45 56.97
CA GLU D 9 35.01 -10.66 56.45
C GLU D 9 36.01 -11.17 57.47
N GLU D 10 36.99 -10.32 57.79
CA GLU D 10 37.97 -10.61 58.82
C GLU D 10 38.16 -9.39 59.72
N TYR D 11 37.85 -9.57 61.00
CA TYR D 11 38.08 -8.54 62.01
C TYR D 11 38.80 -9.22 63.18
N ASP D 12 39.89 -8.62 63.64
CA ASP D 12 40.70 -9.24 64.68
C ASP D 12 40.02 -9.15 66.06
N GLY D 13 39.16 -8.16 66.22
CA GLY D 13 38.49 -7.92 67.49
C GLY D 13 37.19 -8.67 67.69
N GLY D 14 36.90 -9.63 66.80
CA GLY D 14 35.73 -10.47 66.95
C GLY D 14 34.47 -9.88 66.34
N HIS D 15 33.34 -10.55 66.56
CA HIS D 15 32.07 -10.14 65.97
C HIS D 15 30.89 -10.31 66.93
N VAL D 16 29.83 -9.52 66.71
CA VAL D 16 28.58 -9.69 67.46
C VAL D 16 27.39 -9.74 66.52
N VAL D 17 26.24 -10.11 67.05
CA VAL D 17 25.00 -10.13 66.29
C VAL D 17 24.07 -9.02 66.78
N LEU D 18 23.65 -8.15 65.87
CA LEU D 18 22.72 -7.09 66.18
C LEU D 18 21.33 -7.45 65.69
N THR D 19 20.31 -6.94 66.36
CA THR D 19 18.95 -6.99 65.83
C THR D 19 18.31 -5.62 65.92
N ASP D 20 17.37 -5.37 65.03
CA ASP D 20 16.55 -4.16 65.11
C ASP D 20 15.17 -4.52 65.65
N ALA D 21 14.26 -3.54 65.63
CA ALA D 21 12.92 -3.74 66.16
C ALA D 21 12.03 -4.53 65.19
N LEU D 22 12.63 -5.08 64.14
CA LEU D 22 11.88 -5.85 63.14
C LEU D 22 12.38 -7.29 63.06
N GLY D 23 13.24 -7.69 63.99
CA GLY D 23 13.75 -9.05 64.04
C GLY D 23 14.83 -9.34 63.01
N ARG D 24 15.26 -8.32 62.29
CA ARG D 24 16.34 -8.47 61.33
C ARG D 24 17.68 -8.62 62.04
N HIS D 25 18.53 -9.50 61.53
CA HIS D 25 19.83 -9.76 62.12
C HIS D 25 20.93 -9.15 61.29
N SER D 26 21.96 -8.62 61.94
CA SER D 26 23.15 -8.15 61.24
C SER D 26 24.40 -8.62 61.94
N LEU D 27 25.39 -9.06 61.15
CA LEU D 27 26.71 -9.32 61.68
C LEU D 27 27.35 -7.96 61.95
N TRP D 28 28.27 -7.90 62.91
CA TRP D 28 28.90 -6.62 63.23
C TRP D 28 30.24 -6.82 63.93
N PRO D 29 31.28 -6.10 63.48
CA PRO D 29 32.60 -6.14 64.11
C PRO D 29 32.53 -5.53 65.51
N ALA D 30 32.92 -6.30 66.53
CA ALA D 30 32.73 -5.91 67.92
C ALA D 30 33.38 -4.57 68.29
N GLY D 31 34.49 -4.24 67.64
CA GLY D 31 35.18 -2.99 67.90
C GLY D 31 34.35 -1.77 67.56
N ILE D 32 33.77 -1.78 66.36
CA ILE D 32 32.95 -0.68 65.86
C ILE D 32 31.72 -0.43 66.72
N ALA D 33 31.32 0.82 66.84
CA ALA D 33 30.16 1.19 67.68
C ALA D 33 28.83 0.78 67.05
N VAL D 34 27.93 0.26 67.88
CA VAL D 34 26.60 -0.17 67.44
C VAL D 34 25.76 1.02 66.97
N PRO D 35 25.25 0.95 65.73
CA PRO D 35 24.39 2.02 65.21
C PRO D 35 23.08 2.16 66.00
N ALA D 36 22.44 3.32 65.88
CA ALA D 36 21.19 3.60 66.58
C ALA D 36 20.07 2.71 66.03
N GLY D 37 19.19 2.23 66.92
CA GLY D 37 18.09 1.37 66.50
C GLY D 37 18.49 -0.10 66.44
N TRP D 38 19.76 -0.37 66.74
CA TRP D 38 20.26 -1.74 66.82
C TRP D 38 20.74 -2.04 68.23
N SER D 39 20.84 -3.33 68.56
CA SER D 39 21.31 -3.76 69.87
C SER D 39 21.81 -5.20 69.77
N VAL D 40 22.82 -5.52 70.58
CA VAL D 40 23.44 -6.84 70.55
C VAL D 40 22.48 -7.93 71.02
N ARG D 41 22.44 -9.05 70.29
CA ARG D 41 21.68 -10.21 70.72
C ARG D 41 22.59 -11.42 70.95
N HIS D 42 23.83 -11.32 70.48
CA HIS D 42 24.82 -12.37 70.65
C HIS D 42 26.23 -11.83 70.49
N GLY D 43 27.17 -12.38 71.27
CA GLY D 43 28.54 -11.92 71.20
C GLY D 43 28.95 -11.18 72.46
N THR D 44 30.22 -10.76 72.58
CA THR D 44 31.23 -10.89 71.52
C THR D 44 31.62 -12.36 71.25
N ASP D 45 31.83 -12.69 69.98
CA ASP D 45 32.05 -14.08 69.56
C ASP D 45 32.77 -14.16 68.21
N SER D 46 33.18 -15.39 67.86
CA SER D 46 33.76 -15.68 66.55
C SER D 46 32.74 -15.46 65.45
N ARG D 47 33.23 -15.39 64.21
CA ARG D 47 32.38 -15.18 63.05
C ARG D 47 31.37 -16.32 62.89
N GLU D 48 31.89 -17.55 62.89
CA GLU D 48 31.07 -18.74 62.69
C GLU D 48 30.05 -18.93 63.82
N GLY D 49 30.41 -18.45 65.01
CA GLY D 49 29.50 -18.53 66.15
C GLY D 49 28.32 -17.60 65.97
N CYS D 50 28.60 -16.39 65.51
CA CYS D 50 27.55 -15.42 65.23
C CYS D 50 26.64 -15.91 64.10
N LEU D 51 27.26 -16.36 63.02
CA LEU D 51 26.52 -16.84 61.86
C LEU D 51 25.66 -18.06 62.22
N ALA D 52 26.20 -18.98 63.00
CA ALA D 52 25.44 -20.15 63.44
C ALA D 52 24.26 -19.74 64.31
N HIS D 53 24.46 -18.70 65.13
CA HIS D 53 23.38 -18.11 65.92
C HIS D 53 22.29 -17.59 64.98
N ILE D 54 22.70 -16.82 63.98
CA ILE D 54 21.78 -16.23 63.03
C ILE D 54 20.99 -17.28 62.25
N GLU D 55 21.70 -18.31 61.76
CA GLU D 55 21.08 -19.38 61.00
C GLU D 55 19.97 -20.04 61.80
N HIS D 56 20.15 -20.06 63.12
CA HIS D 56 19.21 -20.71 64.02
C HIS D 56 18.00 -19.83 64.36
N HIS D 57 18.23 -18.55 64.62
CA HIS D 57 17.17 -17.68 65.12
C HIS D 57 16.34 -16.98 64.03
N TRP D 58 17.01 -16.52 62.98
CA TRP D 58 16.35 -15.76 61.93
C TRP D 58 15.72 -16.68 60.88
N THR D 59 14.54 -17.20 61.20
CA THR D 59 13.93 -18.28 60.44
C THR D 59 13.00 -17.81 59.32
N ASP D 60 12.64 -16.53 59.36
CA ASP D 60 11.79 -15.93 58.34
C ASP D 60 12.21 -14.48 58.15
N LEU D 61 12.61 -14.14 56.93
CA LEU D 61 13.27 -12.86 56.66
C LEU D 61 12.34 -11.64 56.62
N ARG D 62 11.04 -11.89 56.45
CA ARG D 62 10.07 -10.80 56.39
C ARG D 62 9.95 -10.13 57.76
N PRO D 63 9.88 -8.79 57.78
CA PRO D 63 9.84 -8.05 59.04
C PRO D 63 8.59 -8.34 59.87
N THR D 64 8.70 -8.17 61.19
CA THR D 64 7.60 -8.48 62.09
C THR D 64 7.23 -7.25 62.93
N ALA D 71 6.21 2.20 59.55
CA ALA D 71 5.91 1.38 58.38
C ALA D 71 5.18 2.20 57.31
N PRO D 72 5.94 2.98 56.52
CA PRO D 72 5.42 4.04 55.63
C PRO D 72 4.23 3.61 54.77
N ALA D 73 3.30 4.54 54.55
CA ALA D 73 2.26 4.35 53.54
C ALA D 73 2.94 4.13 52.19
N GLY D 74 2.22 3.53 51.25
CA GLY D 74 2.77 3.28 49.94
C GLY D 74 1.81 2.42 49.15
N ALA D 75 1.70 2.72 47.86
CA ALA D 75 0.87 1.93 46.95
C ALA D 75 1.67 0.72 46.53
N CYS D 76 1.00 -0.39 46.29
CA CYS D 76 1.68 -1.57 45.78
C CYS D 76 1.81 -1.49 44.26
N VAL D 77 2.69 -2.32 43.71
CA VAL D 77 2.92 -2.35 42.26
C VAL D 77 1.62 -2.54 41.47
N HIS D 78 0.84 -3.56 41.81
CA HIS D 78 -0.39 -3.81 41.07
C HIS D 78 -1.43 -2.70 41.26
N GLU D 79 -1.40 -2.00 42.39
CA GLU D 79 -2.34 -0.91 42.61
C GLU D 79 -2.05 0.26 41.65
N LEU D 80 -0.76 0.54 41.46
CA LEU D 80 -0.33 1.55 40.50
C LEU D 80 -0.75 1.15 39.08
N PHE D 81 -0.55 -0.11 38.75
CA PHE D 81 -1.06 -0.62 37.48
C PHE D 81 -2.57 -0.45 37.35
N GLU D 82 -3.29 -0.87 38.39
CA GLU D 82 -4.75 -0.73 38.42
C GLU D 82 -5.22 0.71 38.19
N ALA D 83 -4.52 1.67 38.77
CA ALA D 83 -4.87 3.07 38.56
C ALA D 83 -4.79 3.43 37.07
N GLN D 84 -3.76 2.92 36.41
CA GLN D 84 -3.54 3.21 35.00
C GLN D 84 -4.59 2.51 34.14
N ALA D 85 -4.94 1.27 34.50
CA ALA D 85 -5.95 0.52 33.75
C ALA D 85 -7.32 1.16 33.87
N ALA D 86 -7.61 1.76 35.01
CA ALA D 86 -8.88 2.44 35.18
C ALA D 86 -8.87 3.78 34.44
N ARG D 87 -7.73 4.45 34.42
CA ARG D 87 -7.63 5.78 33.80
C ARG D 87 -7.82 5.70 32.30
N ALA D 88 -7.15 4.73 31.67
CA ALA D 88 -7.16 4.59 30.21
C ALA D 88 -7.12 3.11 29.82
N PRO D 89 -8.27 2.42 29.94
CA PRO D 89 -8.30 0.97 29.70
C PRO D 89 -8.01 0.61 28.25
N ASP D 90 -8.32 1.53 27.32
CA ASP D 90 -8.11 1.28 25.90
C ASP D 90 -6.70 1.62 25.42
N ALA D 91 -5.86 2.13 26.31
CA ALA D 91 -4.45 2.35 25.98
C ALA D 91 -3.77 0.99 25.79
N VAL D 92 -2.81 0.92 24.87
CA VAL D 92 -2.04 -0.31 24.70
C VAL D 92 -1.01 -0.47 25.80
N ALA D 93 -1.04 -1.62 26.49
CA ALA D 93 -0.09 -1.93 27.55
C ALA D 93 1.08 -2.73 27.00
N LEU D 94 0.77 -3.79 26.27
CA LEU D 94 1.80 -4.74 25.82
C LEU D 94 1.75 -4.96 24.31
N LEU D 95 2.92 -5.16 23.71
CA LEU D 95 3.05 -5.55 22.32
C LEU D 95 3.99 -6.73 22.25
N HIS D 96 3.57 -7.77 21.51
CA HIS D 96 4.42 -8.94 21.34
C HIS D 96 4.16 -9.52 19.96
N GLU D 97 5.24 -9.63 19.17
CA GLU D 97 5.13 -9.93 17.75
C GLU D 97 4.11 -9.00 17.08
N ALA D 98 3.07 -9.57 16.46
CA ALA D 98 2.07 -8.74 15.79
C ALA D 98 0.85 -8.43 16.68
N ASP D 99 0.90 -8.83 17.94
CA ASP D 99 -0.26 -8.71 18.81
C ASP D 99 -0.16 -7.52 19.76
N GLU D 100 -1.30 -7.00 20.19
CA GLU D 100 -1.35 -5.96 21.22
C GLU D 100 -2.32 -6.34 22.32
N LEU D 101 -2.05 -5.88 23.54
CA LEU D 101 -2.98 -6.09 24.66
C LEU D 101 -3.18 -4.76 25.39
N THR D 102 -4.43 -4.33 25.54
CA THR D 102 -4.73 -3.05 26.20
C THR D 102 -4.60 -3.16 27.71
N TYR D 103 -4.50 -2.01 28.39
CA TYR D 103 -4.49 -1.99 29.84
C TYR D 103 -5.71 -2.69 30.45
N GLY D 104 -6.89 -2.36 29.93
CA GLY D 104 -8.13 -2.95 30.38
C GLY D 104 -8.14 -4.46 30.24
N ALA D 105 -7.67 -4.95 29.10
CA ALA D 105 -7.73 -6.38 28.85
C ALA D 105 -6.72 -7.09 29.74
N LEU D 106 -5.54 -6.50 29.86
CA LEU D 106 -4.52 -7.03 30.75
C LEU D 106 -5.05 -7.09 32.18
N ASN D 107 -5.67 -6.01 32.62
CA ASN D 107 -6.19 -5.97 33.99
C ASN D 107 -7.24 -7.05 34.22
N GLU D 108 -8.17 -7.20 33.26
CA GLU D 108 -9.20 -8.23 33.37
C GLU D 108 -8.64 -9.65 33.41
N ARG D 109 -7.74 -9.97 32.49
CA ARG D 109 -7.09 -11.29 32.51
C ARG D 109 -6.38 -11.55 33.83
N ALA D 110 -5.60 -10.58 34.28
CA ALA D 110 -4.85 -10.78 35.53
C ALA D 110 -5.79 -10.93 36.72
N ASN D 111 -6.92 -10.24 36.69
CA ASN D 111 -7.88 -10.36 37.77
C ASN D 111 -8.47 -11.76 37.84
N ARG D 112 -8.86 -12.30 36.68
CA ARG D 112 -9.43 -13.64 36.64
C ARG D 112 -8.43 -14.66 37.21
N LEU D 113 -7.17 -14.56 36.80
CA LEU D 113 -6.16 -15.47 37.33
C LEU D 113 -5.91 -15.23 38.83
N ALA D 114 -5.89 -13.97 39.24
CA ALA D 114 -5.68 -13.65 40.66
C ALA D 114 -6.74 -14.28 41.58
N HIS D 115 -8.01 -14.22 41.17
CA HIS D 115 -9.06 -14.88 41.93
C HIS D 115 -8.81 -16.37 42.04
N ARG D 116 -8.28 -16.98 40.98
CA ARG D 116 -7.99 -18.41 41.01
C ARG D 116 -6.87 -18.68 42.02
N LEU D 117 -5.85 -17.82 41.98
CA LEU D 117 -4.72 -17.90 42.89
C LEU D 117 -5.16 -17.79 44.36
N VAL D 118 -6.05 -16.84 44.64
CA VAL D 118 -6.62 -16.69 45.99
C VAL D 118 -7.34 -17.94 46.43
N GLY D 119 -8.09 -18.56 45.52
CA GLY D 119 -8.79 -19.78 45.82
C GLY D 119 -7.86 -20.95 46.09
N LEU D 120 -6.61 -20.83 45.66
CA LEU D 120 -5.63 -21.90 45.90
C LEU D 120 -4.73 -21.60 47.10
N GLY D 121 -4.99 -20.50 47.79
CA GLY D 121 -4.28 -20.17 49.02
C GLY D 121 -3.23 -19.08 48.95
N VAL D 122 -3.14 -18.36 47.84
CA VAL D 122 -2.16 -17.26 47.77
C VAL D 122 -2.64 -16.17 48.72
N ALA D 123 -1.70 -15.60 49.48
CA ALA D 123 -2.00 -14.51 50.41
C ALA D 123 -0.69 -13.77 50.64
N PRO D 124 -0.73 -12.61 51.31
CA PRO D 124 0.54 -11.94 51.60
C PRO D 124 1.53 -12.88 52.29
N GLY D 125 2.76 -12.94 51.80
CA GLY D 125 3.72 -13.87 52.36
C GLY D 125 3.83 -15.17 51.58
N THR D 126 2.99 -15.33 50.56
CA THR D 126 3.08 -16.49 49.69
C THR D 126 3.90 -16.13 48.46
N LEU D 127 4.77 -17.04 48.05
CA LEU D 127 5.52 -16.87 46.82
C LEU D 127 4.95 -17.83 45.79
N VAL D 128 4.98 -17.44 44.52
CA VAL D 128 4.45 -18.26 43.43
C VAL D 128 5.47 -18.26 42.31
N GLY D 129 5.88 -19.44 41.87
CA GLY D 129 6.79 -19.52 40.74
C GLY D 129 6.05 -19.23 39.44
N VAL D 130 6.72 -18.54 38.51
CA VAL D 130 6.14 -18.32 37.18
C VAL D 130 7.10 -18.87 36.12
N HIS D 131 6.68 -19.91 35.40
CA HIS D 131 7.56 -20.59 34.45
C HIS D 131 6.93 -20.48 33.07
N LEU D 132 7.22 -19.35 32.42
CA LEU D 132 6.59 -19.03 31.13
C LEU D 132 7.60 -18.34 30.22
N GLU D 133 7.47 -18.58 28.92
CA GLU D 133 8.27 -17.84 27.95
C GLU D 133 7.81 -16.40 27.91
N ARG D 134 8.66 -15.50 27.42
CA ARG D 134 8.30 -14.10 27.35
C ARG D 134 7.13 -13.88 26.37
N GLY D 135 6.08 -13.21 26.86
CA GLY D 135 4.89 -12.94 26.04
C GLY D 135 3.80 -12.42 26.97
N PHE D 136 2.57 -12.27 26.47
CA PHE D 136 1.50 -11.72 27.30
C PHE D 136 1.25 -12.53 28.57
N ASP D 137 1.20 -13.86 28.43
CA ASP D 137 0.91 -14.74 29.57
C ASP D 137 1.85 -14.52 30.75
N MET D 138 3.14 -14.32 30.46
CA MET D 138 4.12 -14.07 31.52
C MET D 138 3.72 -12.87 32.38
N VAL D 139 3.30 -11.78 31.71
CA VAL D 139 2.89 -10.56 32.41
C VAL D 139 1.56 -10.72 33.15
N VAL D 140 0.57 -11.37 32.49
CA VAL D 140 -0.68 -11.71 33.17
C VAL D 140 -0.41 -12.49 34.45
N ALA D 141 0.45 -13.49 34.38
CA ALA D 141 0.78 -14.32 35.54
C ALA D 141 1.44 -13.51 36.66
N LEU D 142 2.46 -12.74 36.34
CA LEU D 142 3.11 -12.04 37.44
C LEU D 142 2.20 -10.98 38.05
N LEU D 143 1.39 -10.31 37.24
CA LEU D 143 0.45 -9.31 37.79
C LEU D 143 -0.61 -9.97 38.65
N ALA D 144 -1.04 -11.16 38.23
CA ALA D 144 -2.05 -11.91 38.99
C ALA D 144 -1.51 -12.29 40.36
N VAL D 145 -0.26 -12.76 40.42
CA VAL D 145 0.35 -13.08 41.69
C VAL D 145 0.38 -11.85 42.59
N LEU D 146 0.78 -10.70 42.06
CA LEU D 146 0.83 -9.48 42.89
C LEU D 146 -0.57 -9.09 43.37
N LYS D 147 -1.55 -9.17 42.48
CA LYS D 147 -2.92 -8.81 42.81
C LYS D 147 -3.49 -9.69 43.92
N ALA D 148 -3.11 -10.96 43.91
CA ALA D 148 -3.53 -11.93 44.93
C ALA D 148 -2.78 -11.72 46.25
N GLY D 149 -1.84 -10.77 46.27
CA GLY D 149 -1.12 -10.44 47.49
C GLY D 149 0.19 -11.19 47.64
N GLY D 150 0.57 -12.00 46.65
CA GLY D 150 1.76 -12.81 46.76
C GLY D 150 2.96 -12.16 46.10
N GLY D 151 4.11 -12.84 46.14
CA GLY D 151 5.30 -12.41 45.42
C GLY D 151 5.63 -13.42 44.33
N TYR D 152 6.08 -12.94 43.18
CA TYR D 152 6.39 -13.85 42.07
C TYR D 152 7.88 -14.18 42.04
N THR D 153 8.24 -15.31 41.44
CA THR D 153 9.62 -15.50 41.03
C THR D 153 9.63 -16.02 39.59
N MET D 154 10.26 -15.26 38.70
CA MET D 154 10.29 -15.63 37.29
C MET D 154 11.27 -16.78 37.09
N LEU D 155 10.77 -17.89 36.57
CA LEU D 155 11.61 -19.04 36.29
C LEU D 155 11.90 -19.07 34.79
N ASP D 156 13.08 -18.59 34.40
CA ASP D 156 13.39 -18.34 33.01
C ASP D 156 13.55 -19.69 32.29
N PRO D 157 12.67 -19.98 31.32
CA PRO D 157 12.70 -21.32 30.70
C PRO D 157 13.96 -21.60 29.86
N GLN D 158 14.81 -20.61 29.65
CA GLN D 158 16.06 -20.87 28.95
C GLN D 158 17.02 -21.70 29.81
N PHE D 159 16.80 -21.74 31.11
CA PHE D 159 17.74 -22.46 31.99
C PHE D 159 17.33 -23.91 32.23
N PRO D 160 18.31 -24.79 32.50
CA PRO D 160 18.01 -26.20 32.75
C PRO D 160 17.07 -26.37 33.95
N VAL D 161 16.24 -27.41 33.91
CA VAL D 161 15.18 -27.53 34.90
C VAL D 161 15.74 -27.79 36.29
N GLU D 162 16.89 -28.45 36.35
CA GLU D 162 17.58 -28.69 37.61
C GLU D 162 17.86 -27.38 38.35
N ARG D 163 18.27 -26.35 37.61
CA ARG D 163 18.54 -25.06 38.22
CA ARG D 163 18.54 -25.06 38.22
C ARG D 163 17.25 -24.36 38.61
N LEU D 164 16.26 -24.42 37.73
CA LEU D 164 14.98 -23.78 38.04
C LEU D 164 14.36 -24.44 39.27
N ALA D 165 14.39 -25.77 39.34
CA ALA D 165 13.79 -26.49 40.46
C ALA D 165 14.49 -26.13 41.76
N LEU D 166 15.81 -26.06 41.71
CA LEU D 166 16.62 -25.70 42.86
C LEU D 166 16.28 -24.28 43.34
N SER D 167 16.14 -23.36 42.40
CA SER D 167 15.79 -21.98 42.76
C SER D 167 14.41 -21.95 43.39
N LEU D 168 13.46 -22.64 42.75
CA LEU D 168 12.09 -22.66 43.24
C LEU D 168 12.05 -23.25 44.64
N GLU D 169 12.81 -24.31 44.86
CA GLU D 169 12.87 -24.95 46.17
C GLU D 169 13.33 -23.98 47.27
N ASP D 170 14.28 -23.10 46.95
CA ASP D 170 14.75 -22.10 47.91
C ASP D 170 13.68 -21.08 48.32
N THR D 171 12.78 -20.74 47.40
CA THR D 171 11.74 -19.75 47.71
C THR D 171 10.69 -20.32 48.64
N GLY D 172 10.55 -21.64 48.66
CA GLY D 172 9.48 -22.29 49.39
C GLY D 172 8.11 -22.12 48.74
N ALA D 173 8.07 -21.59 47.53
CA ALA D 173 6.80 -21.37 46.82
C ALA D 173 5.97 -22.66 46.76
N PRO D 174 4.72 -22.61 47.24
CA PRO D 174 3.85 -23.79 47.21
C PRO D 174 3.09 -23.91 45.89
N LEU D 175 3.21 -22.90 45.02
CA LEU D 175 2.48 -22.86 43.75
C LEU D 175 3.38 -22.44 42.58
N LEU D 176 3.08 -23.01 41.41
CA LEU D 176 3.77 -22.72 40.16
C LEU D 176 2.73 -22.41 39.09
N VAL D 177 2.90 -21.29 38.38
CA VAL D 177 2.08 -20.98 37.22
C VAL D 177 2.88 -21.29 35.97
N THR D 178 2.31 -22.07 35.07
CA THR D 178 3.02 -22.42 33.84
C THR D 178 2.03 -22.61 32.69
N SER D 179 2.52 -23.09 31.56
CA SER D 179 1.72 -23.18 30.35
C SER D 179 1.59 -24.63 29.97
N ARG D 180 0.64 -24.94 29.09
CA ARG D 180 0.49 -26.32 28.65
C ARG D 180 1.74 -26.87 27.93
N PRO D 181 2.37 -26.07 27.03
CA PRO D 181 3.56 -26.65 26.37
C PRO D 181 4.75 -26.86 27.31
N LEU D 182 4.79 -26.12 28.42
CA LEU D 182 5.85 -26.28 29.41
C LEU D 182 5.50 -27.27 30.51
N SER D 183 4.34 -27.91 30.38
CA SER D 183 3.82 -28.78 31.43
C SER D 183 4.74 -29.98 31.65
N GLY D 184 4.94 -30.37 32.91
CA GLY D 184 5.71 -31.56 33.23
C GLY D 184 7.20 -31.37 33.32
N ARG D 185 7.69 -30.17 33.01
CA ARG D 185 9.12 -29.89 33.09
C ARG D 185 9.57 -29.67 34.53
N LEU D 186 8.81 -28.86 35.25
CA LEU D 186 8.99 -28.71 36.70
C LEU D 186 7.89 -29.48 37.40
N THR D 187 8.26 -30.38 38.30
CA THR D 187 7.30 -31.20 39.02
C THR D 187 7.43 -30.98 40.53
N GLY D 188 6.65 -31.71 41.32
CA GLY D 188 6.74 -31.59 42.77
C GLY D 188 6.40 -30.22 43.35
N THR D 189 5.65 -29.43 42.60
CA THR D 189 5.01 -28.23 43.13
C THR D 189 3.63 -28.14 42.50
N THR D 190 2.61 -27.91 43.33
CA THR D 190 1.25 -27.70 42.82
C THR D 190 1.25 -26.66 41.70
N THR D 191 0.63 -27.01 40.58
CA THR D 191 0.81 -26.24 39.36
C THR D 191 -0.51 -25.79 38.75
N LEU D 192 -0.62 -24.53 38.39
CA LEU D 192 -1.80 -24.11 37.64
C LEU D 192 -1.40 -23.59 36.28
N TYR D 193 -2.35 -23.62 35.35
CA TYR D 193 -2.08 -23.23 33.98
C TYR D 193 -2.61 -21.84 33.68
N VAL D 194 -1.80 -21.06 33.00
CA VAL D 194 -2.04 -19.62 32.89
C VAL D 194 -3.18 -19.36 31.91
N GLU D 195 -3.40 -20.32 31.01
CA GLU D 195 -4.36 -20.16 29.92
C GLU D 195 -5.74 -19.80 30.46
N ASP D 196 -6.25 -18.66 30.00
CA ASP D 196 -7.57 -18.15 30.42
C ASP D 196 -8.69 -18.99 29.82
N ALA D 204 -13.48 -10.90 37.79
CA ALA D 204 -12.67 -10.07 36.90
C ALA D 204 -12.50 -8.62 37.40
N GLY D 205 -12.95 -8.37 38.63
CA GLY D 205 -12.75 -7.06 39.27
C GLY D 205 -11.51 -7.09 40.13
N ASN D 206 -10.97 -5.93 40.48
CA ASN D 206 -9.74 -5.89 41.29
C ASN D 206 -9.97 -6.51 42.66
N LEU D 207 -8.92 -7.06 43.23
CA LEU D 207 -9.01 -7.72 44.53
C LEU D 207 -8.57 -6.77 45.65
N ALA D 208 -9.03 -7.03 46.87
CA ALA D 208 -8.56 -6.28 48.04
C ALA D 208 -8.06 -7.26 49.10
N THR D 209 -6.78 -7.62 49.01
CA THR D 209 -6.22 -8.70 49.83
C THR D 209 -5.54 -8.26 51.12
N GLY D 210 -5.34 -6.96 51.30
CA GLY D 210 -4.68 -6.46 52.50
C GLY D 210 -3.16 -6.40 52.37
N VAL D 211 -2.66 -6.64 51.17
CA VAL D 211 -1.23 -6.59 50.91
C VAL D 211 -0.70 -5.16 51.04
N GLY D 212 0.50 -4.99 51.60
CA GLY D 212 1.10 -3.68 51.76
C GLY D 212 2.44 -3.50 51.05
N PRO D 213 2.99 -2.28 51.10
CA PRO D 213 4.23 -1.96 50.38
C PRO D 213 5.48 -2.72 50.88
N GLU D 214 5.48 -3.14 52.16
CA GLU D 214 6.62 -3.90 52.69
C GLU D 214 6.49 -5.39 52.45
N ASP D 215 5.34 -5.81 51.93
CA ASP D 215 5.16 -7.22 51.55
C ASP D 215 6.01 -7.57 50.34
N VAL D 216 6.45 -8.83 50.27
CA VAL D 216 7.29 -9.30 49.17
C VAL D 216 6.58 -9.17 47.83
N ALA D 217 7.27 -8.60 46.85
CA ALA D 217 6.75 -8.52 45.50
C ALA D 217 7.42 -9.56 44.60
N CYS D 218 8.70 -9.80 44.84
CA CYS D 218 9.43 -10.73 43.97
C CYS D 218 10.65 -11.35 44.62
N VAL D 219 11.04 -12.50 44.08
CA VAL D 219 12.34 -13.09 44.39
C VAL D 219 13.10 -13.23 43.07
N MET D 220 14.32 -12.69 43.02
CA MET D 220 15.09 -12.67 41.78
C MET D 220 16.28 -13.62 41.87
N PHE D 221 16.56 -14.31 40.75
CA PHE D 221 17.75 -15.17 40.63
C PHE D 221 18.50 -14.77 39.38
N THR D 222 19.82 -14.71 39.45
CA THR D 222 20.59 -14.15 38.34
C THR D 222 20.58 -15.05 37.11
N SER D 223 20.65 -14.44 35.93
CA SER D 223 20.79 -15.20 34.69
C SER D 223 22.26 -15.43 34.33
N GLY D 224 23.17 -14.82 35.10
CA GLY D 224 24.59 -14.86 34.75
C GLY D 224 25.40 -16.01 35.33
N SER D 225 25.07 -16.43 36.54
CA SER D 225 25.86 -17.43 37.25
C SER D 225 25.27 -18.85 37.14
N THR D 226 26.16 -19.84 37.31
CA THR D 226 25.76 -21.24 37.47
C THR D 226 26.22 -21.74 38.84
N GLY D 227 26.40 -20.81 39.77
CA GLY D 227 26.74 -21.16 41.14
C GLY D 227 25.48 -21.42 41.94
N ARG D 228 25.64 -21.70 43.23
CA ARG D 228 24.50 -21.92 44.11
C ARG D 228 23.49 -20.79 44.01
N PRO D 229 22.19 -21.12 43.83
CA PRO D 229 21.16 -20.09 43.72
C PRO D 229 21.17 -19.14 44.91
N LYS D 230 20.95 -17.87 44.63
CA LYS D 230 20.86 -16.84 45.65
C LYS D 230 19.63 -16.02 45.31
N GLY D 231 18.54 -16.24 46.05
CA GLY D 231 17.28 -15.58 45.72
C GLY D 231 17.09 -14.26 46.45
N VAL D 232 17.15 -13.16 45.69
CA VAL D 232 16.99 -11.85 46.28
C VAL D 232 15.50 -11.54 46.45
N MET D 233 15.06 -11.40 47.70
CA MET D 233 13.64 -11.24 48.00
C MET D 233 13.34 -9.79 48.35
N SER D 234 12.56 -9.13 47.49
CA SER D 234 12.34 -7.68 47.59
C SER D 234 10.87 -7.29 47.70
N PRO D 235 10.58 -6.22 48.47
CA PRO D 235 9.20 -5.79 48.66
C PRO D 235 8.70 -4.88 47.54
N HIS D 236 7.38 -4.75 47.46
CA HIS D 236 6.73 -3.79 46.56
C HIS D 236 7.45 -2.44 46.52
N ARG D 237 7.74 -1.89 47.70
CA ARG D 237 8.31 -0.55 47.76
C ARG D 237 9.72 -0.43 47.17
N ALA D 238 10.45 -1.54 47.08
CA ALA D 238 11.76 -1.49 46.44
C ALA D 238 11.58 -1.32 44.93
N LEU D 239 10.51 -1.88 44.38
CA LEU D 239 10.22 -1.67 42.97
C LEU D 239 9.71 -0.25 42.74
N THR D 240 8.65 0.14 43.46
CA THR D 240 8.05 1.45 43.22
C THR D 240 9.05 2.58 43.53
N GLY D 241 9.94 2.34 44.47
CA GLY D 241 10.89 3.38 44.87
C GLY D 241 11.98 3.57 43.82
N THR D 242 12.11 2.62 42.92
CA THR D 242 13.15 2.66 41.88
C THR D 242 12.61 3.23 40.57
N TYR D 243 11.31 3.09 40.32
CA TYR D 243 10.72 3.49 39.03
C TYR D 243 9.81 4.72 39.13
N LEU D 244 9.36 5.06 40.34
CA LEU D 244 8.56 6.27 40.53
C LEU D 244 9.36 7.31 41.29
N GLY D 245 9.19 8.58 40.94
CA GLY D 245 9.83 9.65 41.68
C GLY D 245 11.28 9.77 41.27
N GLN D 246 11.60 9.23 40.08
CA GLN D 246 12.97 9.30 39.59
C GLN D 246 13.05 10.11 38.30
N ASP D 247 14.26 10.52 37.92
CA ASP D 247 14.40 11.42 36.77
C ASP D 247 15.45 10.95 35.76
N TYR D 248 15.89 9.69 35.85
CA TYR D 248 16.98 9.20 34.99
C TYR D 248 16.56 8.79 33.59
N ALA D 249 15.25 8.72 33.36
CA ALA D 249 14.71 8.53 32.01
C ALA D 249 13.35 9.21 31.93
N GLY D 250 12.71 9.16 30.78
CA GLY D 250 11.36 9.69 30.66
C GLY D 250 10.34 8.65 31.10
N PHE D 251 9.43 9.04 31.98
CA PHE D 251 8.34 8.14 32.43
C PHE D 251 7.00 8.80 32.15
N GLY D 252 6.12 8.11 31.43
CA GLY D 252 4.82 8.69 31.10
C GLY D 252 4.12 7.89 30.01
N PRO D 253 2.86 8.24 29.70
CA PRO D 253 2.04 7.44 28.78
C PRO D 253 2.57 7.47 27.35
N ASP D 254 3.40 8.45 27.01
CA ASP D 254 3.96 8.57 25.66
C ASP D 254 5.23 7.75 25.44
N GLU D 255 5.68 7.03 26.46
CA GLU D 255 6.91 6.27 26.36
C GLU D 255 6.63 4.88 25.79
N VAL D 256 7.64 4.31 25.15
CA VAL D 256 7.55 2.94 24.64
C VAL D 256 8.82 2.25 25.11
N PHE D 257 8.70 1.32 26.06
CA PHE D 257 9.87 0.62 26.57
C PHE D 257 9.98 -0.73 25.87
N LEU D 258 11.13 -1.38 26.05
CA LEU D 258 11.40 -2.66 25.41
C LEU D 258 11.88 -3.63 26.46
N GLN D 259 11.08 -4.67 26.70
CA GLN D 259 11.44 -5.67 27.69
C GLN D 259 12.28 -6.75 27.02
N CYS D 260 13.61 -6.57 27.04
CA CYS D 260 14.52 -7.52 26.43
C CYS D 260 15.54 -8.08 27.43
N SER D 261 15.72 -7.41 28.58
CA SER D 261 16.64 -7.92 29.59
C SER D 261 16.12 -9.21 30.21
N PRO D 262 17.04 -10.07 30.74
CA PRO D 262 16.66 -11.36 31.32
C PRO D 262 15.54 -11.21 32.36
N VAL D 263 14.56 -12.10 32.29
CA VAL D 263 13.34 -11.91 33.10
C VAL D 263 13.52 -12.19 34.58
N SER D 264 14.55 -12.97 34.96
CA SER D 264 14.60 -13.42 36.34
C SER D 264 15.48 -12.56 37.24
N TRP D 265 16.17 -11.56 36.68
CA TRP D 265 17.05 -10.70 37.51
C TRP D 265 16.48 -9.28 37.59
N ASP D 266 17.29 -8.30 37.98
CA ASP D 266 16.67 -7.04 38.40
C ASP D 266 16.56 -5.94 37.35
N ALA D 267 17.08 -6.17 36.14
CA ALA D 267 16.94 -5.17 35.08
C ALA D 267 15.53 -5.22 34.49
N PHE D 268 14.89 -6.38 34.66
CA PHE D 268 13.53 -6.65 34.20
C PHE D 268 12.50 -5.59 34.62
N GLY D 269 12.58 -5.16 35.88
CA GLY D 269 11.60 -4.22 36.43
C GLY D 269 11.45 -2.89 35.70
N LEU D 270 12.57 -2.26 35.37
CA LEU D 270 12.54 -0.95 34.70
C LEU D 270 11.78 -1.04 33.39
N GLU D 271 12.06 -2.09 32.61
CA GLU D 271 11.46 -2.23 31.30
C GLU D 271 9.96 -2.52 31.38
N LEU D 272 9.57 -3.36 32.34
CA LEU D 272 8.16 -3.72 32.47
C LEU D 272 7.37 -2.71 33.29
N PHE D 273 7.76 -2.53 34.56
CA PHE D 273 7.03 -1.63 35.45
C PHE D 273 7.27 -0.16 35.12
N GLY D 274 8.46 0.17 34.62
CA GLY D 274 8.74 1.52 34.19
C GLY D 274 7.74 2.02 33.18
N ALA D 275 7.22 1.08 32.38
CA ALA D 275 6.16 1.39 31.43
C ALA D 275 4.77 1.28 32.08
N LEU D 276 4.47 0.11 32.63
CA LEU D 276 3.09 -0.19 33.05
C LEU D 276 2.61 0.67 34.20
N LEU D 277 3.53 1.14 35.03
CA LEU D 277 3.13 1.96 36.17
C LEU D 277 2.84 3.38 35.73
N PHE D 278 3.17 3.69 34.48
CA PHE D 278 2.96 5.05 33.98
C PHE D 278 1.97 5.12 32.81
N GLY D 279 1.41 3.99 32.41
CA GLY D 279 0.42 3.98 31.34
C GLY D 279 1.07 3.93 29.96
N ALA D 280 2.36 3.63 29.93
CA ALA D 280 3.12 3.56 28.68
C ALA D 280 2.98 2.20 28.00
N ARG D 281 3.58 2.08 26.82
CA ARG D 281 3.65 0.83 26.10
C ARG D 281 4.93 0.04 26.46
N CYS D 282 4.79 -1.27 26.58
CA CYS D 282 5.92 -2.16 26.80
C CYS D 282 6.02 -3.20 25.67
N VAL D 283 7.08 -3.14 24.88
CA VAL D 283 7.29 -4.14 23.83
C VAL D 283 8.02 -5.35 24.42
N LEU D 284 7.44 -6.54 24.28
CA LEU D 284 8.09 -7.75 24.78
C LEU D 284 8.89 -8.38 23.65
N GLN D 285 10.19 -8.58 23.88
CA GLN D 285 11.02 -9.24 22.88
C GLN D 285 10.84 -10.77 22.90
N SER D 286 10.58 -11.38 21.74
CA SER D 286 10.61 -12.83 21.64
C SER D 286 12.00 -13.36 21.96
N GLY D 287 12.08 -14.50 22.65
CA GLY D 287 13.37 -15.05 23.03
C GLY D 287 13.79 -14.54 24.39
N GLN D 288 14.46 -15.38 25.16
CA GLN D 288 14.70 -15.06 26.57
C GLN D 288 15.93 -14.16 26.78
N ASN D 289 16.82 -14.08 25.80
CA ASN D 289 18.01 -13.23 25.92
C ASN D 289 17.93 -12.02 25.01
N PRO D 290 18.53 -10.89 25.44
CA PRO D 290 18.57 -9.72 24.56
C PRO D 290 19.15 -10.12 23.20
N ASP D 291 18.45 -9.76 22.13
CA ASP D 291 18.78 -10.18 20.78
C ASP D 291 19.03 -8.91 19.99
N PRO D 292 20.31 -8.57 19.77
CA PRO D 292 20.63 -7.24 19.23
C PRO D 292 19.92 -6.92 17.91
N LEU D 293 19.84 -7.88 17.00
CA LEU D 293 19.19 -7.60 15.71
C LEU D 293 17.67 -7.40 15.87
N GLU D 294 17.06 -8.21 16.72
CA GLU D 294 15.63 -8.07 16.97
C GLU D 294 15.33 -6.74 17.66
N ILE D 295 16.25 -6.30 18.52
CA ILE D 295 16.09 -5.01 19.19
C ILE D 295 16.00 -3.88 18.16
N GLY D 296 16.90 -3.90 17.19
CA GLY D 296 16.85 -2.94 16.09
C GLY D 296 15.50 -2.92 15.38
N GLU D 297 14.98 -4.11 15.06
CA GLU D 297 13.71 -4.21 14.36
C GLU D 297 12.56 -3.70 15.22
N LEU D 298 12.56 -4.08 16.50
CA LEU D 298 11.50 -3.67 17.41
C LEU D 298 11.50 -2.17 17.63
N VAL D 299 12.69 -1.58 17.72
CA VAL D 299 12.77 -0.13 17.93
C VAL D 299 12.10 0.59 16.76
N ALA D 300 12.46 0.20 15.53
CA ALA D 300 11.88 0.80 14.33
C ALA D 300 10.39 0.53 14.22
N ARG D 301 10.00 -0.71 14.52
CA ARG D 301 8.61 -1.12 14.36
C ARG D 301 7.68 -0.37 15.31
N HIS D 302 8.13 -0.17 16.54
CA HIS D 302 7.25 0.33 17.60
C HIS D 302 7.60 1.71 18.13
N GLY D 303 8.64 2.34 17.60
CA GLY D 303 9.06 3.64 18.10
C GLY D 303 9.46 3.62 19.56
N VAL D 304 10.29 2.63 19.92
CA VAL D 304 10.81 2.53 21.28
C VAL D 304 11.52 3.83 21.69
N THR D 305 11.22 4.30 22.91
CA THR D 305 11.74 5.59 23.36
C THR D 305 12.88 5.47 24.38
N MET D 306 13.02 4.31 24.99
CA MET D 306 14.09 4.10 25.98
C MET D 306 14.68 2.71 25.81
N LEU D 307 16.00 2.61 25.86
CA LEU D 307 16.69 1.32 25.84
C LEU D 307 17.57 1.16 27.07
N GLN D 308 17.48 0.00 27.72
CA GLN D 308 18.40 -0.34 28.80
C GLN D 308 19.24 -1.52 28.35
N LEU D 309 20.55 -1.35 28.33
CA LEU D 309 21.42 -2.32 27.68
C LEU D 309 22.66 -2.57 28.51
N SER D 310 23.07 -3.83 28.67
CA SER D 310 24.36 -4.10 29.30
C SER D 310 25.43 -3.46 28.42
N ALA D 311 26.56 -3.06 29.00
CA ALA D 311 27.56 -2.31 28.24
C ALA D 311 27.98 -3.04 26.95
N SER D 312 28.17 -4.34 27.03
CA SER D 312 28.61 -5.13 25.87
C SER D 312 27.60 -5.08 24.74
N LEU D 313 26.32 -5.09 25.10
CA LEU D 313 25.25 -5.07 24.13
C LEU D 313 25.15 -3.67 23.54
N PHE D 314 25.23 -2.68 24.41
CA PHE D 314 25.31 -1.28 24.00
C PHE D 314 26.40 -1.06 22.97
N ASN D 315 27.61 -1.52 23.28
CA ASN D 315 28.75 -1.32 22.38
C ASN D 315 28.52 -1.98 21.01
N PHE D 316 27.98 -3.19 21.04
CA PHE D 316 27.72 -3.88 19.78
C PHE D 316 26.68 -3.15 18.94
N LEU D 317 25.58 -2.73 19.56
CA LEU D 317 24.53 -2.01 18.86
C LEU D 317 25.08 -0.73 18.24
N VAL D 318 25.75 0.09 19.06
CA VAL D 318 26.40 1.29 18.56
C VAL D 318 27.28 1.05 17.32
N ASP D 319 28.10 -0.01 17.34
CA ASP D 319 29.02 -0.26 16.23
C ASP D 319 28.32 -0.94 15.02
N GLU D 320 27.36 -1.83 15.28
CA GLU D 320 26.86 -2.72 14.22
C GLU D 320 25.37 -2.59 13.91
N VAL D 321 24.60 -2.08 14.86
CA VAL D 321 23.15 -1.87 14.66
C VAL D 321 22.77 -0.43 15.02
N PRO D 322 23.35 0.56 14.32
CA PRO D 322 23.19 1.94 14.75
C PRO D 322 21.74 2.41 14.72
N GLU D 323 20.95 1.87 13.79
CA GLU D 323 19.55 2.25 13.67
C GLU D 323 18.71 1.82 14.86
N ALA D 324 19.26 0.96 15.71
CA ALA D 324 18.57 0.59 16.95
C ALA D 324 18.38 1.83 17.85
N PHE D 325 19.10 2.92 17.56
CA PHE D 325 18.97 4.13 18.37
C PHE D 325 18.14 5.23 17.71
N GLU D 326 17.72 4.99 16.47
CA GLU D 326 16.89 5.98 15.79
C GLU D 326 15.55 6.16 16.50
N GLY D 327 15.22 7.41 16.81
CA GLY D 327 13.98 7.72 17.48
C GLY D 327 14.03 7.57 18.99
N VAL D 328 15.09 6.95 19.49
CA VAL D 328 15.24 6.70 20.92
C VAL D 328 15.64 7.96 21.69
N ARG D 329 15.01 8.20 22.85
CA ARG D 329 15.29 9.39 23.65
C ARG D 329 16.36 9.18 24.71
N TYR D 330 16.29 8.03 25.39
CA TYR D 330 17.25 7.66 26.41
C TYR D 330 17.80 6.27 26.15
N ALA D 331 19.12 6.14 26.17
CA ALA D 331 19.74 4.81 26.23
C ALA D 331 20.64 4.80 27.45
N ILE D 332 20.58 3.71 28.21
CA ILE D 332 21.33 3.63 29.44
C ILE D 332 22.16 2.35 29.42
N THR D 333 23.46 2.51 29.58
CA THR D 333 24.39 1.39 29.65
C THR D 333 24.54 0.97 31.11
N GLY D 334 24.67 -0.33 31.37
CA GLY D 334 24.76 -0.80 32.74
C GLY D 334 25.41 -2.16 32.84
N GLY D 335 25.38 -2.73 34.05
CA GLY D 335 25.84 -4.09 34.28
C GLY D 335 27.34 -4.29 34.46
N GLU D 336 28.14 -3.44 33.80
CA GLU D 336 29.59 -3.57 33.76
C GLU D 336 30.14 -2.22 33.31
N PRO D 337 31.47 -1.98 33.46
CA PRO D 337 32.01 -0.67 33.09
C PRO D 337 31.68 -0.21 31.67
N ALA D 338 31.15 1.00 31.55
CA ALA D 338 30.80 1.60 30.27
C ALA D 338 32.03 1.87 29.42
N SER D 339 31.84 1.90 28.11
CA SER D 339 32.90 2.25 27.17
C SER D 339 32.72 3.69 26.73
N VAL D 340 33.59 4.58 27.21
CA VAL D 340 33.56 5.99 26.82
C VAL D 340 33.58 6.18 25.28
N PRO D 341 34.44 5.43 24.56
CA PRO D 341 34.43 5.58 23.10
C PRO D 341 33.08 5.25 22.43
N HIS D 342 32.40 4.23 22.91
CA HIS D 342 31.09 3.88 22.38
C HIS D 342 30.04 4.90 22.80
N VAL D 343 30.16 5.39 24.03
CA VAL D 343 29.27 6.46 24.48
C VAL D 343 29.49 7.71 23.62
N ALA D 344 30.76 8.03 23.36
CA ALA D 344 31.11 9.15 22.48
C ALA D 344 30.56 8.92 21.08
N LYS D 345 30.76 7.72 20.54
CA LYS D 345 30.29 7.37 19.21
C LYS D 345 28.77 7.52 19.11
N ALA D 346 28.05 6.99 20.10
CA ALA D 346 26.60 7.09 20.12
C ALA D 346 26.15 8.55 20.09
N ARG D 347 26.85 9.40 20.83
CA ARG D 347 26.52 10.82 20.92
C ARG D 347 26.70 11.49 19.57
N ARG D 348 27.78 11.14 18.88
CA ARG D 348 28.04 11.62 17.53
C ARG D 348 26.97 11.16 16.54
N ASP D 349 26.73 9.84 16.51
CA ASP D 349 25.83 9.26 15.53
C ASP D 349 24.36 9.64 15.77
N HIS D 350 24.00 9.87 17.03
CA HIS D 350 22.61 10.16 17.39
C HIS D 350 22.53 11.37 18.31
N PRO D 351 22.54 12.57 17.71
CA PRO D 351 22.65 13.84 18.44
C PRO D 351 21.44 14.11 19.33
N ALA D 352 20.33 13.44 19.03
CA ALA D 352 19.10 13.62 19.80
C ALA D 352 19.00 12.62 20.96
N LEU D 353 20.00 11.76 21.09
CA LEU D 353 19.99 10.69 22.10
C LEU D 353 20.59 11.15 23.44
N ARG D 354 19.86 10.91 24.53
CA ARG D 354 20.37 11.17 25.87
C ARG D 354 20.95 9.88 26.43
N LEU D 355 22.11 9.96 27.08
CA LEU D 355 22.83 8.75 27.50
C LEU D 355 23.04 8.74 29.01
N GLY D 356 22.93 7.56 29.60
CA GLY D 356 23.14 7.39 31.03
C GLY D 356 23.91 6.13 31.36
N ASN D 357 24.56 6.15 32.51
CA ASN D 357 25.27 4.99 33.04
C ASN D 357 24.55 4.61 34.34
N GLY D 358 23.97 3.42 34.40
CA GLY D 358 23.21 3.00 35.56
C GLY D 358 23.91 1.90 36.34
N TYR D 359 24.09 2.10 37.65
CA TYR D 359 24.85 1.17 38.49
C TYR D 359 24.03 0.61 39.64
N GLY D 360 24.24 -0.67 39.95
CA GLY D 360 23.76 -1.17 41.21
C GLY D 360 23.65 -2.67 41.29
N PRO D 361 23.61 -3.21 42.51
CA PRO D 361 23.35 -4.64 42.76
C PRO D 361 21.85 -4.91 42.84
N ALA D 362 21.43 -6.13 42.50
CA ALA D 362 20.01 -6.47 42.55
C ALA D 362 19.49 -6.27 43.96
N GLU D 363 20.39 -6.45 44.93
CA GLU D 363 20.07 -6.30 46.33
C GLU D 363 19.55 -4.91 46.70
N SER D 364 19.76 -3.94 45.81
CA SER D 364 19.31 -2.58 46.04
C SER D 364 18.37 -2.15 44.91
N MET D 365 18.06 -3.11 44.06
CA MET D 365 17.04 -3.01 42.99
C MET D 365 17.31 -2.04 41.83
N GLY D 366 17.53 -2.60 40.65
CA GLY D 366 17.79 -1.79 39.46
C GLY D 366 18.94 -0.82 39.67
N PHE D 367 18.74 0.43 39.30
CA PHE D 367 19.78 1.42 39.51
C PHE D 367 19.76 1.92 40.95
N THR D 368 20.92 1.90 41.60
CA THR D 368 21.06 2.59 42.90
C THR D 368 21.72 3.94 42.65
N THR D 369 22.63 3.99 41.67
CA THR D 369 23.20 5.27 41.25
C THR D 369 23.04 5.41 39.75
N HIS D 370 23.06 6.64 39.26
CA HIS D 370 22.95 6.88 37.83
C HIS D 370 23.71 8.14 37.48
N HIS D 371 24.37 8.13 36.32
CA HIS D 371 25.09 9.29 35.84
C HIS D 371 24.58 9.69 34.47
N ALA D 372 24.08 10.92 34.36
CA ALA D 372 23.65 11.42 33.06
C ALA D 372 24.88 11.92 32.32
N VAL D 373 25.11 11.41 31.13
CA VAL D 373 26.31 11.76 30.37
C VAL D 373 26.27 13.23 29.94
N VAL D 374 27.34 13.98 30.23
CA VAL D 374 27.47 15.35 29.77
C VAL D 374 28.72 15.49 28.90
N ALA D 375 28.80 16.58 28.14
CA ALA D 375 29.88 16.78 27.18
C ALA D 375 31.26 16.59 27.80
N GLY D 376 31.41 17.02 29.05
CA GLY D 376 32.67 16.90 29.75
C GLY D 376 33.15 15.48 30.01
N ASP D 377 32.21 14.53 30.04
CA ASP D 377 32.54 13.12 30.27
C ASP D 377 33.33 12.51 29.10
N LEU D 378 33.28 13.17 27.95
CA LEU D 378 33.96 12.67 26.77
C LEU D 378 35.45 13.00 26.83
N SER D 379 35.82 13.78 27.84
CA SER D 379 37.22 14.12 28.08
C SER D 379 37.84 13.18 29.12
N GLY D 380 37.07 12.19 29.56
CA GLY D 380 37.56 11.20 30.50
C GLY D 380 37.87 9.86 29.82
N THR D 381 38.43 8.93 30.59
CA THR D 381 38.72 7.59 30.09
C THR D 381 37.75 6.57 30.66
N ALA D 382 37.16 6.90 31.82
CA ALA D 382 36.07 6.11 32.38
C ALA D 382 34.82 6.97 32.55
N LEU D 383 33.67 6.31 32.58
CA LEU D 383 32.40 7.00 32.75
C LEU D 383 31.96 6.81 34.19
N PRO D 384 31.74 7.92 34.92
CA PRO D 384 31.31 7.86 36.32
C PRO D 384 30.00 7.08 36.47
N ILE D 385 29.72 6.56 37.66
CA ILE D 385 28.43 5.92 37.90
C ILE D 385 27.46 6.90 38.55
N GLY D 386 27.95 8.11 38.84
CA GLY D 386 27.06 9.21 39.19
C GLY D 386 26.68 9.35 40.65
N VAL D 387 25.40 9.61 40.88
CA VAL D 387 24.90 9.93 42.22
C VAL D 387 23.65 9.08 42.49
N PRO D 388 23.35 8.85 43.78
CA PRO D 388 22.23 7.94 44.12
C PRO D 388 20.88 8.44 43.60
N LEU D 389 20.00 7.50 43.28
CA LEU D 389 18.61 7.82 42.94
C LEU D 389 17.95 8.49 44.14
N ALA D 390 16.82 9.16 43.89
CA ALA D 390 16.10 9.77 45.00
C ALA D 390 15.63 8.65 45.92
N GLY D 391 15.78 8.85 47.23
CA GLY D 391 15.35 7.83 48.18
C GLY D 391 16.35 6.69 48.39
N LYS D 392 17.46 6.74 47.66
CA LYS D 392 18.53 5.76 47.84
C LYS D 392 19.81 6.45 48.31
N ARG D 393 20.72 5.67 48.87
CA ARG D 393 22.00 6.23 49.35
C ARG D 393 23.18 5.36 48.91
N ALA D 394 24.36 5.96 48.81
CA ALA D 394 25.57 5.20 48.51
C ALA D 394 26.73 5.80 49.30
N TYR D 395 27.43 4.97 50.08
CA TYR D 395 28.59 5.45 50.82
C TYR D 395 29.85 4.77 50.29
N VAL D 396 30.97 5.49 50.34
CA VAL D 396 32.26 4.90 50.09
C VAL D 396 32.98 4.87 51.45
N LEU D 397 33.15 3.67 52.00
CA LEU D 397 33.67 3.51 53.35
C LEU D 397 35.04 2.87 53.38
N ASP D 398 35.79 3.10 54.46
CA ASP D 398 37.09 2.46 54.66
C ASP D 398 36.95 1.18 55.48
N ASP D 399 38.07 0.68 55.98
CA ASP D 399 38.09 -0.53 56.81
C ASP D 399 37.27 -0.37 58.10
N ASP D 400 37.06 0.86 58.52
CA ASP D 400 36.41 1.13 59.81
C ASP D 400 35.00 1.70 59.68
N LEU D 401 34.41 1.50 58.50
CA LEU D 401 33.04 1.95 58.21
C LEU D 401 32.90 3.47 58.31
N LYS D 402 34.01 4.16 58.13
CA LYS D 402 34.04 5.62 58.07
C LYS D 402 34.12 6.03 56.62
N PRO D 403 33.44 7.13 56.26
CA PRO D 403 33.47 7.63 54.88
C PRO D 403 34.92 7.86 54.44
N ALA D 404 35.26 7.45 53.23
CA ALA D 404 36.63 7.67 52.73
C ALA D 404 36.82 9.14 52.35
N ALA D 405 38.04 9.66 52.50
CA ALA D 405 38.35 11.01 52.03
C ALA D 405 38.10 11.12 50.51
N ASN D 406 37.96 12.34 50.02
CA ASN D 406 37.70 12.56 48.60
C ASN D 406 38.78 11.95 47.73
N GLY D 407 38.38 11.20 46.70
CA GLY D 407 39.33 10.60 45.79
C GLY D 407 39.99 9.34 46.35
N ALA D 408 39.76 9.07 47.63
CA ALA D 408 40.34 7.89 48.25
C ALA D 408 39.56 6.63 47.90
N LEU D 409 40.28 5.59 47.52
CA LEU D 409 39.67 4.30 47.18
C LEU D 409 39.07 3.66 48.43
N GLY D 410 37.81 3.27 48.35
CA GLY D 410 37.13 2.64 49.46
C GLY D 410 36.14 1.64 48.92
N GLU D 411 35.25 1.13 49.77
CA GLU D 411 34.26 0.19 49.30
C GLU D 411 32.84 0.78 49.34
N LEU D 412 32.08 0.47 48.29
CA LEU D 412 30.72 0.97 48.12
C LEU D 412 29.71 0.22 48.97
N TYR D 413 28.95 0.98 49.77
CA TYR D 413 27.81 0.42 50.50
C TYR D 413 26.57 1.20 50.07
N VAL D 414 25.47 0.49 49.79
CA VAL D 414 24.26 1.17 49.32
C VAL D 414 23.09 0.94 50.27
N ALA D 415 22.14 1.86 50.27
CA ALA D 415 21.05 1.83 51.24
C ALA D 415 19.80 2.54 50.72
N GLY D 416 18.74 2.53 51.55
CA GLY D 416 17.51 3.22 51.19
C GLY D 416 16.43 2.33 50.57
N ALA D 417 15.60 2.94 49.74
CA ALA D 417 14.32 2.37 49.36
C ALA D 417 14.38 1.09 48.53
N GLY D 418 15.52 0.85 47.88
CA GLY D 418 15.65 -0.31 47.00
C GLY D 418 16.08 -1.59 47.68
N LEU D 419 16.44 -1.52 48.96
CA LEU D 419 17.04 -2.67 49.64
C LEU D 419 16.06 -3.85 49.72
N ALA D 420 16.55 -5.03 49.37
CA ALA D 420 15.76 -6.26 49.47
C ALA D 420 15.58 -6.61 50.94
N HIS D 421 14.60 -7.46 51.24
CA HIS D 421 14.50 -8.03 52.58
C HIS D 421 15.74 -8.90 52.87
N GLY D 422 16.26 -9.55 51.83
CA GLY D 422 17.46 -10.37 51.98
C GLY D 422 17.47 -11.54 50.99
N TYR D 423 18.23 -12.58 51.33
CA TYR D 423 18.32 -13.77 50.48
C TYR D 423 17.43 -14.88 51.05
N VAL D 424 16.37 -15.23 50.34
CA VAL D 424 15.41 -16.18 50.89
C VAL D 424 16.07 -17.51 51.25
N SER D 425 15.72 -18.05 52.41
CA SER D 425 16.31 -19.27 52.97
C SER D 425 17.81 -19.17 53.30
N ARG D 426 18.36 -17.97 53.24
CA ARG D 426 19.78 -17.79 53.55
C ARG D 426 20.03 -16.64 54.54
N PRO D 427 19.57 -16.78 55.79
CA PRO D 427 19.72 -15.72 56.80
C PRO D 427 21.17 -15.33 57.16
N ALA D 428 22.09 -16.30 57.25
CA ALA D 428 23.48 -15.96 57.54
C ALA D 428 24.10 -15.07 56.45
N LEU D 429 23.95 -15.48 55.20
CA LEU D 429 24.47 -14.73 54.06
C LEU D 429 23.84 -13.35 54.04
N THR D 430 22.56 -13.28 54.36
CA THR D 430 21.84 -12.01 54.43
C THR D 430 22.47 -11.09 55.48
N ALA D 431 22.64 -11.61 56.68
CA ALA D 431 23.12 -10.82 57.79
C ALA D 431 24.58 -10.39 57.66
N GLU D 432 25.31 -11.01 56.73
CA GLU D 432 26.71 -10.62 56.56
C GLU D 432 26.91 -9.64 55.40
N ARG D 433 25.86 -9.42 54.60
CA ARG D 433 25.93 -8.43 53.53
C ARG D 433 24.97 -7.26 53.73
N PHE D 434 23.80 -7.54 54.29
CA PHE D 434 22.82 -6.50 54.65
C PHE D 434 23.05 -6.13 56.10
N VAL D 435 23.90 -5.13 56.33
CA VAL D 435 24.34 -4.81 57.69
C VAL D 435 23.80 -3.48 58.20
N ALA D 436 23.91 -3.25 59.50
CA ALA D 436 23.42 -2.03 60.12
C ALA D 436 24.08 -0.79 59.51
N ASP D 437 23.27 0.24 59.26
CA ASP D 437 23.74 1.49 58.69
C ASP D 437 23.99 2.50 59.81
N PRO D 438 25.27 2.87 60.02
CA PRO D 438 25.59 3.79 61.12
C PRO D 438 25.35 5.25 60.77
N PHE D 439 24.77 5.53 59.62
CA PHE D 439 24.59 6.91 59.16
C PHE D 439 23.11 7.35 59.10
N ALA D 440 22.20 6.39 59.15
CA ALA D 440 20.77 6.69 59.10
C ALA D 440 20.27 7.32 60.41
N GLY D 441 19.03 7.81 60.38
CA GLY D 441 18.41 8.39 61.56
C GLY D 441 18.09 7.39 62.65
N PRO D 442 17.30 7.79 63.66
CA PRO D 442 16.95 7.03 64.88
C PRO D 442 16.55 5.59 64.61
N GLY D 443 15.92 5.34 63.47
CA GLY D 443 15.53 4.00 63.09
C GLY D 443 16.73 3.13 62.80
N GLY D 444 16.57 1.83 63.03
CA GLY D 444 17.58 0.89 62.61
C GLY D 444 17.39 0.65 61.12
N GLU D 445 18.30 1.17 60.31
CA GLU D 445 18.28 0.87 58.88
C GLU D 445 19.51 0.06 58.50
N ARG D 446 19.44 -0.57 57.33
CA ARG D 446 20.53 -1.37 56.82
C ARG D 446 21.23 -0.73 55.64
N MET D 447 22.45 -1.19 55.37
CA MET D 447 23.14 -0.87 54.13
C MET D 447 23.66 -2.18 53.55
N TYR D 448 23.74 -2.24 52.22
CA TYR D 448 24.26 -3.44 51.56
C TYR D 448 25.69 -3.28 51.10
N ARG D 449 26.55 -4.21 51.53
CA ARG D 449 27.96 -4.22 51.15
C ARG D 449 28.10 -4.78 49.72
N THR D 450 28.50 -3.93 48.78
CA THR D 450 28.48 -4.28 47.35
C THR D 450 29.64 -5.14 46.89
N GLY D 451 30.77 -5.03 47.57
CA GLY D 451 31.98 -5.71 47.13
C GLY D 451 32.70 -4.93 46.03
N ASP D 452 32.14 -3.77 45.68
CA ASP D 452 32.71 -2.92 44.64
C ASP D 452 33.61 -1.87 45.27
N LEU D 453 34.76 -1.63 44.65
CA LEU D 453 35.62 -0.53 45.07
C LEU D 453 35.24 0.71 44.28
N ALA D 454 35.29 1.87 44.92
CA ALA D 454 34.92 3.13 44.29
C ALA D 454 35.74 4.29 44.85
N ARG D 455 35.62 5.44 44.19
CA ARG D 455 36.14 6.71 44.71
C ARG D 455 35.00 7.69 44.64
N ARG D 456 34.93 8.60 45.60
CA ARG D 456 34.00 9.71 45.49
C ARG D 456 34.77 10.97 45.11
N ARG D 457 34.37 11.58 44.00
CA ARG D 457 34.98 12.83 43.56
C ARG D 457 34.63 13.92 44.55
N ALA D 458 35.38 15.02 44.52
CA ALA D 458 35.11 16.16 45.39
C ALA D 458 33.67 16.67 45.21
N ASP D 459 33.19 16.67 43.98
CA ASP D 459 31.81 17.10 43.70
C ASP D 459 30.76 16.06 44.11
N GLY D 460 31.21 14.94 44.65
CA GLY D 460 30.31 13.91 45.14
C GLY D 460 29.94 12.86 44.09
N VAL D 461 30.48 12.99 42.88
CA VAL D 461 30.22 11.97 41.85
C VAL D 461 31.03 10.70 42.09
N LEU D 462 30.37 9.56 41.96
CA LEU D 462 31.02 8.28 42.21
C LEU D 462 31.72 7.71 40.98
N GLU D 463 32.92 7.21 41.18
CA GLU D 463 33.68 6.55 40.14
C GLU D 463 33.84 5.08 40.51
N TYR D 464 33.43 4.21 39.59
CA TYR D 464 33.57 2.78 39.81
C TYR D 464 34.98 2.36 39.45
N VAL D 465 35.62 1.59 40.32
CA VAL D 465 36.97 1.11 40.07
C VAL D 465 37.01 -0.36 39.71
N GLY D 466 36.28 -1.17 40.47
CA GLY D 466 36.22 -2.59 40.20
C GLY D 466 36.06 -3.47 41.43
N ARG D 467 36.41 -4.76 41.27
CA ARG D 467 36.29 -5.74 42.33
C ARG D 467 37.64 -6.02 42.97
PG APC E . -21.43 -16.49 -23.64
O1G APC E . -21.48 -16.65 -25.14
O2G APC E . -22.69 -15.91 -23.06
O3G APC E . -20.92 -17.72 -22.95
PB APC E . -19.49 -14.37 -24.31
O1B APC E . -18.61 -15.22 -25.21
O2B APC E . -18.75 -13.44 -23.37
O3B APC E . -20.32 -15.34 -23.30
PA APC E . -20.06 -12.43 -26.57
O1A APC E . -19.56 -11.09 -26.10
O2A APC E . -19.12 -13.31 -27.37
C3A APC E . -20.73 -13.39 -25.18
O5' APC E . -21.34 -12.18 -27.51
C5' APC E . -22.17 -11.04 -27.33
C4' APC E . -23.61 -11.47 -27.09
O4' APC E . -24.34 -10.29 -26.74
C3' APC E . -24.32 -12.05 -28.31
O3' APC E . -24.22 -13.48 -28.36
C2' APC E . -25.76 -11.64 -28.09
O2' APC E . -26.40 -12.53 -27.17
C1' APC E . -25.60 -10.29 -27.42
N9 APC E . -25.54 -9.21 -28.44
C8 APC E . -24.45 -8.66 -28.97
N7 APC E . -24.78 -7.68 -29.87
C5 APC E . -26.14 -7.62 -29.90
C6 APC E . -27.15 -6.82 -30.59
N6 APC E . -26.81 -5.85 -31.48
N1 APC E . -28.46 -7.08 -30.31
C2 APC E . -28.83 -8.02 -29.43
N3 APC E . -27.96 -8.79 -28.75
C4 APC E . -26.63 -8.63 -28.93
O1 TLA F . -13.96 -21.38 -40.88
O11 TLA F . -12.13 -22.23 -41.66
C1 TLA F . -13.02 -21.36 -41.68
C2 TLA F . -12.95 -20.23 -42.68
O2 TLA F . -11.80 -20.41 -43.50
C3 TLA F . -12.84 -18.91 -41.92
O3 TLA F . -11.95 -19.11 -40.83
C4 TLA F . -12.31 -17.81 -42.79
O4 TLA F . -11.17 -17.34 -42.55
O41 TLA F . -13.02 -17.39 -43.73
CL CL G . 3.52 14.21 -42.49
PG APC H . -43.18 22.36 -19.14
O1G APC H . -43.98 21.66 -18.07
O2G APC H . -43.60 23.78 -19.39
O3G APC H . -43.03 21.54 -20.40
PB APC H . -41.15 22.33 -17.02
O1B APC H . -39.65 22.47 -17.07
O2B APC H . -41.92 23.30 -16.17
O3B APC H . -41.66 22.49 -18.56
PA APC H . -41.30 20.32 -14.72
O1A APC H . -39.85 19.98 -14.40
O2A APC H . -41.93 21.47 -13.97
C3A APC H . -41.50 20.62 -16.50
O5' APC H . -42.18 19.01 -14.43
C5' APC H . -41.65 17.70 -14.52
C4' APC H . -42.44 16.90 -15.56
O4' APC H . -41.73 15.69 -15.81
C3' APC H . -43.84 16.49 -15.14
O3' APC H . -44.85 17.43 -15.49
C2' APC H . -44.05 15.19 -15.91
O2' APC H . -44.45 15.44 -17.26
C1' APC H . -42.65 14.60 -15.89
N9 APC H . -42.46 13.78 -14.67
C8 APC H . -41.96 14.20 -13.48
N7 APC H . -41.92 13.18 -12.59
C5 APC H . -42.42 12.08 -13.21
C6 APC H . -42.65 10.67 -12.84
N6 APC H . -42.35 10.23 -11.61
N1 APC H . -43.19 9.86 -13.78
C2 APC H . -43.50 10.30 -15.02
N3 APC H . -43.29 11.57 -15.42
C4 APC H . -42.77 12.49 -14.58
O1 TLA I . -45.17 37.87 -22.54
O11 TLA I . -43.70 39.09 -21.46
C1 TLA I . -44.49 38.12 -21.52
C2 TLA I . -44.61 37.23 -20.31
O2 TLA I . -44.36 35.86 -20.69
C3 TLA I . -46.01 37.35 -19.72
O3 TLA I . -46.31 36.20 -18.93
C4 TLA I . -46.14 38.57 -18.86
O4 TLA I . -47.16 38.66 -18.17
O41 TLA I . -45.24 39.44 -18.86
O1 TLA J . -49.87 27.55 0.87
O11 TLA J . -51.05 25.71 0.86
C1 TLA J . -50.67 26.77 0.32
C2 TLA J . -51.20 27.12 -1.05
O2 TLA J . -50.21 27.90 -1.73
C3 TLA J . -52.52 27.89 -0.98
O3 TLA J . -52.53 28.77 0.15
C4 TLA J . -52.69 28.73 -2.21
O4 TLA J . -52.80 29.97 -2.11
O41 TLA J . -52.74 28.19 -3.31
PG APC K . 36.35 4.44 1.85
O1G APC K . 37.50 3.63 1.30
O2G APC K . 35.92 5.58 0.95
O3G APC K . 36.51 4.82 3.30
PB APC K . 35.13 1.84 1.54
O1B APC K . 33.72 1.35 1.71
O2B APC K . 35.78 1.66 0.18
O3B APC K . 35.08 3.44 1.85
PA APC K . 36.65 -0.69 2.39
O1A APC K . 35.59 -1.65 2.91
O2A APC K . 37.02 -0.73 0.91
C3A APC K . 36.15 1.02 2.81
O5' APC K . 38.07 -0.98 3.09
C5' APC K . 38.24 -1.53 4.38
C4' APC K . 38.94 -0.52 5.28
O4' APC K . 38.57 -0.87 6.61
C3' APC K . 40.46 -0.48 5.25
O3' APC K . 40.96 0.57 4.42
C2' APC K . 40.81 -0.19 6.70
O2' APC K . 40.65 1.20 6.99
C1' APC K . 39.71 -0.88 7.47
N9 APC K . 40.07 -2.29 7.71
C8 APC K . 39.72 -3.38 6.98
N7 APC K . 40.22 -4.52 7.53
C5 APC K . 40.90 -4.15 8.64
C6 APC K . 41.67 -4.83 9.71
N6 APC K . 41.84 -6.18 9.69
N1 APC K . 42.21 -4.07 10.69
C2 APC K . 42.07 -2.72 10.72
N3 APC K . 41.36 -2.03 9.80
C4 APC K . 40.77 -2.69 8.76
O1 TLA L . 46.93 -4.64 -14.32
O11 TLA L . 47.33 -3.68 -12.41
C1 TLA L . 47.31 -4.69 -13.13
C2 TLA L . 47.77 -6.00 -12.58
O2 TLA L . 48.00 -6.90 -13.67
C3 TLA L . 46.72 -6.60 -11.65
O3 TLA L . 45.41 -6.27 -12.14
C4 TLA L . 46.90 -8.09 -11.60
O4 TLA L . 46.10 -8.81 -12.22
O41 TLA L . 47.85 -8.55 -10.94
PG APC M . 28.03 -10.92 43.32
O1G APC M . 27.62 -9.57 43.85
O2G APC M . 29.22 -10.88 42.40
O3G APC M . 28.08 -11.98 44.39
PB APC M . 25.50 -10.61 41.95
O1B APC M . 24.74 -10.31 43.21
O2B APC M . 24.80 -11.52 40.95
O3B APC M . 26.84 -11.43 42.37
PA APC M . 24.67 -7.91 40.89
O1A APC M . 23.95 -8.20 39.59
O2A APC M . 23.86 -7.85 42.18
C3A APC M . 26.02 -9.09 41.10
O5' APC M . 25.36 -6.45 40.76
C5' APC M . 25.84 -5.98 39.51
C4' APC M . 27.35 -5.75 39.58
O4' APC M . 27.75 -5.38 38.27
C3' APC M . 27.81 -4.62 40.49
O3' APC M . 28.19 -5.06 41.80
C2' APC M . 29.02 -4.08 39.77
O2' APC M . 30.16 -4.90 40.08
C1' APC M . 28.68 -4.30 38.31
N9 APC M . 28.00 -3.13 37.70
C8 APC M . 26.67 -2.93 37.59
N7 APC M . 26.41 -1.76 36.94
C5 APC M . 27.61 -1.22 36.61
C6 APC M . 28.05 0.01 35.91
N6 APC M . 27.17 0.89 35.41
N1 APC M . 29.40 0.19 35.78
C2 APC M . 30.29 -0.70 36.26
N3 APC M . 29.94 -1.82 36.90
C4 APC M . 28.63 -2.12 37.10
O1 TLA N . 24.15 -21.93 55.53
O11 TLA N . 24.00 -22.99 53.61
C1 TLA N . 23.84 -21.97 54.33
C2 TLA N . 23.28 -20.72 53.71
O2 TLA N . 23.75 -20.67 52.38
C3 TLA N . 23.86 -19.51 54.42
O3 TLA N . 24.52 -18.70 53.44
C4 TLA N . 22.80 -18.69 55.07
O4 TLA N . 21.96 -19.22 55.85
O41 TLA N . 22.80 -17.48 54.81
O1 TLA O . 13.06 1.24 53.37
O11 TLA O . 14.51 2.83 52.97
C1 TLA O . 14.22 1.69 53.39
C2 TLA O . 15.35 0.84 53.94
O2 TLA O . 15.13 -0.52 53.56
C3 TLA O . 15.39 0.96 55.47
O3 TLA O . 14.07 0.97 55.99
C4 TLA O . 16.17 -0.17 56.10
O4 TLA O . 15.66 -0.81 57.04
O41 TLA O . 17.30 -0.41 55.67
#